data_6KN9
#
_entry.id   6KN9
#
_cell.length_a   163.160
_cell.length_b   163.160
_cell.length_c   64.145
_cell.angle_alpha   90.000
_cell.angle_beta   90.000
_cell.angle_gamma   120.000
#
_symmetry.space_group_name_H-M   'P 31'
#
loop_
_entity.id
_entity.type
_entity.pdbx_description
1 polymer 'Interleukin-18 receptor accessory protein'
2 polymer scFv
3 branched 2-acetamido-2-deoxy-beta-D-glucopyranose-(1-4)-2-acetamido-2-deoxy-beta-D-glucopyranose
4 non-polymer 2-acetamido-2-deoxy-beta-D-glucopyranose
#
loop_
_entity_poly.entity_id
_entity_poly.type
_entity_poly.pdbx_seq_one_letter_code
_entity_poly.pdbx_strand_id
1 'polypeptide(L)'
;FNISGCSTKKLLWTYSTRSEEEFVLFCDLPEPQKSHFCHRNRLSPKQVPEHLPFMGSNDLSDVQWYQQPSNGDPLEDIRK
SYPHIIQDKCTLHFLTPGVNNSGSYICRPKMIKSPYDVACCVKMILEVKPQTNASCEYSASHKQDLLLGSTGSISCPSLS
CQSDAQSPAVTWYKNGKLLSVERSNRIVVDEVYDYHQGTYVCDYTQSDTVSSWTVRAVVQVRTIVGDTKLKPDILDPVED
TLEVELGKPLTISCKARFGFERVFNPVIKWYIKDSDLEWEVSVPEAKSIKSTLKDEIIERNIILEKVTQRDLRRKFVCFV
QNSIGNTTQSVQLKEKR
;
A,B,C
2 'polypeptide(L)'
;GPLDPEVQLVESGGGLVQPGGSLRLSCAASGFNLYYSSMHWVRQAPGKGLEWVASIYSSYGYTYYADSVKGRFTISADTS
KNTAYLQMNSLRAEDTAVYYCARSSFSHGYGWYGLDYWGQGTLVTVSSSSGGGGSGGGGSGGGGSDIQMTQSPSSLSASV
GDRVTITCRASQSVSSAVAWYQQKPGKAPKLLIYSASSLYSGVPSRFSGSRSGTDFTLTISSLQPEDFATYYCQQYGYHY
AGLITFGQGTKVEIKRT
;
D,E,F
#
# COMPACT_ATOMS: atom_id res chain seq x y z
N LYS A 9 27.43 -32.34 -46.63
CA LYS A 9 26.92 -33.52 -45.92
C LYS A 9 25.50 -33.23 -45.46
N LYS A 10 24.54 -33.41 -46.39
CA LYS A 10 23.18 -32.94 -46.18
C LYS A 10 22.44 -33.75 -45.13
N LEU A 11 21.63 -33.05 -44.33
CA LEU A 11 20.67 -33.65 -43.41
C LEU A 11 19.37 -32.88 -43.52
N LEU A 12 18.25 -33.58 -43.32
CA LEU A 12 16.93 -32.98 -43.39
C LEU A 12 16.25 -33.07 -42.03
N TRP A 13 15.40 -32.08 -41.75
CA TRP A 13 14.46 -32.21 -40.63
C TRP A 13 13.30 -31.27 -40.83
N THR A 14 12.27 -31.51 -40.03
CA THR A 14 11.07 -30.70 -40.01
C THR A 14 10.79 -30.35 -38.56
N TYR A 15 10.06 -29.27 -38.36
CA TYR A 15 9.88 -28.70 -37.03
C TYR A 15 8.43 -28.24 -36.94
N SER A 16 7.65 -28.97 -36.15
CA SER A 16 6.26 -28.62 -35.91
C SER A 16 6.19 -27.73 -34.67
N THR A 17 5.61 -26.54 -34.82
CA THR A 17 5.45 -25.61 -33.70
C THR A 17 4.06 -25.80 -33.08
N ARG A 18 3.96 -25.62 -31.76
CA ARG A 18 2.62 -25.67 -31.15
C ARG A 18 2.26 -24.44 -30.32
N SER A 19 2.89 -24.31 -29.11
CA SER A 19 2.47 -23.26 -28.18
C SER A 19 3.61 -22.37 -27.68
N GLU A 20 4.76 -22.95 -27.33
CA GLU A 20 5.94 -22.16 -26.92
C GLU A 20 7.14 -23.07 -27.23
N GLU A 21 7.70 -22.91 -28.42
CA GLU A 21 8.69 -23.86 -28.89
C GLU A 21 9.98 -23.14 -29.26
N GLU A 22 11.01 -23.93 -29.46
CA GLU A 22 12.31 -23.46 -29.90
C GLU A 22 12.91 -24.58 -30.74
N PHE A 23 14.05 -24.30 -31.36
CA PHE A 23 14.66 -25.22 -32.29
C PHE A 23 16.13 -24.90 -32.40
N VAL A 24 16.93 -25.93 -32.67
CA VAL A 24 18.37 -25.78 -32.73
C VAL A 24 18.89 -26.55 -33.93
N LEU A 25 20.13 -26.22 -34.34
CA LEU A 25 20.83 -26.95 -35.39
C LEU A 25 22.28 -27.18 -34.99
N PHE A 26 22.78 -28.38 -35.28
CA PHE A 26 24.17 -28.74 -35.02
C PHE A 26 24.95 -28.88 -36.32
N CYS A 27 26.25 -28.59 -36.23
CA CYS A 27 27.21 -28.80 -37.32
C CYS A 27 27.58 -30.29 -37.37
N ASP A 28 26.66 -31.10 -37.88
CA ASP A 28 26.92 -32.53 -37.83
C ASP A 28 28.07 -32.97 -38.74
N LEU A 29 28.60 -32.10 -39.60
CA LEU A 29 29.78 -32.46 -40.37
C LEU A 29 30.92 -32.66 -39.38
N PRO A 30 31.83 -33.66 -39.60
CA PRO A 30 32.84 -33.94 -38.58
C PRO A 30 33.56 -32.69 -38.09
N GLU A 31 33.25 -32.28 -36.84
CA GLU A 31 33.73 -31.22 -35.95
C GLU A 31 34.88 -31.71 -35.09
N PRO A 32 35.91 -30.86 -34.84
CA PRO A 32 37.16 -31.13 -34.10
C PRO A 32 37.03 -32.16 -32.98
N GLU A 76 20.68 -20.34 -46.79
CA GLU A 76 20.24 -19.18 -46.02
C GLU A 76 20.91 -18.96 -44.67
N ASP A 77 22.19 -19.36 -44.59
CA ASP A 77 23.18 -18.80 -43.66
C ASP A 77 24.56 -19.41 -43.91
N ILE A 78 25.61 -18.85 -43.30
CA ILE A 78 26.93 -19.47 -43.33
C ILE A 78 27.63 -19.17 -42.02
N LYS A 80 26.10 -15.31 -41.86
CA LYS A 80 25.08 -14.33 -42.21
C LYS A 80 23.92 -14.31 -41.22
N SER A 81 24.23 -14.33 -39.91
CA SER A 81 23.17 -14.40 -38.90
C SER A 81 22.42 -13.07 -38.91
N TYR A 82 21.56 -12.92 -39.91
CA TYR A 82 20.78 -11.72 -40.20
C TYR A 82 19.47 -11.70 -39.43
N PRO A 83 18.69 -12.81 -39.36
CA PRO A 83 17.47 -12.80 -38.55
C PRO A 83 17.70 -13.05 -37.07
N HIS A 84 16.60 -13.27 -36.33
CA HIS A 84 16.57 -13.45 -34.88
C HIS A 84 17.09 -14.83 -34.45
N ILE A 85 17.79 -15.54 -35.34
CA ILE A 85 18.36 -16.84 -35.02
C ILE A 85 19.76 -16.65 -34.45
N ILE A 86 19.99 -17.23 -33.29
CA ILE A 86 21.22 -17.00 -32.54
C ILE A 86 22.19 -18.14 -32.80
N GLN A 87 23.46 -17.79 -32.97
CA GLN A 87 24.52 -18.78 -32.99
C GLN A 87 25.42 -18.57 -31.77
N ASP A 88 25.77 -19.69 -31.12
CA ASP A 88 26.71 -19.71 -29.98
C ASP A 88 28.09 -20.17 -30.45
N LYS A 89 28.20 -21.44 -30.86
CA LYS A 89 29.26 -21.96 -31.72
C LYS A 89 28.79 -23.34 -32.15
N CYS A 90 29.01 -23.69 -33.40
CA CYS A 90 28.66 -25.02 -33.90
C CYS A 90 27.16 -25.29 -33.73
N THR A 91 26.39 -24.33 -33.19
CA THR A 91 24.99 -24.57 -32.85
C THR A 91 24.20 -23.29 -33.04
N LEU A 92 23.22 -23.30 -33.93
CA LEU A 92 22.33 -22.17 -34.12
C LEU A 92 21.03 -22.44 -33.39
N HIS A 93 20.35 -21.37 -32.99
CA HIS A 93 19.20 -21.42 -32.09
C HIS A 93 18.05 -20.68 -32.73
N PHE A 94 16.92 -21.35 -32.91
CA PHE A 94 15.76 -20.77 -33.59
C PHE A 94 14.61 -20.47 -32.62
N LEU A 95 14.23 -19.19 -32.54
CA LEU A 95 13.03 -18.76 -31.80
C LEU A 95 11.83 -18.61 -32.75
N THR A 96 11.35 -19.75 -33.26
CA THR A 96 10.24 -19.83 -34.25
C THR A 96 10.45 -18.86 -35.43
N ASN A 100 6.07 -20.02 -39.66
CA ASN A 100 5.79 -20.86 -40.82
C ASN A 100 6.86 -20.66 -41.89
N ASN A 101 8.06 -20.35 -41.42
CA ASN A 101 9.23 -20.14 -42.27
C ASN A 101 9.94 -21.44 -42.61
N SER A 102 11.22 -21.29 -42.93
CA SER A 102 12.20 -22.33 -43.25
C SER A 102 13.49 -21.88 -42.60
N GLY A 103 14.64 -22.14 -43.23
CA GLY A 103 15.91 -21.83 -42.59
C GLY A 103 16.98 -22.88 -42.81
N SER A 104 16.95 -23.48 -44.04
CA SER A 104 17.92 -24.46 -44.54
C SER A 104 19.31 -23.87 -44.80
N TYR A 105 20.17 -23.92 -43.77
CA TYR A 105 21.51 -23.32 -43.73
C TYR A 105 22.64 -24.35 -43.90
N ILE A 106 23.88 -23.84 -43.92
CA ILE A 106 25.09 -24.64 -44.06
C ILE A 106 26.20 -23.96 -43.27
N CYS A 107 27.11 -24.74 -42.69
CA CYS A 107 28.24 -24.15 -41.96
C CYS A 107 29.52 -24.94 -42.16
N ARG A 108 30.64 -24.21 -42.16
CA ARG A 108 31.98 -24.76 -42.39
C ARG A 108 33.04 -24.07 -41.51
N CYS A 120 34.17 -30.85 -46.08
CA CYS A 120 33.67 -31.03 -44.72
C CYS A 120 32.58 -30.00 -44.35
N CYS A 121 31.67 -29.74 -45.29
CA CYS A 121 30.56 -28.83 -45.06
C CYS A 121 29.33 -29.62 -44.65
N VAL A 122 28.45 -28.98 -43.90
CA VAL A 122 27.23 -29.61 -43.42
C VAL A 122 26.06 -28.76 -43.87
N LYS A 123 25.21 -29.29 -44.75
CA LYS A 123 24.04 -28.55 -45.19
C LYS A 123 22.82 -29.09 -44.45
N MET A 124 22.09 -28.21 -43.78
CA MET A 124 20.83 -28.53 -43.14
C MET A 124 19.70 -28.05 -44.03
N ILE A 125 18.64 -28.83 -44.12
CA ILE A 125 17.48 -28.49 -44.95
C ILE A 125 16.25 -28.65 -44.06
N LEU A 126 15.80 -27.55 -43.48
CA LEU A 126 14.70 -27.53 -42.53
C LEU A 126 13.41 -27.08 -43.21
N GLU A 127 12.31 -27.66 -42.76
CA GLU A 127 10.97 -27.26 -43.18
C GLU A 127 10.15 -27.05 -41.90
N VAL A 128 10.00 -25.79 -41.49
CA VAL A 128 9.13 -25.48 -40.37
C VAL A 128 7.67 -25.51 -40.84
N LYS A 129 6.82 -26.22 -40.08
CA LYS A 129 5.44 -26.48 -40.46
C LYS A 129 4.53 -26.56 -39.26
N PRO A 130 3.68 -25.56 -39.01
CA PRO A 130 2.80 -25.59 -37.82
C PRO A 130 1.95 -26.85 -37.70
N GLN A 131 1.67 -27.23 -36.45
CA GLN A 131 0.94 -28.44 -36.10
C GLN A 131 -0.56 -28.21 -36.22
N THR A 132 -1.31 -29.30 -36.41
CA THR A 132 -2.74 -29.13 -36.62
C THR A 132 -3.65 -30.08 -35.82
N ASN A 133 -3.22 -31.30 -35.51
CA ASN A 133 -4.14 -32.24 -34.86
C ASN A 133 -4.22 -32.02 -33.35
N ALA A 134 -3.08 -32.12 -32.65
CA ALA A 134 -3.05 -31.90 -31.21
C ALA A 134 -3.52 -30.50 -30.81
N SER A 139 -0.13 -35.31 -22.36
CA SER A 139 0.99 -34.96 -23.22
C SER A 139 1.97 -34.01 -22.53
N ALA A 140 3.23 -34.44 -22.40
CA ALA A 140 4.29 -33.61 -21.83
C ALA A 140 4.80 -32.58 -22.83
N SER A 141 4.98 -31.35 -22.35
CA SER A 141 5.25 -30.16 -23.14
C SER A 141 6.74 -29.85 -23.19
N HIS A 142 7.09 -28.71 -23.78
CA HIS A 142 8.48 -28.34 -24.02
C HIS A 142 9.13 -27.65 -22.83
N LYS A 143 8.39 -27.45 -21.75
CA LYS A 143 8.91 -26.98 -20.48
C LYS A 143 8.61 -28.08 -19.47
N GLN A 144 9.64 -28.85 -19.10
CA GLN A 144 9.53 -29.97 -18.16
C GLN A 144 10.50 -29.76 -17.01
N ASP A 145 10.03 -30.05 -15.79
CA ASP A 145 10.82 -29.86 -14.59
C ASP A 145 11.31 -31.20 -14.05
N LEU A 146 12.59 -31.25 -13.67
CA LEU A 146 13.19 -32.38 -12.96
C LEU A 146 13.55 -31.94 -11.54
N LEU A 147 13.00 -32.64 -10.55
CA LEU A 147 13.34 -32.41 -9.14
C LEU A 147 14.73 -32.98 -8.83
N LEU A 148 15.70 -32.11 -8.55
CA LEU A 148 17.08 -32.56 -8.37
C LEU A 148 17.31 -33.16 -7.00
N GLY A 149 18.21 -34.13 -6.96
CA GLY A 149 18.28 -35.12 -5.90
C GLY A 149 17.57 -36.41 -6.33
N SER A 150 16.27 -36.34 -6.60
CA SER A 150 15.46 -37.51 -6.93
C SER A 150 15.66 -38.00 -8.37
N THR A 151 14.76 -38.87 -8.83
CA THR A 151 14.68 -39.35 -10.20
C THR A 151 13.73 -38.50 -11.04
N GLY A 152 13.80 -38.69 -12.35
CA GLY A 152 12.84 -38.01 -13.21
C GLY A 152 12.96 -38.53 -14.63
N SER A 153 12.09 -38.01 -15.48
CA SER A 153 12.11 -38.40 -16.89
C SER A 153 11.65 -37.24 -17.75
N ILE A 154 12.18 -37.18 -18.96
CA ILE A 154 11.87 -36.11 -19.90
C ILE A 154 11.20 -36.74 -21.11
N SER A 155 9.92 -36.42 -21.33
CA SER A 155 9.25 -37.01 -22.46
C SER A 155 9.67 -36.31 -23.74
N CYS A 156 9.54 -37.01 -24.86
CA CYS A 156 9.73 -36.39 -26.16
C CYS A 156 8.42 -35.79 -26.56
N PRO A 157 8.28 -34.45 -26.54
CA PRO A 157 6.98 -33.82 -26.83
C PRO A 157 6.34 -34.34 -28.10
N SER A 158 7.15 -34.54 -29.14
CA SER A 158 6.66 -35.03 -30.42
C SER A 158 5.81 -36.29 -30.24
N LEU A 159 6.42 -37.33 -29.68
CA LEU A 159 5.80 -38.64 -29.57
C LEU A 159 4.85 -38.76 -28.39
N SER A 160 3.87 -37.87 -28.27
CA SER A 160 2.85 -38.09 -27.25
C SER A 160 1.65 -38.80 -27.85
N SER A 167 7.03 -46.78 -30.34
CA SER A 167 7.98 -45.67 -30.43
C SER A 167 9.14 -46.02 -31.37
N PRO A 168 9.61 -45.04 -32.14
CA PRO A 168 10.79 -45.26 -32.98
C PRO A 168 12.05 -44.94 -32.20
N ALA A 169 13.23 -45.11 -32.79
CA ALA A 169 14.48 -44.83 -32.10
C ALA A 169 14.65 -43.32 -31.91
N VAL A 170 14.50 -42.83 -30.68
CA VAL A 170 14.65 -41.40 -30.39
C VAL A 170 16.08 -41.16 -29.91
N THR A 171 16.76 -40.21 -30.53
CA THR A 171 18.11 -39.84 -30.14
C THR A 171 18.10 -38.55 -29.34
N TRP A 172 18.67 -38.57 -28.14
CA TRP A 172 18.60 -37.43 -27.26
C TRP A 172 19.95 -36.75 -27.26
N TYR A 173 19.91 -35.42 -27.32
CA TYR A 173 21.06 -34.56 -27.15
C TYR A 173 20.78 -33.62 -25.99
N LYS A 174 21.78 -33.44 -25.14
CA LYS A 174 21.73 -32.45 -24.06
C LYS A 174 22.73 -31.37 -24.42
N ASN A 175 22.22 -30.20 -24.76
CA ASN A 175 23.04 -29.05 -25.09
C ASN A 175 24.11 -29.42 -26.12
N GLY A 176 23.70 -30.18 -27.14
CA GLY A 176 24.55 -30.54 -28.24
C GLY A 176 25.26 -31.87 -28.11
N LYS A 177 25.39 -32.39 -26.89
CA LYS A 177 26.04 -33.67 -26.67
C LYS A 177 25.02 -34.81 -26.65
N LEU A 178 25.46 -35.96 -27.14
CA LEU A 178 24.63 -37.14 -27.32
C LEU A 178 24.35 -37.88 -26.01
N LEU A 179 23.08 -38.18 -25.74
CA LEU A 179 22.72 -38.85 -24.51
C LEU A 179 22.33 -40.31 -24.69
N SER A 180 21.27 -40.58 -25.48
CA SER A 180 20.77 -41.93 -25.69
C SER A 180 20.23 -42.03 -27.11
N VAL A 181 20.04 -43.27 -27.57
CA VAL A 181 19.42 -43.56 -28.85
C VAL A 181 18.33 -44.63 -28.70
N GLU A 182 17.60 -44.61 -27.59
CA GLU A 182 16.69 -45.70 -27.24
C GLU A 182 15.31 -45.59 -27.90
N ARG A 183 14.70 -46.74 -28.19
CA ARG A 183 13.38 -46.77 -28.82
C ARG A 183 12.27 -46.51 -27.80
N SER A 184 12.24 -45.29 -27.29
CA SER A 184 11.12 -44.97 -26.44
C SER A 184 10.99 -43.45 -26.40
N ASN A 185 9.78 -43.00 -26.05
CA ASN A 185 9.51 -41.57 -26.08
C ASN A 185 9.76 -40.91 -24.75
N ARG A 186 10.77 -41.38 -24.03
CA ARG A 186 11.08 -40.80 -22.74
C ARG A 186 12.44 -41.28 -22.26
N ILE A 187 13.30 -40.34 -21.93
CA ILE A 187 14.57 -40.64 -21.31
C ILE A 187 14.37 -40.52 -19.81
N VAL A 188 14.92 -41.48 -19.07
CA VAL A 188 14.77 -41.49 -17.63
C VAL A 188 16.11 -41.10 -17.06
N VAL A 189 16.06 -40.46 -15.90
CA VAL A 189 17.22 -39.90 -15.23
C VAL A 189 17.11 -40.34 -13.79
N ASP A 190 18.16 -41.03 -13.30
CA ASP A 190 18.09 -41.65 -11.98
C ASP A 190 18.44 -40.67 -10.86
N GLU A 191 19.55 -39.96 -10.96
CA GLU A 191 19.89 -39.02 -9.88
C GLU A 191 20.06 -37.66 -10.53
N VAL A 192 19.02 -36.85 -10.42
CA VAL A 192 19.00 -35.53 -11.04
C VAL A 192 20.03 -34.66 -10.34
N TYR A 193 21.04 -34.24 -11.07
CA TYR A 193 22.04 -33.31 -10.57
C TYR A 193 21.80 -31.95 -11.18
N ASP A 194 22.65 -31.00 -10.77
CA ASP A 194 22.49 -29.63 -11.23
C ASP A 194 22.64 -29.54 -12.75
N TYR A 195 23.58 -30.31 -13.32
CA TYR A 195 23.84 -30.25 -14.76
C TYR A 195 22.75 -30.90 -15.62
N HIS A 196 21.72 -31.48 -15.03
CA HIS A 196 20.65 -32.00 -15.86
C HIS A 196 19.75 -30.91 -16.40
N GLN A 197 20.01 -29.66 -16.07
CA GLN A 197 19.27 -28.58 -16.71
C GLN A 197 19.82 -28.39 -18.11
N GLY A 198 18.99 -27.83 -18.95
CA GLY A 198 19.44 -27.49 -20.27
C GLY A 198 18.32 -27.61 -21.27
N THR A 199 18.72 -27.55 -22.53
CA THR A 199 17.83 -27.82 -23.63
C THR A 199 18.18 -29.20 -24.16
N TYR A 200 17.16 -30.04 -24.29
CA TYR A 200 17.31 -31.40 -24.78
C TYR A 200 16.67 -31.48 -26.15
N VAL A 201 17.32 -32.20 -27.05
CA VAL A 201 16.85 -32.39 -28.42
C VAL A 201 16.50 -33.86 -28.59
N CYS A 202 15.26 -34.17 -29.00
CA CYS A 202 14.92 -35.56 -29.27
C CYS A 202 14.66 -35.69 -30.77
N ASP A 203 15.62 -36.32 -31.48
CA ASP A 203 15.56 -36.59 -32.91
C ASP A 203 15.08 -38.01 -33.14
N TYR A 204 14.20 -38.18 -34.13
CA TYR A 204 13.92 -39.49 -34.67
C TYR A 204 13.58 -39.37 -36.14
N THR A 205 14.10 -40.28 -36.96
CA THR A 205 13.89 -40.23 -38.39
C THR A 205 12.50 -40.67 -38.79
N GLN A 206 12.06 -40.20 -39.94
CA GLN A 206 10.77 -40.60 -40.44
C GLN A 206 10.83 -40.72 -41.95
N SER A 207 10.40 -41.87 -42.47
CA SER A 207 10.26 -42.09 -43.90
C SER A 207 8.77 -42.06 -44.23
N ASP A 208 8.46 -41.52 -45.41
CA ASP A 208 7.11 -41.55 -45.98
C ASP A 208 7.16 -42.29 -47.31
N THR A 209 6.14 -42.12 -48.15
CA THR A 209 6.29 -42.36 -49.58
C THR A 209 7.60 -41.75 -50.05
N VAL A 210 8.50 -42.59 -50.58
CA VAL A 210 9.87 -42.63 -50.08
C VAL A 210 10.55 -41.27 -49.95
N SER A 211 10.81 -40.87 -48.70
CA SER A 211 11.55 -39.66 -48.33
C SER A 211 11.92 -39.79 -46.86
N SER A 212 13.20 -39.67 -46.51
CA SER A 212 13.67 -39.83 -45.12
C SER A 212 14.16 -38.51 -44.53
N TRP A 213 13.32 -37.88 -43.72
CA TRP A 213 13.64 -36.67 -42.98
C TRP A 213 13.92 -37.05 -41.51
N THR A 214 14.19 -36.06 -40.67
CA THR A 214 14.35 -36.28 -39.24
C THR A 214 13.44 -35.31 -38.48
N VAL A 215 12.74 -35.77 -37.45
CA VAL A 215 11.89 -34.89 -36.65
C VAL A 215 12.67 -34.39 -35.45
N ARG A 216 12.86 -33.08 -35.34
CA ARG A 216 13.54 -32.48 -34.20
C ARG A 216 12.57 -31.58 -33.43
N ALA A 217 12.53 -31.76 -32.11
CA ALA A 217 11.82 -30.95 -31.13
C ALA A 217 12.79 -30.63 -30.00
N VAL A 218 12.68 -29.43 -29.43
CA VAL A 218 13.58 -29.01 -28.36
C VAL A 218 12.76 -28.84 -27.10
N VAL A 219 13.19 -29.48 -26.03
CA VAL A 219 12.51 -29.39 -24.76
C VAL A 219 13.51 -28.79 -23.78
N GLN A 220 13.07 -27.77 -23.04
CA GLN A 220 13.88 -27.10 -22.05
C GLN A 220 13.51 -27.67 -20.69
N VAL A 221 14.54 -28.10 -19.95
CA VAL A 221 14.42 -28.86 -18.72
C VAL A 221 15.08 -28.07 -17.59
N ARG A 222 14.38 -27.92 -16.48
CA ARG A 222 14.89 -27.13 -15.36
C ARG A 222 15.12 -28.02 -14.14
N THR A 223 16.26 -27.83 -13.45
CA THR A 223 16.50 -28.54 -12.20
C THR A 223 15.99 -27.67 -11.05
N ILE A 224 14.73 -27.90 -10.67
CA ILE A 224 14.09 -27.11 -9.64
C ILE A 224 14.32 -27.80 -8.30
N VAL A 225 14.51 -26.97 -7.26
CA VAL A 225 14.74 -27.38 -5.88
C VAL A 225 13.41 -27.49 -5.15
N GLY A 226 13.23 -28.57 -4.39
CA GLY A 226 12.00 -28.80 -3.66
C GLY A 226 12.12 -29.49 -2.32
N ASP A 227 11.56 -28.86 -1.28
CA ASP A 227 11.65 -29.34 0.11
C ASP A 227 11.01 -30.71 0.30
N THR A 228 11.49 -31.50 1.28
CA THR A 228 10.86 -32.82 1.42
C THR A 228 9.50 -32.77 2.09
N LYS A 229 8.75 -33.84 1.83
CA LYS A 229 7.45 -34.12 2.40
C LYS A 229 7.55 -35.14 3.52
N LEU A 230 8.76 -35.32 4.06
CA LEU A 230 9.13 -36.46 4.89
C LEU A 230 9.78 -36.05 6.23
N LYS A 231 9.36 -36.72 7.32
CA LYS A 231 10.03 -36.69 8.61
C LYS A 231 11.47 -37.20 8.50
N PRO A 232 12.34 -36.85 9.43
CA PRO A 232 13.67 -37.47 9.46
C PRO A 232 13.58 -38.94 9.83
N ASP A 233 14.46 -39.73 9.24
CA ASP A 233 14.47 -41.18 9.44
C ASP A 233 15.68 -41.51 10.30
N ILE A 234 15.46 -42.19 11.43
CA ILE A 234 16.57 -42.58 12.30
C ILE A 234 17.10 -43.93 11.87
N LEU A 235 18.37 -43.97 11.44
CA LEU A 235 18.96 -45.20 10.94
C LEU A 235 19.77 -45.97 11.96
N ASP A 236 20.12 -45.34 13.10
CA ASP A 236 20.95 -45.91 14.14
C ASP A 236 20.61 -45.06 15.35
N PRO A 237 20.21 -45.63 16.49
CA PRO A 237 20.10 -47.04 16.83
C PRO A 237 18.76 -47.55 16.37
N VAL A 238 18.68 -48.75 15.85
CA VAL A 238 17.41 -49.30 15.39
C VAL A 238 16.81 -50.23 16.45
N GLU A 239 17.64 -50.76 17.34
CA GLU A 239 17.21 -51.69 18.37
C GLU A 239 16.70 -50.98 19.61
N ASP A 240 15.68 -51.57 20.23
CA ASP A 240 15.13 -51.03 21.47
C ASP A 240 16.12 -51.12 22.60
N THR A 241 16.97 -52.14 22.60
CA THR A 241 17.81 -52.43 23.76
C THR A 241 19.26 -52.56 23.38
N LEU A 242 20.12 -52.34 24.35
CA LEU A 242 21.55 -52.47 24.19
C LEU A 242 22.09 -53.18 25.41
N GLU A 243 22.84 -54.24 25.21
CA GLU A 243 23.44 -54.94 26.34
C GLU A 243 24.78 -54.30 26.64
N VAL A 244 25.05 -54.07 27.92
CA VAL A 244 26.26 -53.39 28.35
C VAL A 244 26.79 -54.06 29.61
N GLU A 245 28.11 -53.99 29.79
CA GLU A 245 28.78 -54.47 31.01
C GLU A 245 29.30 -53.29 31.84
N LEU A 246 28.61 -52.99 32.94
CA LEU A 246 28.84 -51.80 33.77
C LEU A 246 30.29 -51.62 34.21
N GLY A 247 30.70 -50.37 34.42
CA GLY A 247 32.06 -50.03 34.73
C GLY A 247 32.90 -49.72 33.51
N LYS A 248 32.40 -50.07 32.32
CA LYS A 248 33.02 -49.81 31.04
C LYS A 248 32.29 -48.70 30.31
N PRO A 249 33.02 -47.95 29.49
CA PRO A 249 32.41 -46.84 28.77
C PRO A 249 31.48 -47.37 27.70
N LEU A 250 30.56 -46.50 27.29
CA LEU A 250 29.54 -46.80 26.28
C LEU A 250 29.30 -45.57 25.42
N THR A 251 29.24 -45.74 24.10
CA THR A 251 28.85 -44.67 23.20
C THR A 251 27.66 -45.11 22.36
N ILE A 252 26.54 -44.41 22.51
CA ILE A 252 25.35 -44.64 21.73
C ILE A 252 25.35 -43.63 20.62
N SER A 253 25.26 -44.06 19.39
CA SER A 253 25.27 -43.13 18.27
C SER A 253 23.89 -42.97 17.66
N CYS A 254 23.50 -41.74 17.37
CA CYS A 254 22.24 -41.51 16.70
C CYS A 254 22.49 -40.93 15.31
N LYS A 255 22.11 -41.66 14.28
CA LYS A 255 22.21 -41.18 12.92
C LYS A 255 20.80 -41.00 12.35
N ALA A 256 20.55 -39.86 11.70
CA ALA A 256 19.25 -39.69 11.07
C ALA A 256 19.43 -39.00 9.74
N ARG A 257 18.50 -39.32 8.84
CA ARG A 257 18.53 -38.85 7.47
C ARG A 257 17.51 -37.74 7.29
N PHE A 258 17.98 -36.64 6.69
CA PHE A 258 17.17 -35.45 6.46
C PHE A 258 17.05 -35.21 4.97
N GLY A 259 15.84 -35.01 4.54
CA GLY A 259 15.62 -34.61 3.19
C GLY A 259 15.67 -33.10 2.96
N PHE A 260 15.74 -32.72 1.69
CA PHE A 260 16.09 -31.36 1.33
C PHE A 260 15.06 -30.36 1.80
N GLU A 261 15.56 -29.26 2.38
CA GLU A 261 14.87 -28.01 2.70
C GLU A 261 15.76 -26.85 2.27
N ARG A 262 15.19 -25.85 1.57
CA ARG A 262 15.99 -24.69 1.17
C ARG A 262 16.51 -23.91 2.37
N VAL A 263 15.66 -23.69 3.37
CA VAL A 263 16.12 -23.21 4.69
C VAL A 263 16.10 -24.41 5.65
N PHE A 264 17.23 -25.12 5.68
CA PHE A 264 17.37 -26.39 6.38
C PHE A 264 17.82 -26.15 7.82
N ASN A 265 16.95 -26.50 8.79
CA ASN A 265 17.19 -26.29 10.22
C ASN A 265 16.96 -27.59 10.97
N PRO A 266 17.94 -28.51 10.95
CA PRO A 266 17.69 -29.84 11.50
C PRO A 266 17.91 -29.82 13.00
N VAL A 267 17.16 -30.68 13.67
CA VAL A 267 17.24 -30.84 15.11
C VAL A 267 17.55 -32.30 15.41
N ILE A 268 18.64 -32.53 16.11
CA ILE A 268 18.98 -33.88 16.47
C ILE A 268 19.58 -33.83 17.85
N LYS A 269 19.03 -34.60 18.76
CA LYS A 269 19.48 -34.47 20.12
C LYS A 269 19.14 -35.74 20.88
N TRP A 270 19.80 -35.85 22.02
CA TRP A 270 19.65 -36.97 22.92
C TRP A 270 18.91 -36.53 24.19
N TYR A 271 18.09 -37.42 24.69
CA TYR A 271 17.32 -37.19 25.88
C TYR A 271 17.49 -38.35 26.84
N ILE A 272 17.25 -38.05 28.10
CA ILE A 272 17.24 -39.04 29.14
C ILE A 272 15.84 -39.14 29.73
N LYS A 273 15.47 -40.34 30.07
CA LYS A 273 14.18 -40.64 30.66
C LYS A 273 14.48 -41.28 32.00
N ASP A 274 14.48 -40.47 33.04
CA ASP A 274 14.50 -40.91 34.42
C ASP A 274 13.17 -40.42 34.98
N SER A 275 12.94 -40.64 36.27
CA SER A 275 11.66 -41.13 36.75
C SER A 275 10.46 -40.73 35.87
N ASP A 276 10.06 -39.45 35.81
CA ASP A 276 9.07 -39.03 34.82
C ASP A 276 9.50 -37.81 34.04
N LEU A 277 10.78 -37.45 34.15
CA LEU A 277 11.33 -36.26 33.54
C LEU A 277 12.09 -36.61 32.27
N GLU A 278 12.25 -35.61 31.41
CA GLU A 278 13.11 -35.71 30.23
C GLU A 278 13.94 -34.45 30.16
N TRP A 279 15.23 -34.59 29.88
CA TRP A 279 16.09 -33.43 29.71
C TRP A 279 17.12 -33.73 28.65
N GLU A 280 17.60 -32.67 28.00
CA GLU A 280 18.54 -32.80 26.90
C GLU A 280 19.91 -33.05 27.49
N VAL A 281 20.60 -34.10 27.02
CA VAL A 281 21.93 -34.33 27.55
C VAL A 281 22.87 -33.31 26.93
N SER A 282 23.96 -33.06 27.64
CA SER A 282 24.68 -31.83 27.44
C SER A 282 25.89 -31.97 26.54
N VAL A 283 25.88 -32.86 25.56
CA VAL A 283 27.04 -32.90 24.65
C VAL A 283 26.89 -33.92 23.53
N PRO A 284 27.75 -33.81 22.50
CA PRO A 284 28.39 -32.68 21.81
C PRO A 284 27.74 -32.30 20.45
N GLU A 285 28.15 -31.13 19.89
CA GLU A 285 27.68 -30.60 18.60
C GLU A 285 27.70 -31.66 17.52
N ALA A 286 26.59 -31.77 16.79
CA ALA A 286 26.43 -32.81 15.78
C ALA A 286 27.33 -32.52 14.59
N LYS A 287 27.45 -33.52 13.72
CA LYS A 287 28.21 -33.38 12.49
C LYS A 287 27.53 -34.23 11.42
N SER A 288 27.86 -33.93 10.18
CA SER A 288 27.32 -34.71 9.09
C SER A 288 28.24 -35.87 8.79
N ILE A 289 27.64 -36.99 8.44
CA ILE A 289 28.40 -38.10 7.91
C ILE A 289 28.01 -38.37 6.46
N LYS A 290 27.05 -37.60 5.92
CA LYS A 290 26.69 -37.70 4.50
C LYS A 290 25.93 -36.45 4.08
N SER A 291 26.26 -35.93 2.90
CA SER A 291 25.64 -34.72 2.36
C SER A 291 25.63 -34.84 0.84
N THR A 292 24.52 -35.27 0.29
CA THR A 292 24.30 -35.37 -1.14
C THR A 292 22.93 -34.80 -1.47
N LEU A 293 22.68 -34.52 -2.75
CA LEU A 293 21.43 -33.87 -3.11
C LEU A 293 20.22 -34.51 -2.48
N LYS A 294 20.24 -35.82 -2.29
CA LYS A 294 19.02 -36.40 -1.75
C LYS A 294 19.04 -36.54 -0.23
N ASP A 295 20.20 -36.80 0.37
CA ASP A 295 20.27 -37.16 1.77
C ASP A 295 21.24 -36.23 2.44
N GLU A 296 20.86 -35.67 3.59
CA GLU A 296 21.81 -35.18 4.58
C GLU A 296 21.70 -36.08 5.79
N ILE A 297 22.80 -36.70 6.19
CA ILE A 297 22.80 -37.57 7.36
C ILE A 297 23.63 -36.93 8.45
N ILE A 298 23.06 -36.82 9.64
CA ILE A 298 23.68 -36.12 10.74
C ILE A 298 23.72 -37.09 11.91
N GLU A 299 24.90 -37.24 12.52
CA GLU A 299 25.02 -38.14 13.65
C GLU A 299 25.34 -37.36 14.91
N ARG A 300 24.80 -37.80 16.05
CA ARG A 300 25.06 -37.13 17.31
C ARG A 300 25.15 -38.14 18.43
N ASN A 301 26.32 -38.23 19.04
CA ASN A 301 26.64 -39.29 19.98
C ASN A 301 26.52 -38.83 21.42
N ILE A 302 26.10 -39.77 22.26
CA ILE A 302 26.10 -39.66 23.72
C ILE A 302 27.16 -40.60 24.26
N ILE A 303 27.95 -40.12 25.22
CA ILE A 303 29.06 -40.90 25.76
C ILE A 303 28.92 -40.98 27.28
N LEU A 304 28.98 -42.19 27.82
CA LEU A 304 29.03 -42.42 29.24
C LEU A 304 30.40 -43.00 29.57
N GLU A 305 31.13 -42.37 30.47
CA GLU A 305 32.46 -42.85 30.84
C GLU A 305 32.39 -44.28 31.40
N LYS A 306 31.47 -44.55 32.32
CA LYS A 306 31.33 -45.89 32.87
C LYS A 306 29.85 -46.13 33.13
N VAL A 307 29.29 -47.17 32.53
CA VAL A 307 27.87 -47.45 32.73
C VAL A 307 27.66 -47.80 34.20
N THR A 308 26.91 -46.98 34.91
CA THR A 308 26.66 -47.32 36.30
C THR A 308 25.42 -48.21 36.43
N GLN A 309 25.08 -48.54 37.66
CA GLN A 309 23.87 -49.31 37.88
C GLN A 309 22.62 -48.47 37.60
N ARG A 310 22.68 -47.12 37.80
CA ARG A 310 21.52 -46.26 37.48
C ARG A 310 21.24 -46.25 35.99
N ASP A 311 22.31 -46.22 35.20
CA ASP A 311 22.18 -46.14 33.76
C ASP A 311 21.36 -47.28 33.21
N LEU A 312 21.06 -48.29 34.00
CA LEU A 312 20.06 -49.23 33.52
C LEU A 312 18.66 -48.81 33.95
N ARG A 313 18.52 -47.75 34.77
CA ARG A 313 17.22 -47.36 35.30
C ARG A 313 16.56 -46.25 34.49
N ARG A 314 17.28 -45.72 33.49
CA ARG A 314 16.83 -44.63 32.64
C ARG A 314 16.79 -45.14 31.21
N LYS A 315 16.17 -44.36 30.32
CA LYS A 315 16.25 -44.61 28.89
C LYS A 315 16.87 -43.40 28.22
N PHE A 316 17.58 -43.67 27.14
CA PHE A 316 18.23 -42.65 26.35
C PHE A 316 17.47 -42.58 25.06
N VAL A 317 17.06 -41.38 24.66
CA VAL A 317 16.13 -41.21 23.56
C VAL A 317 16.73 -40.34 22.49
N CYS A 318 16.88 -40.87 21.29
CA CYS A 318 17.28 -40.06 20.16
C CYS A 318 16.06 -39.36 19.62
N PHE A 319 16.18 -38.06 19.35
CA PHE A 319 15.07 -37.25 18.85
C PHE A 319 15.57 -36.46 17.66
N VAL A 320 14.96 -36.64 16.51
CA VAL A 320 15.31 -35.83 15.37
C VAL A 320 14.06 -35.12 14.89
N GLN A 321 14.25 -33.95 14.29
CA GLN A 321 13.10 -33.23 13.79
C GLN A 321 13.53 -32.29 12.67
N ASN A 322 12.66 -32.16 11.67
CA ASN A 322 12.81 -31.20 10.58
C ASN A 322 11.43 -30.64 10.34
N SER A 323 11.32 -29.66 9.44
CA SER A 323 10.10 -28.87 9.23
C SER A 323 8.87 -29.70 8.87
N ILE A 324 8.98 -30.98 8.55
CA ILE A 324 7.79 -31.78 8.28
C ILE A 324 7.28 -32.50 9.55
N GLY A 325 8.18 -32.88 10.45
CA GLY A 325 7.77 -33.66 11.61
C GLY A 325 8.96 -34.03 12.48
N ASN A 326 8.78 -35.03 13.32
CA ASN A 326 9.87 -35.45 14.21
C ASN A 326 9.72 -36.93 14.49
N THR A 327 10.85 -37.60 14.69
CA THR A 327 10.84 -39.01 15.04
C THR A 327 11.83 -39.20 16.16
N THR A 328 11.64 -40.27 16.93
CA THR A 328 12.53 -40.59 18.03
C THR A 328 12.84 -42.08 18.01
N GLN A 329 13.82 -42.46 18.84
CA GLN A 329 14.14 -43.86 19.05
C GLN A 329 14.74 -43.98 20.42
N SER A 330 14.17 -44.80 21.29
CA SER A 330 14.72 -44.90 22.64
C SER A 330 15.59 -46.12 22.78
N VAL A 331 16.54 -46.06 23.71
CA VAL A 331 17.48 -47.14 23.92
C VAL A 331 17.52 -47.49 25.39
N GLN A 332 17.16 -48.73 25.72
CA GLN A 332 17.19 -49.24 27.09
C GLN A 332 18.37 -50.18 27.19
N LEU A 333 19.25 -49.91 28.14
CA LEU A 333 20.45 -50.69 28.36
C LEU A 333 20.16 -51.94 29.16
N LYS A 334 20.79 -53.04 28.78
CA LYS A 334 20.70 -54.28 29.51
C LYS A 334 22.05 -54.58 30.11
N GLU A 335 22.10 -55.54 31.01
CA GLU A 335 23.36 -55.97 31.60
C GLU A 335 23.67 -57.41 31.23
N LYS A 336 24.94 -57.70 30.89
CA LYS A 336 25.46 -59.05 30.60
C LYS A 336 26.90 -58.97 30.07
N LYS B 10 -29.39 -11.97 -30.10
CA LYS B 10 -29.22 -13.33 -30.57
C LYS B 10 -27.79 -13.82 -30.30
N LEU B 11 -27.09 -13.13 -29.40
CA LEU B 11 -25.69 -13.40 -29.15
C LEU B 11 -25.44 -13.44 -27.64
N LEU B 12 -24.36 -14.11 -27.25
CA LEU B 12 -24.04 -14.30 -25.84
C LEU B 12 -23.04 -13.25 -25.37
N TRP B 13 -23.21 -12.79 -24.14
CA TRP B 13 -22.42 -11.71 -23.56
C TRP B 13 -21.70 -12.22 -22.31
N THR B 14 -20.40 -12.44 -22.44
CA THR B 14 -19.55 -12.92 -21.37
C THR B 14 -18.92 -11.74 -20.65
N TYR B 15 -19.25 -11.56 -19.37
CA TYR B 15 -18.76 -10.43 -18.58
C TYR B 15 -18.04 -10.97 -17.35
N SER B 16 -16.71 -10.98 -17.42
CA SER B 16 -15.87 -11.35 -16.29
C SER B 16 -15.39 -10.08 -15.59
N THR B 17 -15.82 -9.89 -14.35
CA THR B 17 -15.42 -8.70 -13.60
C THR B 17 -14.23 -9.00 -12.70
N ARG B 18 -13.69 -7.96 -12.10
CA ARG B 18 -12.51 -8.10 -11.25
C ARG B 18 -12.38 -6.91 -10.30
N GLU B 20 -11.72 -2.34 -10.93
CA GLU B 20 -12.43 -1.20 -11.52
C GLU B 20 -12.83 -1.46 -12.96
N GLU B 21 -14.11 -1.77 -13.22
CA GLU B 21 -14.54 -2.08 -14.57
C GLU B 21 -15.88 -1.43 -14.87
N GLU B 22 -16.35 -1.62 -16.10
CA GLU B 22 -17.64 -1.18 -16.59
C GLU B 22 -17.94 -1.98 -17.86
N PHE B 23 -19.18 -1.89 -18.35
CA PHE B 23 -19.52 -2.62 -19.56
C PHE B 23 -20.42 -1.78 -20.44
N VAL B 24 -20.54 -2.21 -21.69
CA VAL B 24 -21.43 -1.59 -22.67
C VAL B 24 -21.91 -2.66 -23.63
N LEU B 25 -23.19 -2.60 -23.99
CA LEU B 25 -23.75 -3.32 -25.12
C LEU B 25 -24.26 -2.31 -26.12
N PHE B 26 -24.39 -2.74 -27.38
CA PHE B 26 -24.99 -1.89 -28.40
C PHE B 26 -25.29 -2.74 -29.63
N CYS B 27 -26.56 -2.87 -30.00
CA CYS B 27 -26.87 -3.03 -31.42
C CYS B 27 -28.02 -2.11 -31.83
N ASP B 28 -29.04 -2.01 -30.98
CA ASP B 28 -30.34 -1.37 -31.31
C ASP B 28 -30.81 -1.67 -32.74
N LEU B 29 -30.80 -2.95 -33.10
CA LEU B 29 -31.16 -3.45 -34.45
C LEU B 29 -30.22 -2.97 -35.57
N HIS B 84 -26.26 3.06 -11.57
CA HIS B 84 -27.20 2.24 -12.33
C HIS B 84 -27.04 2.57 -13.83
N ILE B 85 -27.67 1.74 -14.67
CA ILE B 85 -27.15 1.26 -15.96
C ILE B 85 -26.53 2.29 -16.91
N ILE B 86 -26.86 3.58 -16.78
CA ILE B 86 -27.22 4.47 -17.89
C ILE B 86 -26.83 4.04 -19.32
N GLN B 87 -27.79 4.23 -20.24
CA GLN B 87 -27.65 4.07 -21.68
C GLN B 87 -27.42 5.41 -22.38
N ASP B 88 -26.92 5.32 -23.62
CA ASP B 88 -26.87 6.42 -24.59
C ASP B 88 -27.57 5.96 -25.87
N LYS B 89 -27.47 6.77 -26.92
CA LYS B 89 -28.15 6.43 -28.18
C LYS B 89 -27.56 5.14 -28.74
N CYS B 90 -28.39 4.10 -28.84
CA CYS B 90 -28.10 2.77 -29.35
C CYS B 90 -27.09 2.00 -28.50
N THR B 91 -26.49 2.61 -27.46
CA THR B 91 -25.47 1.96 -26.65
C THR B 91 -25.82 2.03 -25.17
N LEU B 92 -25.57 0.93 -24.45
CA LEU B 92 -26.01 0.77 -23.06
C LEU B 92 -24.81 0.50 -22.17
N HIS B 93 -24.39 1.51 -21.41
CA HIS B 93 -23.26 1.34 -20.49
C HIS B 93 -23.69 0.46 -19.32
N PHE B 94 -22.75 0.17 -18.42
CA PHE B 94 -23.01 -0.63 -17.22
C PHE B 94 -22.01 -0.25 -16.16
N LEU B 95 -22.49 0.12 -14.97
CA LEU B 95 -21.61 0.67 -13.95
C LEU B 95 -21.44 -0.17 -12.70
N THR B 96 -22.06 -1.36 -12.62
CA THR B 96 -22.08 -2.18 -11.40
C THR B 96 -22.31 -1.33 -10.15
N ASN B 100 -22.58 -9.30 -10.03
CA ASN B 100 -23.44 -10.32 -9.42
C ASN B 100 -24.76 -10.45 -10.16
N ASN B 101 -25.65 -9.53 -9.84
CA ASN B 101 -27.03 -9.58 -10.29
C ASN B 101 -27.06 -9.20 -11.77
N SER B 102 -26.81 -10.20 -12.62
CA SER B 102 -26.76 -10.11 -14.07
C SER B 102 -28.17 -10.11 -14.66
N GLY B 103 -28.25 -10.35 -15.97
CA GLY B 103 -29.51 -10.52 -16.65
C GLY B 103 -29.38 -10.09 -18.09
N SER B 104 -30.03 -10.80 -19.01
CA SER B 104 -29.92 -10.50 -20.43
C SER B 104 -30.85 -9.33 -20.79
N TYR B 105 -30.81 -8.95 -22.07
CA TYR B 105 -31.55 -7.77 -22.51
C TYR B 105 -31.82 -7.85 -24.01
N ILE B 106 -32.73 -6.98 -24.47
CA ILE B 106 -33.11 -6.90 -25.88
C ILE B 106 -33.56 -5.47 -26.18
N CYS B 107 -33.12 -4.95 -27.31
CA CYS B 107 -33.40 -3.58 -27.73
C CYS B 107 -34.11 -3.58 -29.06
N ARG B 108 -34.90 -2.53 -29.30
CA ARG B 108 -35.61 -2.34 -30.56
C ARG B 108 -35.67 -0.86 -30.89
N PRO B 109 -35.80 -0.52 -32.17
CA PRO B 109 -35.83 0.89 -32.58
C PRO B 109 -37.06 1.64 -32.08
N LYS B 110 -37.21 2.88 -32.56
CA LYS B 110 -38.33 3.73 -32.17
C LYS B 110 -39.38 3.87 -33.26
N MET B 111 -39.49 2.89 -34.16
CA MET B 111 -40.50 2.99 -35.21
C MET B 111 -41.89 3.04 -34.59
N ILE B 112 -42.65 4.08 -34.93
CA ILE B 112 -43.93 4.33 -34.26
C ILE B 112 -44.95 3.25 -34.53
N LYS B 113 -44.71 2.37 -35.51
CA LYS B 113 -45.70 1.40 -35.94
C LYS B 113 -45.09 0.04 -36.29
N CYS B 120 -37.75 -4.53 -36.64
CA CYS B 120 -36.31 -4.59 -36.31
C CYS B 120 -36.05 -4.95 -34.84
N CYS B 121 -35.13 -5.89 -34.56
CA CYS B 121 -34.79 -6.27 -33.19
C CYS B 121 -33.51 -7.10 -33.18
N VAL B 122 -32.83 -7.10 -32.03
CA VAL B 122 -31.72 -8.00 -31.78
C VAL B 122 -31.54 -8.11 -30.27
N LYS B 123 -30.93 -9.20 -29.82
CA LYS B 123 -30.77 -9.47 -28.40
C LYS B 123 -29.30 -9.66 -28.08
N MET B 124 -28.97 -9.58 -26.79
CA MET B 124 -27.63 -9.87 -26.28
C MET B 124 -27.81 -10.57 -24.94
N ILE B 125 -27.35 -11.82 -24.86
CA ILE B 125 -27.61 -12.69 -23.71
C ILE B 125 -26.46 -12.53 -22.71
N LEU B 126 -26.77 -11.94 -21.54
CA LEU B 126 -25.75 -11.66 -20.54
C LEU B 126 -25.30 -12.92 -19.83
N GLU B 127 -24.00 -13.10 -19.70
CA GLU B 127 -23.43 -14.20 -18.93
C GLU B 127 -22.42 -13.68 -17.91
N VAL B 128 -22.83 -12.63 -17.18
CA VAL B 128 -21.94 -11.96 -16.23
C VAL B 128 -21.44 -12.95 -15.18
N LYS B 129 -20.12 -13.02 -15.02
CA LYS B 129 -19.47 -13.87 -14.00
C LYS B 129 -18.49 -13.02 -13.20
N PRO B 130 -18.95 -12.40 -12.10
CA PRO B 130 -18.09 -11.60 -11.22
C PRO B 130 -17.26 -12.46 -10.27
N GLN B 144 -6.01 2.78 -19.01
CA GLN B 144 -4.78 2.93 -19.78
C GLN B 144 -4.63 4.33 -20.38
N ASP B 145 -3.42 4.87 -20.31
CA ASP B 145 -3.10 6.20 -20.81
C ASP B 145 -2.24 6.13 -22.06
N LEU B 146 -2.40 7.15 -22.93
CA LEU B 146 -1.67 7.29 -24.18
C LEU B 146 -0.94 8.63 -24.20
N LEU B 147 0.38 8.60 -24.49
CA LEU B 147 1.19 9.81 -24.47
C LEU B 147 0.90 10.64 -25.72
N LEU B 148 0.43 11.87 -25.52
CA LEU B 148 -0.02 12.72 -26.61
C LEU B 148 1.17 13.13 -27.49
N GLY B 149 1.09 12.77 -28.78
CA GLY B 149 2.18 13.01 -29.73
C GLY B 149 3.28 11.95 -29.73
N SER B 150 2.91 10.68 -29.80
CA SER B 150 3.85 9.57 -29.70
C SER B 150 3.21 8.31 -30.29
N THR B 151 3.79 7.14 -29.98
CA THR B 151 3.23 5.82 -30.27
C THR B 151 2.72 5.17 -29.00
N GLY B 152 2.04 4.03 -29.14
CA GLY B 152 1.56 3.28 -28.00
C GLY B 152 0.74 2.07 -28.38
N SER B 153 0.26 1.38 -27.33
CA SER B 153 -0.59 0.19 -27.42
C SER B 153 -1.75 0.30 -26.43
N ILE B 154 -2.96 -0.01 -26.87
CA ILE B 154 -4.10 -0.21 -25.97
C ILE B 154 -4.32 -1.71 -25.85
N SER B 155 -4.20 -2.23 -24.64
CA SER B 155 -4.13 -3.67 -24.42
C SER B 155 -5.38 -4.18 -23.71
N CYS B 156 -5.91 -5.30 -24.20
CA CYS B 156 -6.99 -5.99 -23.50
C CYS B 156 -6.47 -6.43 -22.14
N PRO B 157 -7.19 -6.12 -21.06
CA PRO B 157 -6.82 -6.75 -19.76
C PRO B 157 -7.11 -8.24 -19.73
N SER B 158 -8.07 -8.71 -20.54
CA SER B 158 -8.40 -10.14 -20.61
C SER B 158 -7.26 -10.98 -21.19
N LEU B 159 -6.33 -10.37 -21.91
CA LEU B 159 -5.25 -11.05 -22.60
C LEU B 159 -3.87 -10.51 -22.21
N SER B 160 -3.73 -9.98 -21.00
CA SER B 160 -2.46 -9.39 -20.56
C SER B 160 -2.45 -9.11 -19.06
N ALA B 169 -19.08 -5.52 -25.99
CA ALA B 169 -19.28 -6.75 -26.75
C ALA B 169 -17.95 -7.38 -27.24
N VAL B 170 -17.74 -7.40 -28.57
CA VAL B 170 -16.84 -8.34 -29.24
C VAL B 170 -15.67 -7.51 -29.79
N THR B 171 -14.91 -8.11 -30.72
CA THR B 171 -13.47 -7.96 -30.93
C THR B 171 -12.85 -6.59 -30.60
N TRP B 172 -13.22 -5.52 -31.29
CA TRP B 172 -12.44 -4.29 -31.11
C TRP B 172 -13.25 -3.10 -31.65
N TYR B 173 -13.58 -2.17 -30.75
CA TYR B 173 -14.49 -1.07 -31.02
C TYR B 173 -13.98 0.22 -30.41
N LYS B 174 -14.09 1.31 -31.17
CA LYS B 174 -13.82 2.65 -30.66
C LYS B 174 -15.16 3.36 -30.53
N ASN B 175 -15.62 3.50 -29.29
CA ASN B 175 -16.85 4.21 -28.97
C ASN B 175 -17.98 3.77 -29.90
N GLY B 176 -18.03 2.46 -30.20
CA GLY B 176 -19.09 1.87 -30.97
C GLY B 176 -18.73 1.56 -32.40
N LYS B 177 -17.75 2.24 -32.97
CA LYS B 177 -17.35 1.97 -34.34
C LYS B 177 -16.36 0.80 -34.36
N LEU B 178 -16.59 -0.14 -35.27
CA LEU B 178 -15.74 -1.31 -35.34
C LEU B 178 -14.38 -0.96 -35.95
N ASN B 185 -3.76 -9.21 -28.73
CA ASN B 185 -4.07 -8.83 -27.37
C ASN B 185 -4.18 -7.31 -27.23
N ARG B 186 -3.42 -6.59 -28.06
CA ARG B 186 -3.41 -5.12 -28.00
C ARG B 186 -3.40 -4.56 -29.41
N ILE B 187 -3.85 -3.32 -29.53
CA ILE B 187 -3.74 -2.56 -30.77
C ILE B 187 -2.58 -1.57 -30.62
N VAL B 188 -1.72 -1.52 -31.62
CA VAL B 188 -0.55 -0.67 -31.60
C VAL B 188 -0.73 0.41 -32.64
N VAL B 189 -0.34 1.62 -32.27
CA VAL B 189 -0.50 2.80 -33.09
C VAL B 189 0.78 3.61 -32.99
N ASP B 190 1.04 4.41 -34.02
CA ASP B 190 2.22 5.26 -34.12
C ASP B 190 1.80 6.70 -34.27
N GLU B 191 0.50 6.94 -34.40
CA GLU B 191 -0.01 8.25 -34.74
C GLU B 191 -0.96 8.67 -33.63
N VAL B 192 -0.44 8.70 -32.40
CA VAL B 192 -1.28 9.02 -31.24
C VAL B 192 -1.63 10.50 -31.27
N TYR B 193 -2.83 10.80 -31.73
CA TYR B 193 -3.39 12.14 -31.72
C TYR B 193 -4.47 12.22 -30.64
N ASP B 194 -5.06 13.41 -30.50
CA ASP B 194 -6.06 13.61 -29.44
C ASP B 194 -7.26 12.67 -29.61
N TYR B 195 -7.60 12.33 -30.86
CA TYR B 195 -8.79 11.53 -31.11
C TYR B 195 -8.65 10.08 -30.65
N HIS B 196 -7.49 9.67 -30.17
CA HIS B 196 -7.39 8.33 -29.59
C HIS B 196 -8.10 8.22 -28.24
N GLN B 197 -8.46 9.35 -27.63
CA GLN B 197 -9.16 9.29 -26.34
C GLN B 197 -10.58 8.77 -26.53
N GLY B 198 -11.06 8.04 -25.54
CA GLY B 198 -12.42 7.56 -25.57
C GLY B 198 -12.55 6.26 -24.82
N THR B 199 -13.61 5.52 -25.14
CA THR B 199 -13.96 4.28 -24.46
C THR B 199 -14.03 3.14 -25.46
N TYR B 200 -13.15 2.15 -25.28
CA TYR B 200 -12.92 1.05 -26.21
C TYR B 200 -13.52 -0.24 -25.68
N VAL B 201 -13.72 -1.21 -26.59
CA VAL B 201 -14.35 -2.48 -26.24
C VAL B 201 -13.47 -3.62 -26.75
N CYS B 202 -13.23 -4.61 -25.87
CA CYS B 202 -12.32 -5.73 -26.16
C CYS B 202 -13.04 -6.85 -26.89
N SER B 212 -22.51 -20.01 -28.88
CA SER B 212 -21.08 -19.77 -28.66
C SER B 212 -20.63 -18.32 -28.67
N TRP B 213 -21.37 -17.46 -29.40
CA TRP B 213 -20.80 -16.35 -30.19
C TRP B 213 -19.60 -15.64 -29.54
N THR B 214 -19.75 -15.09 -28.34
CA THR B 214 -18.63 -14.41 -27.65
C THR B 214 -18.84 -14.41 -26.14
N VAL B 218 -14.10 -4.20 -22.16
CA VAL B 218 -14.26 -2.75 -22.14
C VAL B 218 -13.19 -2.06 -21.31
N VAL B 219 -12.55 -1.05 -21.89
CA VAL B 219 -11.48 -0.31 -21.21
C VAL B 219 -11.42 1.10 -21.77
N GLN B 220 -11.37 2.09 -20.88
CA GLN B 220 -11.25 3.49 -21.28
C GLN B 220 -9.79 3.87 -21.41
N VAL B 221 -9.53 4.79 -22.33
CA VAL B 221 -8.18 5.21 -22.68
C VAL B 221 -8.14 6.73 -22.72
N ARG B 222 -7.13 7.31 -22.07
CA ARG B 222 -7.09 8.74 -21.73
C ARG B 222 -5.81 9.35 -22.31
N THR B 223 -5.93 10.14 -23.39
CA THR B 223 -4.76 10.73 -24.05
C THR B 223 -4.26 11.92 -23.24
N ILE B 224 -3.14 11.71 -22.53
CA ILE B 224 -2.52 12.71 -21.67
C ILE B 224 -1.15 13.07 -22.25
N VAL B 225 -0.70 14.30 -21.97
CA VAL B 225 0.61 14.77 -22.44
C VAL B 225 1.71 14.23 -21.48
N ASP B 227 8.07 15.83 -19.40
CA ASP B 227 7.17 15.81 -20.54
C ASP B 227 7.77 14.89 -21.61
N THR B 228 8.92 15.29 -22.14
CA THR B 228 9.77 14.45 -22.97
C THR B 228 10.88 13.82 -22.11
N LYS B 229 11.68 12.94 -22.73
CA LYS B 229 12.79 12.37 -21.98
C LYS B 229 14.07 12.29 -22.83
N LEU B 230 14.13 13.02 -23.93
CA LEU B 230 15.31 13.05 -24.78
C LEU B 230 15.75 14.50 -24.99
N LYS B 231 17.07 14.67 -25.10
CA LYS B 231 17.69 15.95 -25.43
C LYS B 231 17.41 16.28 -26.89
N PRO B 232 17.66 17.52 -27.34
CA PRO B 232 17.43 17.86 -28.74
C PRO B 232 18.24 16.99 -29.69
N ASP B 233 17.79 16.95 -30.94
CA ASP B 233 18.43 16.14 -31.95
C ASP B 233 18.62 17.00 -33.19
N ILE B 234 19.87 17.14 -33.62
CA ILE B 234 20.20 18.04 -34.72
C ILE B 234 20.05 17.27 -36.04
N LEU B 235 19.13 17.74 -36.88
CA LEU B 235 18.89 17.17 -38.20
C LEU B 235 19.85 17.76 -39.24
N ASP B 236 20.12 19.06 -39.16
CA ASP B 236 20.95 19.73 -40.12
C ASP B 236 21.80 20.62 -39.23
N PRO B 237 23.13 20.66 -39.43
CA PRO B 237 23.91 19.89 -40.40
C PRO B 237 24.30 18.51 -39.87
N VAL B 238 24.58 17.57 -40.77
CA VAL B 238 25.04 16.24 -40.38
C VAL B 238 26.51 16.02 -40.68
N GLU B 239 27.05 16.67 -41.71
CA GLU B 239 28.38 16.40 -42.21
C GLU B 239 29.44 17.16 -41.42
N ASP B 240 30.57 16.48 -41.20
CA ASP B 240 31.65 17.11 -40.43
C ASP B 240 32.41 18.16 -41.23
N THR B 241 32.25 18.20 -42.56
CA THR B 241 32.96 19.15 -43.41
C THR B 241 31.97 20.02 -44.17
N LEU B 242 32.51 20.94 -44.98
CA LEU B 242 31.73 21.77 -45.89
C LEU B 242 32.63 22.44 -46.94
N GLU B 243 32.35 22.26 -48.23
CA GLU B 243 33.12 22.91 -49.27
C GLU B 243 32.68 24.35 -49.48
N VAL B 244 33.64 25.22 -49.80
CA VAL B 244 33.36 26.63 -50.03
C VAL B 244 34.12 27.13 -51.26
N GLU B 245 33.69 28.29 -51.75
CA GLU B 245 34.47 29.08 -52.73
C GLU B 245 34.84 30.40 -52.04
N LEU B 246 36.10 30.51 -51.62
CA LEU B 246 36.58 31.67 -50.87
C LEU B 246 36.20 32.99 -51.56
N GLY B 247 35.66 33.94 -50.79
CA GLY B 247 35.12 35.17 -51.32
C GLY B 247 33.63 35.15 -51.60
N LYS B 248 33.02 33.96 -51.65
CA LYS B 248 31.58 33.90 -51.79
C LYS B 248 30.89 33.74 -50.43
N PRO B 249 29.76 34.42 -50.22
CA PRO B 249 29.07 34.31 -48.94
C PRO B 249 28.59 32.89 -48.73
N LEU B 250 28.07 32.62 -47.54
CA LEU B 250 27.73 31.27 -47.13
C LEU B 250 26.72 31.29 -46.01
N THR B 251 25.76 30.36 -46.04
CA THR B 251 24.75 30.24 -45.00
C THR B 251 24.71 28.80 -44.49
N ILE B 252 25.14 28.60 -43.25
CA ILE B 252 25.09 27.28 -42.62
C ILE B 252 23.82 27.19 -41.80
N SER B 253 22.96 26.25 -42.13
CA SER B 253 21.70 26.10 -41.41
C SER B 253 21.87 25.04 -40.34
N CYS B 254 21.39 25.35 -39.13
CA CYS B 254 21.20 24.36 -38.10
C CYS B 254 19.72 24.20 -37.80
N LYS B 255 19.21 22.99 -38.04
CA LYS B 255 17.85 22.60 -37.72
C LYS B 255 17.89 21.47 -36.69
N ALA B 256 17.16 21.65 -35.59
CA ALA B 256 17.12 20.65 -34.53
C ALA B 256 15.69 20.32 -34.13
N ARG B 257 15.48 19.10 -33.60
CA ARG B 257 14.17 18.62 -33.17
C ARG B 257 13.98 18.80 -31.67
N PHE B 258 12.75 19.13 -31.27
CA PHE B 258 12.44 19.38 -29.86
C PHE B 258 11.13 18.71 -29.44
N GLY B 259 11.19 17.86 -28.42
CA GLY B 259 10.03 17.15 -27.89
C GLY B 259 9.14 18.08 -27.08
N PHE B 260 8.12 17.49 -26.45
CA PHE B 260 7.12 18.33 -25.78
C PHE B 260 7.55 18.71 -24.36
N GLU B 261 7.15 19.92 -23.94
CA GLU B 261 7.33 20.43 -22.59
C GLU B 261 6.13 21.31 -22.22
N ARG B 262 5.72 21.29 -20.95
CA ARG B 262 4.58 22.09 -20.55
C ARG B 262 4.94 23.58 -20.41
N VAL B 263 6.18 23.85 -19.97
CA VAL B 263 6.80 25.17 -20.07
C VAL B 263 8.04 24.96 -20.93
N PHE B 264 7.94 25.32 -22.20
CA PHE B 264 8.96 25.03 -23.20
C PHE B 264 9.87 26.24 -23.34
N ASN B 265 11.19 26.01 -23.16
CA ASN B 265 12.20 27.06 -23.33
C ASN B 265 13.38 26.51 -24.13
N PRO B 266 13.23 26.42 -25.45
CA PRO B 266 14.30 25.81 -26.27
C PRO B 266 15.40 26.82 -26.54
N VAL B 267 16.63 26.42 -26.29
CA VAL B 267 17.79 27.26 -26.59
C VAL B 267 18.53 26.63 -27.76
N ILE B 268 18.82 27.46 -28.76
CA ILE B 268 19.55 27.04 -29.97
C ILE B 268 20.40 28.22 -30.43
N LYS B 269 21.69 27.96 -30.70
CA LYS B 269 22.61 29.04 -31.05
C LYS B 269 23.82 28.48 -31.80
N TRP B 270 24.59 29.38 -32.41
CA TRP B 270 25.82 29.03 -33.13
C TRP B 270 27.05 29.43 -32.33
N TYR B 271 28.14 28.69 -32.51
CA TYR B 271 29.38 28.97 -31.81
C TYR B 271 30.57 29.04 -32.76
N ILE B 272 31.30 30.15 -32.70
CA ILE B 272 32.56 30.29 -33.40
C ILE B 272 33.67 29.79 -32.49
N LYS B 273 34.37 28.72 -32.89
CA LYS B 273 35.47 28.17 -32.10
C LYS B 273 36.82 28.41 -32.81
N ASP B 274 37.50 29.48 -32.39
CA ASP B 274 38.86 29.85 -32.77
C ASP B 274 39.80 29.45 -31.62
N SER B 275 41.10 29.70 -31.81
CA SER B 275 42.17 28.70 -31.58
C SER B 275 41.85 27.67 -30.49
N ASP B 276 41.53 28.14 -29.25
CA ASP B 276 40.87 27.27 -28.25
C ASP B 276 39.83 28.02 -27.41
N LEU B 277 39.25 29.07 -27.95
CA LEU B 277 38.09 29.71 -27.34
C LEU B 277 36.85 29.39 -28.17
N GLU B 278 35.69 29.68 -27.59
CA GLU B 278 34.41 29.54 -28.27
C GLU B 278 33.55 30.72 -27.85
N TRP B 279 32.78 31.25 -28.78
CA TRP B 279 31.88 32.33 -28.43
C TRP B 279 30.69 32.34 -29.38
N GLU B 280 29.51 32.51 -28.79
CA GLU B 280 28.29 32.62 -29.57
C GLU B 280 28.39 33.82 -30.51
N VAL B 281 28.03 33.59 -31.78
CA VAL B 281 27.89 34.67 -32.75
C VAL B 281 26.46 35.21 -32.69
N SER B 282 26.32 36.53 -32.89
CA SER B 282 25.01 37.18 -32.78
C SER B 282 24.26 37.03 -34.11
N VAL B 283 23.77 35.82 -34.35
CA VAL B 283 23.06 35.45 -35.57
C VAL B 283 21.56 35.44 -35.29
N PRO B 284 20.71 35.70 -36.30
CA PRO B 284 19.29 36.03 -36.02
C PRO B 284 18.57 35.03 -35.11
N GLU B 285 17.54 35.52 -34.42
CA GLU B 285 16.80 34.72 -33.46
C GLU B 285 16.15 33.54 -34.17
N ALA B 286 16.20 32.38 -33.54
CA ALA B 286 15.79 31.16 -34.20
C ALA B 286 14.34 31.22 -34.66
N LYS B 287 14.00 30.33 -35.58
CA LYS B 287 12.67 30.25 -36.15
C LYS B 287 12.26 28.78 -36.16
N SER B 288 10.94 28.56 -36.15
CA SER B 288 10.38 27.21 -36.12
C SER B 288 9.87 26.81 -37.50
N ILE B 289 10.26 25.61 -37.94
CA ILE B 289 9.92 25.12 -39.28
C ILE B 289 9.02 23.88 -39.26
N LYS B 290 8.72 23.33 -38.09
CA LYS B 290 7.74 22.25 -37.94
C LYS B 290 7.06 22.38 -36.58
N SER B 291 5.71 22.27 -36.57
CA SER B 291 4.92 22.32 -35.32
C SER B 291 3.87 21.20 -35.33
N THR B 292 4.26 20.00 -34.96
CA THR B 292 3.29 18.93 -34.83
C THR B 292 3.32 18.41 -33.41
N LEU B 293 2.22 17.78 -32.99
CA LEU B 293 2.10 17.34 -31.61
C LEU B 293 3.44 16.73 -31.20
N LYS B 294 3.99 15.91 -32.07
CA LYS B 294 5.21 15.18 -31.75
C LYS B 294 6.42 16.11 -31.78
N ASP B 295 6.74 16.67 -32.93
CA ASP B 295 8.01 17.33 -33.15
C ASP B 295 7.85 18.85 -33.25
N GLU B 296 8.68 19.57 -32.52
CA GLU B 296 8.92 21.00 -32.76
C GLU B 296 10.34 21.17 -33.30
N ILE B 297 10.46 21.51 -34.58
CA ILE B 297 11.75 21.66 -35.25
C ILE B 297 12.01 23.14 -35.48
N ILE B 298 13.11 23.62 -34.93
CA ILE B 298 13.43 25.04 -34.90
C ILE B 298 14.76 25.22 -35.63
N GLU B 299 14.83 26.26 -36.45
CA GLU B 299 15.95 26.48 -37.35
C GLU B 299 16.62 27.80 -37.04
N ARG B 300 17.94 27.76 -36.81
CA ARG B 300 18.74 28.94 -36.62
C ARG B 300 19.99 28.86 -37.48
N ASN B 301 20.27 29.91 -38.25
CA ASN B 301 21.32 29.93 -39.24
C ASN B 301 22.41 30.91 -38.87
N ILE B 302 23.63 30.62 -39.30
CA ILE B 302 24.74 31.57 -39.28
C ILE B 302 25.00 32.03 -40.70
N ILE B 303 25.37 33.31 -40.85
CA ILE B 303 25.44 33.95 -42.16
C ILE B 303 26.79 34.64 -42.33
N LEU B 304 27.63 34.10 -43.20
CA LEU B 304 28.88 34.72 -43.58
C LEU B 304 28.70 35.54 -44.85
N GLU B 305 29.10 36.81 -44.81
CA GLU B 305 29.03 37.64 -46.00
C GLU B 305 30.07 37.23 -47.03
N LYS B 306 31.21 36.68 -46.59
CA LYS B 306 32.21 36.21 -47.53
C LYS B 306 33.18 35.26 -46.83
N VAL B 307 33.29 34.03 -47.33
CA VAL B 307 34.20 33.04 -46.75
C VAL B 307 35.64 33.48 -47.02
N THR B 308 36.38 33.80 -45.96
CA THR B 308 37.79 34.13 -46.10
C THR B 308 38.64 32.89 -45.84
N GLN B 309 39.95 33.04 -46.05
CA GLN B 309 40.86 31.94 -45.74
C GLN B 309 40.91 31.68 -44.23
N ARG B 310 40.91 32.74 -43.42
CA ARG B 310 40.85 32.57 -41.98
C ARG B 310 39.71 31.66 -41.59
N ASP B 311 38.51 31.97 -42.08
CA ASP B 311 37.32 31.21 -41.72
C ASP B 311 37.51 29.71 -41.92
N LEU B 312 38.52 29.31 -42.70
CA LEU B 312 38.85 27.90 -42.89
C LEU B 312 39.77 27.35 -41.80
N ARG B 313 40.21 28.18 -40.87
CA ARG B 313 40.96 27.70 -39.71
C ARG B 313 40.10 27.59 -38.45
N ARG B 314 38.83 27.98 -38.51
CA ARG B 314 37.94 27.95 -37.36
C ARG B 314 36.81 26.93 -37.59
N LYS B 315 36.15 26.58 -36.47
CA LYS B 315 34.98 25.70 -36.45
C LYS B 315 33.71 26.46 -36.03
N PHE B 316 32.59 26.13 -36.66
CA PHE B 316 31.30 26.65 -36.26
C PHE B 316 30.49 25.52 -35.64
N VAL B 317 29.90 25.78 -34.49
CA VAL B 317 29.27 24.75 -33.70
C VAL B 317 27.81 25.12 -33.51
N CYS B 318 26.94 24.20 -33.90
CA CYS B 318 25.54 24.32 -33.55
C CYS B 318 25.33 23.78 -32.14
N PHE B 319 24.62 24.56 -31.31
CA PHE B 319 24.32 24.20 -29.92
C PHE B 319 22.83 24.35 -29.69
N VAL B 320 22.21 23.27 -29.21
CA VAL B 320 20.77 23.17 -28.94
C VAL B 320 20.54 22.57 -27.56
N GLN B 321 19.58 23.13 -26.81
CA GLN B 321 19.42 22.78 -25.41
C GLN B 321 17.95 22.85 -24.98
N ASN B 322 17.52 21.87 -24.18
CA ASN B 322 16.20 21.84 -23.56
C ASN B 322 16.37 21.31 -22.14
N SER B 323 15.26 20.91 -21.50
CA SER B 323 15.31 20.51 -20.09
C SER B 323 16.06 19.18 -19.90
N ILE B 324 16.02 18.28 -20.89
CA ILE B 324 16.69 16.98 -20.72
C ILE B 324 18.18 17.11 -20.94
N GLY B 325 18.61 17.73 -22.03
CA GLY B 325 20.03 17.89 -22.25
C GLY B 325 20.38 18.85 -23.37
N ASN B 326 21.58 18.64 -23.91
CA ASN B 326 22.01 19.38 -25.08
C ASN B 326 22.76 18.45 -26.01
N THR B 327 22.70 18.77 -27.30
CA THR B 327 23.47 18.09 -28.33
C THR B 327 24.07 19.15 -29.25
N THR B 328 25.25 18.85 -29.80
CA THR B 328 26.03 19.80 -30.59
C THR B 328 26.49 19.18 -31.90
N GLN B 329 26.54 20.01 -32.94
CA GLN B 329 27.13 19.60 -34.22
C GLN B 329 28.13 20.66 -34.67
N SER B 330 29.37 20.26 -34.85
CA SER B 330 30.42 21.17 -35.29
C SER B 330 30.56 21.10 -36.81
N VAL B 331 31.10 22.17 -37.39
CA VAL B 331 31.35 22.24 -38.83
C VAL B 331 32.70 22.87 -39.06
N GLN B 332 33.52 22.22 -39.91
CA GLN B 332 34.85 22.69 -40.30
C GLN B 332 34.87 23.01 -41.79
N LEU B 333 35.35 24.19 -42.15
CA LEU B 333 35.33 24.62 -43.53
C LEU B 333 36.49 24.03 -44.33
N LYS B 334 36.26 23.86 -45.63
CA LYS B 334 37.17 23.15 -46.50
C LYS B 334 37.00 23.74 -47.89
N GLU B 335 38.07 24.24 -48.48
CA GLU B 335 37.98 24.92 -49.75
C GLU B 335 37.72 23.92 -50.88
N LYS B 336 37.38 24.48 -52.03
CA LYS B 336 36.90 23.68 -53.14
C LYS B 336 38.04 22.88 -53.76
N ARG B 337 38.46 21.81 -53.08
CA ARG B 337 39.44 20.90 -53.67
C ARG B 337 38.74 19.66 -54.15
N LYS C 10 -2.73 -27.76 23.56
CA LYS C 10 -2.08 -26.64 22.89
C LYS C 10 -2.68 -26.31 21.51
N LEU C 11 -2.71 -25.03 21.16
CA LEU C 11 -3.18 -24.56 19.87
C LEU C 11 -2.22 -23.50 19.38
N LEU C 12 -2.08 -23.38 18.07
CA LEU C 12 -1.09 -22.50 17.47
C LEU C 12 -1.78 -21.37 16.71
N TRP C 13 -1.13 -20.20 16.67
CA TRP C 13 -1.67 -19.02 15.98
C TRP C 13 -0.54 -18.17 15.40
N THR C 14 -0.88 -17.29 14.46
CA THR C 14 0.12 -16.39 13.85
C THR C 14 -0.50 -15.05 13.50
N TYR C 15 0.31 -13.99 13.56
CA TYR C 15 -0.19 -12.65 13.28
C TYR C 15 0.90 -11.81 12.66
N SER C 16 0.68 -11.40 11.42
CA SER C 16 1.63 -10.58 10.66
C SER C 16 1.41 -9.10 10.91
N THR C 17 2.45 -8.42 11.39
CA THR C 17 2.37 -7.00 11.70
C THR C 17 2.87 -6.12 10.54
N ARG C 18 2.38 -4.88 10.50
CA ARG C 18 2.94 -3.89 9.56
C ARG C 18 3.38 -2.58 10.20
N SER C 19 2.43 -1.74 10.64
CA SER C 19 2.79 -0.39 11.07
C SER C 19 2.25 0.04 12.44
N GLU C 20 1.04 -0.39 12.83
CA GLU C 20 0.50 -0.06 14.16
C GLU C 20 -0.56 -1.10 14.55
N GLU C 21 -0.14 -2.17 15.25
CA GLU C 21 -0.94 -3.36 15.54
C GLU C 21 -0.88 -3.66 17.04
N GLU C 22 -1.65 -4.69 17.43
CA GLU C 22 -1.63 -5.25 18.78
C GLU C 22 -1.97 -6.73 18.64
N PHE C 23 -1.95 -7.49 19.75
CA PHE C 23 -2.34 -8.90 19.73
C PHE C 23 -2.72 -9.40 21.12
N VAL C 24 -3.65 -10.36 21.16
CA VAL C 24 -4.13 -10.92 22.42
C VAL C 24 -4.19 -12.45 22.36
N LEU C 25 -4.14 -13.06 23.55
CA LEU C 25 -4.32 -14.50 23.73
C LEU C 25 -5.26 -14.78 24.90
N PHE C 26 -6.14 -15.76 24.75
CA PHE C 26 -7.09 -16.06 25.81
C PHE C 26 -6.73 -17.36 26.49
N CYS C 27 -7.00 -17.39 27.79
CA CYS C 27 -6.82 -18.61 28.56
C CYS C 27 -7.99 -19.53 28.20
N ASP C 28 -7.85 -20.14 27.02
CA ASP C 28 -8.86 -20.95 26.34
C ASP C 28 -9.14 -22.27 27.05
N LEU C 29 -8.60 -22.44 28.25
CA LEU C 29 -8.79 -23.67 28.97
C LEU C 29 -10.27 -23.97 29.17
N PRO C 30 -10.70 -25.24 28.98
CA PRO C 30 -12.13 -25.58 29.09
C PRO C 30 -12.66 -26.15 30.40
N GLU C 31 -12.21 -25.68 31.57
CA GLU C 31 -12.87 -26.13 32.80
C GLU C 31 -14.04 -25.27 33.33
N PRO C 32 -13.77 -23.96 33.70
CA PRO C 32 -14.80 -23.18 34.45
C PRO C 32 -15.92 -22.56 33.60
N GLN C 33 -15.57 -21.48 32.88
CA GLN C 33 -15.85 -21.24 31.48
C GLN C 33 -14.50 -20.96 30.82
N LYS C 34 -13.85 -19.90 31.31
CA LYS C 34 -12.40 -19.68 31.24
C LYS C 34 -11.97 -18.94 32.52
N SER C 35 -12.86 -18.93 33.53
CA SER C 35 -12.67 -18.30 34.84
C SER C 35 -12.13 -16.88 34.70
N HIS C 36 -12.95 -16.02 34.06
CA HIS C 36 -12.72 -14.58 33.94
C HIS C 36 -14.03 -13.76 34.00
N ARG C 79 5.33 -16.23 33.40
CA ARG C 79 4.27 -15.49 32.72
C ARG C 79 3.91 -14.24 33.52
N LYS C 80 4.33 -14.20 34.78
CA LYS C 80 4.43 -12.93 35.49
C LYS C 80 5.47 -12.03 34.85
N SER C 81 6.38 -12.64 34.05
CA SER C 81 7.53 -11.93 33.51
C SER C 81 7.10 -10.79 32.59
N TYR C 82 7.62 -9.59 32.89
CA TYR C 82 7.29 -8.34 32.20
C TYR C 82 8.30 -7.97 31.10
N PRO C 83 8.08 -8.37 29.83
CA PRO C 83 8.91 -7.84 28.74
C PRO C 83 8.35 -6.51 28.27
N HIS C 84 7.54 -5.87 29.11
CA HIS C 84 6.81 -4.61 28.84
C HIS C 84 5.58 -4.92 27.99
N ILE C 85 5.25 -6.20 27.83
CA ILE C 85 4.04 -6.62 27.11
C ILE C 85 2.96 -6.85 28.16
N ILE C 86 1.76 -6.28 27.93
CA ILE C 86 0.76 -6.05 28.98
C ILE C 86 -0.17 -7.23 29.18
N GLN C 87 -0.46 -7.56 30.43
CA GLN C 87 -1.48 -8.57 30.75
C GLN C 87 -2.67 -7.94 31.45
N ASP C 88 -3.90 -8.38 31.10
CA ASP C 88 -5.04 -7.95 31.88
C ASP C 88 -5.57 -8.95 32.92
N LYS C 89 -6.22 -10.02 32.48
CA LYS C 89 -6.50 -11.08 33.44
C LYS C 89 -6.19 -12.45 32.88
N CYS C 90 -7.03 -12.83 31.92
CA CYS C 90 -6.94 -14.01 31.09
C CYS C 90 -6.53 -13.63 29.69
N THR C 91 -6.13 -12.38 29.47
CA THR C 91 -5.90 -11.81 28.15
C THR C 91 -4.60 -11.02 28.19
N LEU C 92 -3.60 -11.48 27.44
CA LEU C 92 -2.34 -10.78 27.37
C LEU C 92 -2.30 -9.91 26.12
N HIS C 93 -1.56 -8.81 26.20
CA HIS C 93 -1.63 -7.75 25.21
C HIS C 93 -0.26 -7.42 24.66
N PHE C 94 -0.08 -7.63 23.37
CA PHE C 94 1.20 -7.43 22.74
C PHE C 94 1.08 -6.06 22.10
N LEU C 95 1.84 -5.09 22.60
CA LEU C 95 1.78 -3.77 21.98
C LEU C 95 2.69 -3.73 20.76
N THR C 96 3.85 -4.38 20.88
CA THR C 96 4.86 -4.51 19.83
C THR C 96 5.68 -5.80 20.06
N ASN C 101 10.45 -9.52 15.17
CA ASN C 101 9.56 -9.80 16.30
C ASN C 101 9.76 -11.25 16.75
N SER C 102 9.22 -11.53 17.92
CA SER C 102 9.49 -12.78 18.61
C SER C 102 8.38 -13.81 18.37
N GLY C 103 8.15 -14.75 19.32
CA GLY C 103 7.11 -15.76 19.11
C GLY C 103 6.99 -16.77 20.23
N SER C 104 5.90 -17.55 20.14
CA SER C 104 5.51 -18.72 20.94
C SER C 104 5.41 -18.57 22.46
N TYR C 105 4.35 -17.92 22.92
CA TYR C 105 4.11 -17.50 24.30
C TYR C 105 3.11 -18.37 25.08
N ILE C 106 2.65 -17.82 26.19
CA ILE C 106 2.39 -18.46 27.50
C ILE C 106 1.47 -19.66 27.48
N CYS C 107 1.30 -20.25 28.66
CA CYS C 107 0.34 -21.32 28.93
C CYS C 107 -0.31 -20.85 30.22
N ARG C 108 -1.63 -20.55 30.18
CA ARG C 108 -2.26 -19.87 31.30
C ARG C 108 -3.13 -20.79 32.14
N PRO C 109 -2.62 -21.32 33.31
CA PRO C 109 -3.47 -21.83 34.40
C PRO C 109 -3.57 -20.92 35.62
N LYS C 110 -4.40 -21.25 36.60
CA LYS C 110 -4.20 -20.71 37.95
C LYS C 110 -3.78 -21.78 38.95
N MET C 111 -4.58 -22.84 39.12
CA MET C 111 -4.29 -23.94 40.03
C MET C 111 -5.45 -24.92 39.95
N CYS C 120 -6.03 -29.32 32.27
CA CYS C 120 -6.56 -28.14 32.95
C CYS C 120 -5.96 -26.84 32.42
N CYS C 121 -4.71 -26.88 31.98
CA CYS C 121 -4.02 -25.72 31.43
C CYS C 121 -4.10 -25.70 29.91
N VAL C 122 -3.97 -24.49 29.34
CA VAL C 122 -4.05 -24.27 27.90
C VAL C 122 -2.79 -23.52 27.46
N LYS C 123 -1.97 -24.15 26.63
CA LYS C 123 -0.74 -23.54 26.15
C LYS C 123 -0.94 -23.05 24.72
N MET C 124 -0.49 -21.84 24.45
CA MET C 124 -0.54 -21.28 23.12
C MET C 124 0.82 -21.43 22.49
N ILE C 125 0.82 -21.49 21.16
CA ILE C 125 2.03 -21.58 20.34
C ILE C 125 1.90 -20.48 19.29
N LEU C 126 2.56 -19.36 19.50
CA LEU C 126 2.41 -18.23 18.59
C LEU C 126 3.60 -18.09 17.65
N GLU C 127 3.33 -17.65 16.43
CA GLU C 127 4.41 -17.25 15.52
C GLU C 127 4.10 -15.86 14.97
N VAL C 128 4.71 -14.85 15.58
CA VAL C 128 4.59 -13.48 15.06
C VAL C 128 5.49 -13.37 13.85
N LYS C 129 4.99 -12.84 12.78
CA LYS C 129 5.77 -12.79 11.56
C LYS C 129 5.39 -11.57 10.75
N PRO C 130 6.19 -10.50 10.81
CA PRO C 130 5.85 -9.28 10.04
C PRO C 130 5.63 -9.59 8.55
N GLN C 131 4.74 -8.82 7.93
CA GLN C 131 4.36 -9.06 6.54
C GLN C 131 5.34 -8.42 5.57
N THR C 132 5.39 -8.98 4.35
CA THR C 132 6.29 -8.49 3.31
C THR C 132 5.59 -8.46 1.95
N SER C 139 -7.23 -1.84 2.78
CA SER C 139 -7.02 -2.69 3.95
C SER C 139 -7.63 -2.07 5.19
N ALA C 140 -8.60 -2.78 5.76
CA ALA C 140 -9.23 -2.33 7.00
C ALA C 140 -8.26 -2.52 8.17
N SER C 141 -8.20 -1.52 9.07
CA SER C 141 -7.17 -1.48 10.09
C SER C 141 -7.66 -2.00 11.44
N HIS C 142 -6.77 -1.93 12.43
CA HIS C 142 -7.04 -2.39 13.80
C HIS C 142 -7.63 -1.29 14.66
N LYS C 143 -7.82 -0.10 14.08
CA LYS C 143 -8.56 1.00 14.68
C LYS C 143 -9.72 1.32 13.75
N GLN C 144 -10.93 0.98 14.18
CA GLN C 144 -12.15 1.31 13.46
C GLN C 144 -13.13 2.02 14.38
N ASP C 145 -13.74 3.08 13.87
CA ASP C 145 -14.72 3.84 14.64
C ASP C 145 -16.13 3.52 14.11
N LEU C 146 -17.05 3.30 15.05
CA LEU C 146 -18.46 3.06 14.77
C LEU C 146 -19.27 4.26 15.24
N LEU C 147 -19.88 4.97 14.29
CA LEU C 147 -20.75 6.09 14.62
C LEU C 147 -22.06 5.60 15.25
N LEU C 148 -22.26 5.90 16.53
CA LEU C 148 -23.40 5.34 17.25
C LEU C 148 -24.66 6.14 16.93
N GLY C 149 -25.79 5.45 17.01
CA GLY C 149 -27.00 5.91 16.37
C GLY C 149 -27.16 5.24 15.03
N SER C 150 -26.18 5.44 14.16
CA SER C 150 -26.26 4.88 12.82
C SER C 150 -25.89 3.40 12.77
N THR C 151 -25.64 2.93 11.55
CA THR C 151 -25.16 1.59 11.27
C THR C 151 -23.63 1.56 11.31
N GLY C 152 -23.10 0.35 11.32
CA GLY C 152 -21.68 0.16 11.18
C GLY C 152 -21.37 -1.30 11.00
N SER C 153 -20.11 -1.56 10.75
CA SER C 153 -19.61 -2.91 10.60
C SER C 153 -18.15 -2.91 11.03
N ILE C 154 -17.74 -4.04 11.60
CA ILE C 154 -16.38 -4.24 12.06
C ILE C 154 -15.81 -5.30 11.14
N SER C 155 -14.86 -4.90 10.31
CA SER C 155 -14.22 -5.81 9.37
C SER C 155 -13.07 -6.58 10.02
N CYS C 156 -12.76 -7.73 9.45
CA CYS C 156 -11.60 -8.50 9.90
C CYS C 156 -10.38 -8.01 9.17
N PRO C 157 -9.45 -7.30 9.81
CA PRO C 157 -8.31 -6.69 9.11
C PRO C 157 -7.57 -7.63 8.17
N SER C 158 -7.33 -8.87 8.61
CA SER C 158 -6.62 -9.85 7.80
C SER C 158 -7.24 -9.97 6.40
N LEU C 159 -8.50 -10.35 6.36
CA LEU C 159 -9.17 -10.70 5.14
C LEU C 159 -9.55 -9.44 4.34
N SER C 167 -14.53 -15.81 1.72
CA SER C 167 -14.28 -15.70 3.16
C SER C 167 -14.48 -17.04 3.80
N PRO C 168 -13.54 -17.42 4.66
CA PRO C 168 -13.68 -18.65 5.43
C PRO C 168 -14.57 -18.41 6.63
N ALA C 169 -14.87 -19.43 7.45
CA ALA C 169 -15.64 -19.21 8.67
C ALA C 169 -14.76 -18.51 9.71
N VAL C 170 -15.09 -17.23 9.98
CA VAL C 170 -14.39 -16.40 10.96
C VAL C 170 -15.13 -16.41 12.29
N THR C 171 -14.38 -16.62 13.38
CA THR C 171 -14.90 -16.57 14.74
C THR C 171 -14.59 -15.21 15.37
N TRP C 172 -15.61 -14.56 15.94
CA TRP C 172 -15.50 -13.22 16.53
C TRP C 172 -15.65 -13.26 18.04
N TYR C 173 -14.81 -12.49 18.72
CA TYR C 173 -14.92 -12.25 20.15
C TYR C 173 -14.95 -10.74 20.40
N LYS C 174 -15.80 -10.32 21.35
CA LYS C 174 -15.81 -8.95 21.82
C LYS C 174 -15.20 -9.03 23.20
N ASN C 175 -13.96 -8.57 23.33
CA ASN C 175 -13.25 -8.57 24.61
C ASN C 175 -13.38 -9.93 25.30
N GLY C 176 -13.15 -11.01 24.55
CA GLY C 176 -13.07 -12.34 25.14
C GLY C 176 -14.35 -13.18 25.11
N LYS C 177 -15.53 -12.58 24.96
CA LYS C 177 -16.76 -13.35 24.84
C LYS C 177 -17.09 -13.60 23.36
N LEU C 178 -17.76 -14.73 23.11
CA LEU C 178 -18.05 -15.20 21.74
C LEU C 178 -19.24 -14.44 21.11
N LEU C 179 -19.04 -13.94 19.89
CA LEU C 179 -20.10 -13.16 19.21
C LEU C 179 -20.80 -13.93 18.09
N SER C 180 -20.05 -14.33 17.07
CA SER C 180 -20.61 -14.98 15.89
C SER C 180 -19.63 -16.01 15.36
N VAL C 181 -20.13 -16.87 14.48
CA VAL C 181 -19.33 -17.87 13.78
C VAL C 181 -19.53 -17.68 12.29
N GLU C 182 -19.67 -16.43 11.85
CA GLU C 182 -20.14 -16.19 10.49
C GLU C 182 -19.01 -16.26 9.46
N ARG C 183 -19.37 -16.77 8.28
CA ARG C 183 -18.48 -16.93 7.12
C ARG C 183 -18.39 -15.62 6.33
N SER C 184 -17.76 -14.62 6.94
CA SER C 184 -17.58 -13.33 6.28
C SER C 184 -16.43 -12.60 6.96
N ASN C 185 -15.89 -11.60 6.28
CA ASN C 185 -14.82 -10.81 6.86
C ASN C 185 -15.34 -9.54 7.54
N ARG C 186 -16.54 -9.59 8.13
CA ARG C 186 -17.20 -8.46 8.77
C ARG C 186 -18.39 -8.87 9.63
N ILE C 187 -18.45 -8.37 10.87
CA ILE C 187 -19.65 -8.49 11.70
C ILE C 187 -20.37 -7.15 11.61
N VAL C 188 -21.69 -7.18 11.39
CA VAL C 188 -22.44 -5.97 11.09
C VAL C 188 -23.35 -5.64 12.26
N VAL C 189 -23.67 -4.36 12.39
CA VAL C 189 -24.54 -3.85 13.43
C VAL C 189 -25.49 -2.84 12.82
N ASP C 190 -26.80 -3.02 13.04
CA ASP C 190 -27.75 -2.10 12.41
C ASP C 190 -27.78 -0.77 13.17
N GLU C 191 -27.77 -0.80 14.50
CA GLU C 191 -27.78 0.40 15.32
C GLU C 191 -26.58 0.35 16.26
N VAL C 192 -25.54 1.13 15.95
CA VAL C 192 -24.37 1.13 16.82
C VAL C 192 -24.77 1.73 18.16
N TYR C 193 -24.64 0.94 19.22
CA TYR C 193 -24.93 1.49 20.54
C TYR C 193 -23.64 1.79 21.31
N ASP C 194 -23.83 2.34 22.51
CA ASP C 194 -22.72 2.71 23.38
C ASP C 194 -21.90 1.51 23.80
N TYR C 195 -22.56 0.41 24.11
CA TYR C 195 -21.84 -0.75 24.62
C TYR C 195 -21.04 -1.47 23.52
N HIS C 196 -21.12 -1.01 22.28
CA HIS C 196 -20.37 -1.62 21.19
C HIS C 196 -18.90 -1.24 21.16
N GLN C 197 -18.41 -0.50 22.15
CA GLN C 197 -16.98 -0.24 22.26
C GLN C 197 -16.26 -1.49 22.75
N GLY C 198 -14.98 -1.60 22.43
CA GLY C 198 -14.18 -2.67 22.97
C GLY C 198 -13.14 -3.11 21.96
N THR C 199 -12.52 -4.25 22.27
CA THR C 199 -11.59 -4.91 21.36
C THR C 199 -12.26 -6.14 20.75
N TYR C 200 -12.19 -6.26 19.44
CA TYR C 200 -12.75 -7.41 18.75
C TYR C 200 -11.65 -8.28 18.17
N VAL C 201 -11.79 -9.58 18.34
CA VAL C 201 -10.83 -10.57 17.84
C VAL C 201 -11.49 -11.40 16.75
N CYS C 202 -10.87 -11.45 15.55
CA CYS C 202 -11.38 -12.24 14.42
C CYS C 202 -10.40 -13.36 14.08
N ASP C 203 -10.79 -14.61 14.43
CA ASP C 203 -10.03 -15.83 14.19
C ASP C 203 -10.57 -16.56 12.96
N TYR C 204 -9.66 -17.10 12.13
CA TYR C 204 -10.02 -18.07 11.10
C TYR C 204 -8.84 -19.04 10.94
N THR C 205 -9.16 -20.32 10.82
CA THR C 205 -8.18 -21.40 10.72
C THR C 205 -7.55 -21.44 9.34
N GLN C 206 -6.36 -22.03 9.27
CA GLN C 206 -5.60 -22.22 8.04
C GLN C 206 -4.98 -23.61 8.10
N SER C 207 -5.10 -24.37 7.01
CA SER C 207 -4.49 -25.69 6.96
C SER C 207 -3.26 -25.68 6.07
N ASP C 208 -2.31 -26.52 6.44
CA ASP C 208 -1.18 -26.82 5.61
C ASP C 208 -1.48 -28.17 4.98
N THR C 209 -0.51 -28.80 4.39
CA THR C 209 -0.64 -30.24 4.30
C THR C 209 -0.07 -30.93 5.54
N VAL C 210 0.43 -30.16 6.51
CA VAL C 210 1.21 -30.74 7.59
C VAL C 210 0.73 -30.25 8.95
N SER C 211 0.11 -29.05 8.97
CA SER C 211 -0.16 -28.37 10.25
C SER C 211 -1.28 -27.33 10.11
N SER C 212 -2.22 -27.31 11.08
CA SER C 212 -3.40 -26.43 11.10
C SER C 212 -3.22 -25.30 12.11
N TRP C 213 -2.82 -24.13 11.61
CA TRP C 213 -2.67 -22.91 12.38
C TRP C 213 -3.90 -22.04 12.19
N THR C 214 -4.05 -21.02 13.04
CA THR C 214 -5.16 -20.08 12.88
C THR C 214 -4.66 -18.62 12.89
N VAL C 215 -5.21 -17.81 11.97
CA VAL C 215 -4.80 -16.42 11.81
C VAL C 215 -5.68 -15.56 12.71
N ARG C 216 -5.06 -14.89 13.67
CA ARG C 216 -5.77 -14.03 14.61
C ARG C 216 -5.36 -12.58 14.34
N ALA C 217 -6.36 -11.70 14.25
CA ALA C 217 -6.16 -10.26 14.15
C ALA C 217 -7.02 -9.58 15.19
N VAL C 218 -6.52 -8.48 15.76
CA VAL C 218 -7.24 -7.75 16.81
C VAL C 218 -7.55 -6.35 16.29
N VAL C 219 -8.82 -5.98 16.36
CA VAL C 219 -9.28 -4.65 15.98
C VAL C 219 -9.91 -4.01 17.22
N GLN C 220 -9.50 -2.78 17.50
CA GLN C 220 -10.00 -1.99 18.62
C GLN C 220 -11.06 -1.00 18.12
N VAL C 221 -12.23 -1.03 18.74
CA VAL C 221 -13.41 -0.32 18.26
C VAL C 221 -13.89 0.65 19.31
N ARG C 222 -14.18 1.89 18.90
CA ARG C 222 -14.69 2.95 19.75
C ARG C 222 -16.06 3.38 19.24
N THR C 223 -16.99 3.68 20.16
CA THR C 223 -18.28 4.27 19.81
C THR C 223 -18.12 5.80 19.85
N ILE C 224 -17.88 6.39 18.72
CA ILE C 224 -17.63 7.82 18.61
C ILE C 224 -18.95 8.56 18.46
N VAL C 225 -19.03 9.79 19.02
CA VAL C 225 -20.17 10.67 18.79
C VAL C 225 -19.88 11.53 17.57
N GLY C 226 -20.84 11.65 16.67
CA GLY C 226 -20.64 12.45 15.49
C GLY C 226 -21.88 13.23 15.09
N ASP C 227 -21.73 14.55 14.98
CA ASP C 227 -22.86 15.43 14.67
C ASP C 227 -23.45 15.10 13.32
N THR C 228 -24.74 15.39 13.19
CA THR C 228 -25.44 15.09 11.97
C THR C 228 -24.91 15.95 10.83
N LYS C 229 -24.96 15.39 9.63
CA LYS C 229 -24.59 16.12 8.43
C LYS C 229 -25.82 16.59 7.65
N LEU C 230 -27.00 16.55 8.28
CA LEU C 230 -28.27 16.65 7.58
C LEU C 230 -29.20 17.69 8.20
N LYS C 231 -29.92 18.41 7.32
CA LYS C 231 -31.03 19.25 7.75
C LYS C 231 -32.13 18.41 8.42
N PRO C 232 -32.91 19.02 9.32
CA PRO C 232 -34.02 18.30 9.93
C PRO C 232 -35.14 18.05 8.91
N ASP C 233 -35.74 16.88 9.02
CA ASP C 233 -36.74 16.45 8.07
C ASP C 233 -38.09 16.63 8.69
N ILE C 234 -38.96 17.35 8.00
CA ILE C 234 -40.31 17.55 8.48
C ILE C 234 -41.12 16.33 8.07
N LEU C 235 -41.63 15.59 9.05
CA LEU C 235 -42.40 14.40 8.74
C LEU C 235 -43.89 14.66 8.65
N ASP C 236 -44.36 15.80 9.17
CA ASP C 236 -45.76 16.18 9.28
C ASP C 236 -45.80 17.69 9.42
N PRO C 237 -46.54 18.42 8.58
CA PRO C 237 -47.46 17.98 7.56
C PRO C 237 -46.77 17.75 6.25
N VAL C 238 -47.21 16.75 5.50
CA VAL C 238 -46.66 16.51 4.16
C VAL C 238 -47.57 17.09 3.10
N GLU C 239 -48.86 17.24 3.39
CA GLU C 239 -49.79 17.76 2.41
C GLU C 239 -49.78 19.28 2.35
N ASP C 240 -49.96 19.79 1.13
CA ASP C 240 -50.01 21.22 0.87
C ASP C 240 -51.27 21.85 1.41
N THR C 241 -52.36 21.11 1.43
CA THR C 241 -53.64 21.66 1.80
C THR C 241 -54.26 20.83 2.91
N LEU C 242 -55.16 21.46 3.63
CA LEU C 242 -55.88 20.85 4.72
C LEU C 242 -57.36 21.22 4.61
N GLU C 243 -58.24 20.23 4.74
CA GLU C 243 -59.68 20.48 4.69
C GLU C 243 -60.18 20.86 6.07
N VAL C 244 -60.98 21.91 6.13
CA VAL C 244 -61.43 22.38 7.42
C VAL C 244 -62.92 22.70 7.31
N GLU C 245 -63.61 22.55 8.43
CA GLU C 245 -65.01 22.92 8.55
C GLU C 245 -65.04 24.23 9.36
N LEU C 246 -65.30 25.33 8.66
CA LEU C 246 -65.21 26.67 9.24
C LEU C 246 -66.02 26.77 10.53
N GLY C 247 -65.53 27.54 11.48
CA GLY C 247 -66.21 27.65 12.73
C GLY C 247 -65.85 26.55 13.69
N LYS C 248 -65.20 25.44 13.18
CA LYS C 248 -64.81 24.31 14.02
C LYS C 248 -63.31 24.36 14.35
N PRO C 249 -62.95 23.87 15.53
CA PRO C 249 -61.56 23.97 15.98
C PRO C 249 -60.69 23.10 15.12
N LEU C 250 -59.41 23.48 15.05
CA LEU C 250 -58.39 22.83 14.23
C LEU C 250 -57.04 22.85 14.95
N THR C 251 -56.31 21.71 14.92
CA THR C 251 -54.92 21.65 15.36
C THR C 251 -54.03 21.08 14.25
N ILE C 252 -53.10 21.88 13.77
CA ILE C 252 -52.11 21.46 12.80
C ILE C 252 -50.82 21.15 13.56
N SER C 253 -50.36 19.91 13.47
CA SER C 253 -49.17 19.45 14.17
C SER C 253 -48.00 19.40 13.21
N CYS C 254 -46.87 19.92 13.63
CA CYS C 254 -45.65 19.87 12.86
C CYS C 254 -44.67 18.98 13.61
N LYS C 255 -44.25 17.89 12.98
CA LYS C 255 -43.23 17.03 13.53
C LYS C 255 -41.99 17.09 12.65
N ALA C 256 -40.82 17.13 13.26
CA ALA C 256 -39.57 17.10 12.52
C ALA C 256 -38.61 16.18 13.25
N ARG C 257 -37.66 15.63 12.49
CA ARG C 257 -36.64 14.72 13.00
C ARG C 257 -35.29 15.43 13.03
N PHE C 258 -34.58 15.32 14.14
CA PHE C 258 -33.29 15.96 14.31
C PHE C 258 -32.23 14.90 14.60
N GLY C 259 -31.14 14.93 13.85
CA GLY C 259 -30.06 14.02 14.12
C GLY C 259 -29.20 14.48 15.27
N PHE C 260 -28.26 13.63 15.67
CA PHE C 260 -27.47 13.91 16.88
C PHE C 260 -26.59 15.14 16.71
N GLU C 261 -26.59 16.00 17.74
CA GLU C 261 -25.63 17.07 17.96
C GLU C 261 -25.21 17.03 19.43
N ARG C 262 -23.89 17.04 19.71
CA ARG C 262 -23.43 17.07 21.08
C ARG C 262 -23.90 18.34 21.79
N VAL C 263 -23.77 19.49 21.12
CA VAL C 263 -24.43 20.72 21.54
C VAL C 263 -25.65 20.90 20.63
N PHE C 264 -26.77 20.30 21.04
CA PHE C 264 -28.00 20.24 20.24
C PHE C 264 -28.86 21.47 20.50
N ASN C 265 -29.12 22.26 19.44
CA ASN C 265 -29.95 23.47 19.52
C ASN C 265 -31.02 23.50 18.43
N PRO C 266 -32.13 22.77 18.62
CA PRO C 266 -33.14 22.63 17.56
C PRO C 266 -34.12 23.78 17.53
N VAL C 267 -34.61 24.07 16.34
CA VAL C 267 -35.62 25.10 16.14
C VAL C 267 -36.79 24.50 15.37
N ILE C 268 -37.99 24.66 15.92
CA ILE C 268 -39.21 24.24 15.25
C ILE C 268 -40.24 25.28 15.65
N LYS C 269 -40.85 25.91 14.67
CA LYS C 269 -41.76 27.00 14.97
C LYS C 269 -42.73 27.19 13.81
N TRP C 270 -43.77 27.93 14.09
CA TRP C 270 -44.87 28.17 13.17
C TRP C 270 -44.87 29.61 12.70
N TYR C 271 -45.22 29.80 11.45
CA TYR C 271 -45.34 31.13 10.89
C TYR C 271 -46.70 31.23 10.26
N ILE C 272 -47.23 32.43 10.21
CA ILE C 272 -48.43 32.68 9.44
C ILE C 272 -48.00 33.55 8.27
N LYS C 273 -48.56 33.30 7.12
CA LYS C 273 -48.19 34.04 5.93
C LYS C 273 -49.50 34.66 5.45
N ASP C 274 -49.70 35.91 5.83
CA ASP C 274 -50.77 36.77 5.35
C ASP C 274 -50.13 37.92 4.60
N SER C 275 -50.94 38.90 4.23
CA SER C 275 -50.93 39.50 2.91
C SER C 275 -49.56 39.41 2.27
N ASP C 276 -48.52 40.03 2.82
CA ASP C 276 -47.17 39.68 2.36
C ASP C 276 -46.18 39.44 3.49
N LEU C 277 -46.66 39.34 4.72
CA LEU C 277 -45.78 39.23 5.86
C LEU C 277 -45.61 37.78 6.29
N GLU C 278 -44.60 37.57 7.10
CA GLU C 278 -44.43 36.33 7.82
C GLU C 278 -44.20 36.75 9.26
N TRP C 279 -44.90 36.12 10.19
CA TRP C 279 -44.67 36.45 11.58
C TRP C 279 -44.83 35.17 12.36
N GLU C 280 -44.14 35.08 13.49
CA GLU C 280 -44.12 33.85 14.25
C GLU C 280 -45.38 33.72 15.11
N VAL C 281 -46.05 32.58 15.05
CA VAL C 281 -47.25 32.37 15.86
C VAL C 281 -46.85 32.10 17.31
N SER C 282 -47.77 32.42 18.23
CA SER C 282 -47.55 32.33 19.67
C SER C 282 -47.99 30.98 20.19
N VAL C 283 -47.77 29.97 19.35
CA VAL C 283 -47.99 28.55 19.55
C VAL C 283 -47.22 28.10 20.80
N PRO C 284 -47.58 27.03 21.49
CA PRO C 284 -46.85 26.75 22.73
C PRO C 284 -45.55 25.97 22.51
N GLU C 285 -44.67 26.08 23.51
CA GLU C 285 -43.31 25.53 23.50
C GLU C 285 -43.31 24.07 23.04
N ALA C 286 -42.37 23.75 22.14
CA ALA C 286 -42.34 22.42 21.53
C ALA C 286 -42.03 21.36 22.58
N LYS C 287 -42.25 20.11 22.21
CA LYS C 287 -41.89 19.01 23.08
C LYS C 287 -41.33 17.91 22.21
N SER C 288 -40.56 17.03 22.82
CA SER C 288 -40.02 15.94 22.07
C SER C 288 -40.97 14.78 22.20
N ILE C 289 -41.15 14.05 21.10
CA ILE C 289 -42.03 12.90 21.03
C ILE C 289 -41.29 11.64 20.70
N LYS C 290 -39.98 11.70 20.54
CA LYS C 290 -39.20 10.50 20.35
C LYS C 290 -37.76 10.88 20.60
N SER C 291 -37.00 10.00 21.27
CA SER C 291 -35.58 10.28 21.53
C SER C 291 -34.80 8.97 21.52
N THR C 292 -34.12 8.72 20.41
CA THR C 292 -33.19 7.60 20.31
C THR C 292 -31.91 8.13 19.72
N LEU C 293 -30.86 7.32 19.79
CA LEU C 293 -29.57 7.76 19.29
C LEU C 293 -29.69 8.30 17.88
N LYS C 294 -30.60 7.76 17.07
CA LYS C 294 -30.67 8.22 15.68
C LYS C 294 -31.61 9.40 15.51
N ASP C 295 -32.68 9.45 16.30
CA ASP C 295 -33.74 10.41 16.11
C ASP C 295 -34.10 11.08 17.42
N GLU C 296 -34.13 12.41 17.41
CA GLU C 296 -34.96 13.17 18.32
C GLU C 296 -36.09 13.70 17.44
N ILE C 297 -37.33 13.36 17.75
CA ILE C 297 -38.45 13.89 16.97
C ILE C 297 -39.23 14.86 17.84
N ILE C 298 -39.37 16.09 17.37
CA ILE C 298 -39.89 17.19 18.17
C ILE C 298 -41.10 17.74 17.44
N GLU C 299 -42.23 17.84 18.14
CA GLU C 299 -43.44 18.35 17.51
C GLU C 299 -43.89 19.66 18.11
N ARG C 300 -44.47 20.49 17.27
CA ARG C 300 -44.98 21.76 17.75
C ARG C 300 -46.25 22.11 17.00
N ASN C 301 -47.34 22.19 17.75
CA ASN C 301 -48.70 22.24 17.22
C ASN C 301 -49.19 23.67 17.24
N ILE C 302 -50.03 24.00 16.28
CA ILE C 302 -50.75 25.27 16.26
C ILE C 302 -52.22 24.98 16.54
N ILE C 303 -52.85 25.75 17.43
CA ILE C 303 -54.22 25.46 17.82
C ILE C 303 -55.09 26.67 17.55
N LEU C 304 -56.12 26.48 16.75
CA LEU C 304 -57.14 27.48 16.43
C LEU C 304 -58.46 27.07 17.06
N GLU C 305 -59.08 27.98 17.82
CA GLU C 305 -60.36 27.70 18.49
C GLU C 305 -61.47 27.41 17.50
N LYS C 306 -61.62 28.25 16.49
CA LYS C 306 -62.62 28.02 15.44
C LYS C 306 -62.07 28.60 14.16
N VAL C 307 -61.99 27.77 13.11
CA VAL C 307 -61.48 28.23 11.82
C VAL C 307 -62.43 29.31 11.35
N THR C 308 -61.93 30.53 11.26
CA THR C 308 -62.76 31.60 10.77
C THR C 308 -62.67 31.68 9.25
N GLN C 309 -63.43 32.62 8.70
CA GLN C 309 -63.37 32.85 7.27
C GLN C 309 -62.01 33.39 6.83
N ARG C 310 -61.34 34.17 7.69
CA ARG C 310 -60.05 34.75 7.32
C ARG C 310 -58.98 33.67 7.13
N ASP C 311 -59.00 32.67 8.00
CA ASP C 311 -58.00 31.62 8.08
C ASP C 311 -57.85 30.82 6.79
N LEU C 312 -58.77 30.94 5.84
CA LEU C 312 -58.57 30.29 4.56
C LEU C 312 -57.80 31.16 3.58
N ARG C 313 -57.55 32.41 3.91
CA ARG C 313 -56.93 33.33 2.98
C ARG C 313 -55.43 33.43 3.17
N ARG C 314 -54.91 32.75 4.18
CA ARG C 314 -53.51 32.81 4.61
C ARG C 314 -52.87 31.44 4.49
N LYS C 315 -51.58 31.38 4.74
CA LYS C 315 -50.89 30.10 4.82
C LYS C 315 -50.23 29.93 6.19
N PHE C 316 -50.17 28.69 6.63
CA PHE C 316 -49.49 28.35 7.87
C PHE C 316 -48.22 27.61 7.46
N VAL C 317 -47.06 28.03 7.98
CA VAL C 317 -45.79 27.46 7.55
C VAL C 317 -45.00 26.97 8.76
N CYS C 318 -44.74 25.66 8.80
CA CYS C 318 -43.82 25.09 9.77
C CYS C 318 -42.38 25.26 9.29
N PHE C 319 -41.51 25.65 10.23
CA PHE C 319 -40.10 25.93 9.96
C PHE C 319 -39.22 25.22 10.97
N VAL C 320 -38.35 24.33 10.52
CA VAL C 320 -37.45 23.66 11.45
C VAL C 320 -36.01 23.98 11.05
N GLN C 321 -35.11 23.97 12.02
CA GLN C 321 -33.74 24.36 11.74
C GLN C 321 -32.79 23.62 12.67
N ASN C 322 -31.61 23.26 12.12
CA ASN C 322 -30.50 22.50 12.72
C ASN C 322 -29.23 23.29 12.49
N SER C 323 -28.15 22.89 13.15
CA SER C 323 -26.92 23.61 12.90
C SER C 323 -26.41 23.42 11.48
N ILE C 324 -27.05 22.54 10.69
CA ILE C 324 -26.71 22.35 9.29
C ILE C 324 -27.58 23.24 8.39
N GLY C 325 -28.83 23.49 8.76
CA GLY C 325 -29.73 24.21 7.88
C GLY C 325 -31.15 24.36 8.43
N ASN C 326 -32.08 24.59 7.50
CA ASN C 326 -33.47 24.76 7.86
C ASN C 326 -34.35 24.38 6.68
N THR C 327 -35.53 23.84 6.96
CA THR C 327 -36.48 23.45 5.93
C THR C 327 -37.86 23.92 6.33
N THR C 328 -38.75 24.05 5.36
CA THR C 328 -40.08 24.57 5.67
C THR C 328 -41.15 23.69 5.05
N GLN C 329 -42.39 23.94 5.49
CA GLN C 329 -43.57 23.27 4.94
C GLN C 329 -44.77 24.17 5.13
N SER C 330 -45.49 24.50 4.05
CA SER C 330 -46.67 25.35 4.18
C SER C 330 -47.92 24.48 4.19
N VAL C 331 -49.01 25.04 4.75
CA VAL C 331 -50.32 24.38 4.78
C VAL C 331 -51.36 25.42 4.41
N GLN C 332 -52.11 25.16 3.36
CA GLN C 332 -53.17 26.04 2.89
C GLN C 332 -54.49 25.46 3.32
N LEU C 333 -55.27 26.22 4.10
CA LEU C 333 -56.56 25.72 4.55
C LEU C 333 -57.59 25.86 3.45
N LYS C 334 -58.40 24.83 3.28
CA LYS C 334 -59.50 24.85 2.33
C LYS C 334 -60.81 24.73 3.07
N GLU C 335 -61.90 25.04 2.37
CA GLU C 335 -63.19 24.93 2.99
C GLU C 335 -63.76 23.54 2.75
N LYS C 336 -64.28 22.93 3.82
CA LYS C 336 -64.89 21.60 3.73
C LYS C 336 -65.75 21.49 2.48
N ARG C 337 -66.57 22.49 2.24
CA ARG C 337 -67.46 22.49 1.09
C ARG C 337 -66.88 23.29 -0.06
N GLY D 1 5.68 -21.28 1.46
CA GLY D 1 4.79 -22.39 1.21
C GLY D 1 4.13 -22.96 2.48
N PRO D 2 4.97 -23.32 3.50
CA PRO D 2 4.47 -23.44 4.89
C PRO D 2 4.70 -22.18 5.76
N LEU D 3 3.72 -21.80 6.58
CA LEU D 3 3.85 -20.62 7.45
C LEU D 3 4.67 -20.96 8.71
N ASP D 4 6.03 -21.17 8.50
CA ASP D 4 7.04 -21.58 9.50
C ASP D 4 8.08 -20.46 9.76
N PRO D 5 8.62 -20.36 11.00
CA PRO D 5 9.33 -19.12 11.43
C PRO D 5 10.46 -18.76 10.48
N GLU D 6 10.41 -17.57 9.87
CA GLU D 6 11.21 -17.36 8.68
C GLU D 6 12.22 -16.22 8.85
N VAL D 7 12.98 -16.07 7.77
CA VAL D 7 14.37 -15.62 7.79
C VAL D 7 14.47 -14.10 7.80
N GLN D 8 15.21 -13.57 8.77
CA GLN D 8 15.54 -12.17 8.74
C GLN D 8 17.06 -12.02 8.66
N LEU D 9 17.50 -10.82 8.28
CA LEU D 9 18.93 -10.52 8.23
C LEU D 9 19.09 -9.05 8.60
N VAL D 10 19.60 -8.81 9.79
CA VAL D 10 19.88 -7.49 10.30
C VAL D 10 21.36 -7.18 10.14
N GLU D 11 21.66 -5.99 9.61
CA GLU D 11 23.01 -5.46 9.44
C GLU D 11 23.24 -4.31 10.41
N SER D 12 24.50 -4.12 10.81
CA SER D 12 24.80 -3.03 11.75
C SER D 12 26.29 -2.71 11.76
N GLY D 13 26.59 -1.56 12.37
CA GLY D 13 27.96 -1.15 12.61
C GLY D 13 28.53 -0.17 11.62
N GLY D 14 27.76 0.26 10.63
CA GLY D 14 28.30 1.15 9.64
C GLY D 14 28.43 2.56 10.17
N GLY D 15 29.29 3.34 9.53
CA GLY D 15 29.44 4.72 9.94
C GLY D 15 30.49 5.42 9.12
N LEU D 16 30.72 6.69 9.47
CA LEU D 16 31.68 7.51 8.77
C LEU D 16 33.02 7.29 9.43
N VAL D 17 33.96 6.75 8.68
CA VAL D 17 35.28 6.39 9.17
C VAL D 17 36.32 7.02 8.26
N GLN D 18 37.41 7.42 8.87
CA GLN D 18 38.52 8.01 8.14
C GLN D 18 39.31 6.95 7.37
N PRO D 19 39.92 7.33 6.25
CA PRO D 19 40.78 6.39 5.52
C PRO D 19 41.91 5.90 6.41
N GLY D 20 42.27 4.62 6.24
CA GLY D 20 43.27 3.97 7.07
C GLY D 20 42.69 3.39 8.33
N GLY D 21 41.45 3.73 8.67
CA GLY D 21 40.81 3.32 9.90
C GLY D 21 40.19 1.93 9.78
N SER D 22 39.43 1.57 10.80
CA SER D 22 38.79 0.27 10.82
C SER D 22 37.36 0.41 11.33
N LEU D 23 36.56 -0.60 11.03
CA LEU D 23 35.14 -0.59 11.38
C LEU D 23 34.61 -2.01 11.31
N ARG D 24 33.81 -2.40 12.31
CA ARG D 24 33.23 -3.74 12.37
C ARG D 24 31.75 -3.69 12.03
N LEU D 25 31.37 -4.44 10.99
CA LEU D 25 30.00 -4.66 10.55
C LEU D 25 29.51 -5.99 11.07
N SER D 26 28.20 -6.06 11.22
CA SER D 26 27.58 -7.18 11.91
C SER D 26 26.30 -7.53 11.17
N CYS D 27 25.98 -8.81 11.12
CA CYS D 27 24.77 -9.31 10.48
C CYS D 27 24.08 -10.26 11.45
N ALA D 28 22.92 -9.88 11.98
CA ALA D 28 22.20 -10.71 12.95
C ALA D 28 21.25 -11.61 12.16
N ALA D 29 21.67 -12.85 11.95
CA ALA D 29 20.83 -13.81 11.25
C ALA D 29 19.69 -14.29 12.15
N SER D 30 18.56 -14.55 11.52
CA SER D 30 17.36 -14.94 12.23
C SER D 30 16.54 -15.86 11.34
N GLY D 31 16.39 -17.13 11.73
CA GLY D 31 15.49 -18.04 11.02
C GLY D 31 16.18 -19.19 10.34
N PHE D 32 17.50 -19.19 10.35
CA PHE D 32 18.26 -20.26 9.72
C PHE D 32 19.51 -20.60 10.54
N ASN D 33 19.88 -21.88 10.45
CA ASN D 33 21.02 -22.50 11.10
C ASN D 33 22.27 -22.17 10.30
N LEU D 34 23.29 -21.58 10.93
CA LEU D 34 24.48 -21.16 10.19
C LEU D 34 25.33 -22.33 9.73
N TYR D 35 25.07 -23.53 10.22
CA TYR D 35 25.83 -24.68 9.79
C TYR D 35 25.31 -25.28 8.49
N TYR D 36 24.13 -24.87 8.04
CA TYR D 36 23.58 -25.31 6.77
C TYR D 36 23.19 -24.09 5.95
N SER D 37 24.07 -23.09 5.94
CA SER D 37 23.88 -21.84 5.20
C SER D 37 25.23 -21.19 4.99
N SER D 38 25.36 -20.55 3.85
CA SER D 38 26.50 -19.71 3.57
C SER D 38 26.03 -18.27 3.69
N MET D 39 26.85 -17.44 4.32
CA MET D 39 26.51 -16.05 4.56
C MET D 39 27.49 -15.16 3.84
N HIS D 40 26.95 -14.15 3.19
CA HIS D 40 27.70 -13.41 2.20
C HIS D 40 27.52 -11.92 2.43
N TRP D 41 28.59 -11.17 2.23
CA TRP D 41 28.57 -9.72 2.21
C TRP D 41 28.70 -9.24 0.77
N VAL D 42 27.65 -8.60 0.25
CA VAL D 42 27.63 -8.07 -1.10
C VAL D 42 27.45 -6.56 -0.97
N ARG D 43 28.20 -5.82 -1.78
CA ARG D 43 28.47 -4.40 -1.59
C ARG D 43 27.92 -3.60 -2.76
N GLN D 44 27.51 -2.37 -2.49
CA GLN D 44 27.03 -1.51 -3.58
C GLN D 44 27.56 -0.10 -3.39
N ALA D 45 28.63 0.23 -4.12
CA ALA D 45 29.16 1.59 -4.09
C ALA D 45 28.15 2.53 -4.75
N PRO D 46 27.90 3.73 -4.15
CA PRO D 46 26.77 4.58 -4.58
C PRO D 46 26.72 4.84 -6.08
N GLY D 47 25.65 4.35 -6.70
CA GLY D 47 25.45 4.49 -8.13
C GLY D 47 25.83 3.23 -8.89
N LYS D 48 26.96 2.62 -8.58
CA LYS D 48 27.41 1.45 -9.34
C LYS D 48 26.61 0.20 -8.94
N GLY D 49 27.02 -0.95 -9.49
CA GLY D 49 26.33 -2.21 -9.27
C GLY D 49 26.83 -2.99 -8.07
N LEU D 50 26.36 -4.24 -7.99
CA LEU D 50 26.65 -5.10 -6.86
C LEU D 50 28.03 -5.73 -7.06
N GLU D 51 28.76 -5.89 -5.97
CA GLU D 51 30.08 -6.51 -5.96
C GLU D 51 30.17 -7.48 -4.78
N TRP D 52 30.72 -8.66 -5.00
CA TRP D 52 30.88 -9.61 -3.90
C TRP D 52 32.07 -9.19 -3.03
N VAL D 53 31.89 -9.27 -1.71
CA VAL D 53 32.91 -8.93 -0.73
C VAL D 53 33.47 -10.18 -0.04
N ALA D 54 32.63 -10.89 0.72
CA ALA D 54 33.16 -11.98 1.52
C ALA D 54 32.10 -13.06 1.72
N SER D 55 32.55 -14.31 1.83
CA SER D 55 31.71 -15.45 2.13
C SER D 55 32.27 -16.18 3.33
N ILE D 56 31.36 -16.79 4.06
CA ILE D 56 31.72 -17.67 5.15
C ILE D 56 30.85 -18.90 5.08
N TYR D 57 31.45 -20.05 5.34
CA TYR D 57 30.73 -21.31 5.39
C TYR D 57 30.93 -21.95 6.77
N SER D 58 30.08 -21.56 7.74
CA SER D 58 30.32 -21.92 9.15
C SER D 58 30.55 -23.40 9.39
N SER D 59 29.87 -24.28 8.66
CA SER D 59 30.04 -25.72 8.84
C SER D 59 31.53 -26.10 8.83
N TYR D 60 32.22 -25.79 7.75
CA TYR D 60 33.62 -26.18 7.67
C TYR D 60 34.53 -25.08 8.20
N GLY D 61 34.01 -23.91 8.51
CA GLY D 61 34.91 -22.84 8.87
C GLY D 61 35.65 -22.24 7.70
N TYR D 62 35.12 -22.37 6.49
CA TYR D 62 35.76 -21.77 5.32
C TYR D 62 35.32 -20.33 5.16
N THR D 63 36.25 -19.50 4.70
CA THR D 63 36.02 -18.09 4.43
C THR D 63 36.67 -17.70 3.12
N TYR D 64 35.96 -16.95 2.29
CA TYR D 64 36.47 -16.57 0.98
C TYR D 64 36.26 -15.09 0.75
N TYR D 65 37.19 -14.47 0.02
CA TYR D 65 37.20 -13.03 -0.25
C TYR D 65 37.40 -12.75 -1.74
N ALA D 66 36.81 -11.66 -2.21
CA ALA D 66 37.12 -11.15 -3.54
C ALA D 66 38.48 -10.47 -3.43
N ASP D 67 39.32 -10.67 -4.45
CA ASP D 67 40.68 -10.13 -4.43
C ASP D 67 40.71 -8.61 -4.16
N SER D 68 39.77 -7.85 -4.73
CA SER D 68 39.71 -6.39 -4.54
C SER D 68 39.70 -5.98 -3.07
N VAL D 69 39.44 -6.93 -2.19
CA VAL D 69 39.47 -6.73 -0.76
C VAL D 69 40.58 -7.54 -0.10
N LYS D 70 40.86 -8.74 -0.64
CA LYS D 70 41.62 -9.80 0.03
C LYS D 70 42.90 -9.29 0.65
N GLY D 71 42.97 -9.42 1.98
CA GLY D 71 44.06 -8.90 2.78
C GLY D 71 43.61 -7.93 3.85
N ARG D 72 42.57 -7.14 3.57
CA ARG D 72 42.14 -6.09 4.50
C ARG D 72 41.08 -6.57 5.49
N PHE D 73 40.00 -7.16 4.98
CA PHE D 73 38.81 -7.55 5.75
C PHE D 73 38.89 -8.99 6.25
N THR D 74 38.30 -9.23 7.42
CA THR D 74 38.20 -10.58 7.99
C THR D 74 36.73 -10.84 8.25
N ILE D 75 36.21 -11.95 7.71
CA ILE D 75 34.82 -12.32 7.94
C ILE D 75 34.79 -13.44 8.98
N SER D 76 33.88 -13.33 9.95
CA SER D 76 33.77 -14.36 10.97
C SER D 76 32.31 -14.51 11.33
N ALA D 77 32.03 -15.54 12.13
CA ALA D 77 30.66 -15.79 12.55
C ALA D 77 30.67 -16.41 13.93
N ASP D 78 29.66 -16.06 14.70
CA ASP D 78 29.46 -16.56 16.05
C ASP D 78 28.18 -17.39 16.03
N THR D 79 28.32 -18.71 15.89
CA THR D 79 27.11 -19.50 15.72
C THR D 79 26.31 -19.60 17.00
N SER D 80 26.87 -19.15 18.13
CA SER D 80 26.09 -19.11 19.35
C SER D 80 25.17 -17.88 19.40
N LYS D 81 25.35 -16.90 18.51
CA LYS D 81 24.42 -15.78 18.39
C LYS D 81 23.81 -15.66 16.99
N ASN D 82 24.13 -16.59 16.10
CA ASN D 82 23.71 -16.49 14.71
C ASN D 82 24.07 -15.13 14.17
N THR D 83 25.34 -14.76 14.30
CA THR D 83 25.75 -13.44 13.87
C THR D 83 27.06 -13.54 13.12
N ALA D 84 27.09 -12.91 11.95
CA ALA D 84 28.29 -12.83 11.13
C ALA D 84 28.78 -11.41 11.15
N TYR D 85 30.09 -11.25 11.27
CA TYR D 85 30.70 -9.94 11.31
C TYR D 85 31.67 -9.82 10.14
N LEU D 86 31.78 -8.60 9.60
CA LEU D 86 32.81 -8.27 8.59
C LEU D 86 33.70 -7.25 9.26
N GLN D 87 34.93 -7.64 9.54
CA GLN D 87 35.90 -6.78 10.20
C GLN D 87 36.72 -6.05 9.15
N MET D 88 36.51 -4.73 9.06
CA MET D 88 37.14 -3.90 8.05
C MET D 88 38.30 -3.14 8.69
N ASN D 89 39.50 -3.33 8.13
CA ASN D 89 40.71 -2.66 8.57
C ASN D 89 41.25 -1.88 7.39
N SER D 90 41.71 -0.65 7.64
CA SER D 90 42.40 0.16 6.63
C SER D 90 41.52 0.34 5.38
N LEU D 91 40.41 1.04 5.58
CA LEU D 91 39.50 1.37 4.48
C LEU D 91 40.23 2.22 3.45
N ARG D 92 40.21 1.79 2.19
CA ARG D 92 40.93 2.51 1.15
C ARG D 92 40.06 3.51 0.41
N ALA D 93 38.90 3.89 0.95
CA ALA D 93 38.01 4.97 0.53
C ALA D 93 37.28 4.65 -0.77
N GLU D 94 37.54 3.51 -1.39
CA GLU D 94 36.68 2.94 -2.40
C GLU D 94 35.70 1.97 -1.76
N ASP D 95 35.98 1.56 -0.51
CA ASP D 95 35.07 0.76 0.31
C ASP D 95 33.74 1.44 0.61
N THR D 96 33.66 2.74 0.37
CA THR D 96 32.42 3.49 0.53
C THR D 96 31.30 2.85 -0.26
N ALA D 97 30.30 2.35 0.45
CA ALA D 97 29.22 1.60 -0.17
C ALA D 97 28.24 1.15 0.91
N VAL D 98 27.08 0.66 0.48
CA VAL D 98 26.17 -0.04 1.37
C VAL D 98 26.51 -1.53 1.33
N TYR D 99 26.59 -2.14 2.50
CA TYR D 99 26.99 -3.53 2.68
C TYR D 99 25.79 -4.39 3.05
N TYR D 100 25.39 -5.26 2.13
CA TYR D 100 24.33 -6.23 2.37
C TYR D 100 24.97 -7.53 2.84
N CYS D 101 24.27 -8.21 3.74
CA CYS D 101 24.54 -9.62 3.94
C CYS D 101 23.36 -10.39 3.36
N ALA D 102 23.63 -11.58 2.85
CA ALA D 102 22.60 -12.38 2.21
C ALA D 102 22.93 -13.84 2.44
N ARG D 103 21.89 -14.65 2.53
CA ARG D 103 22.01 -16.07 2.80
C ARG D 103 22.04 -16.87 1.52
N SER D 104 22.67 -18.05 1.56
CA SER D 104 22.36 -19.07 0.58
C SER D 104 22.19 -20.43 1.25
N SER D 105 21.59 -21.38 0.52
CA SER D 105 21.44 -22.74 1.03
C SER D 105 22.71 -23.54 0.81
N PHE D 106 23.41 -23.85 1.89
CA PHE D 106 24.68 -24.60 1.80
C PHE D 106 24.54 -25.83 2.68
N SER D 107 23.86 -26.80 2.11
CA SER D 107 23.49 -28.08 2.72
C SER D 107 23.20 -29.07 1.61
N HIS D 108 23.09 -30.33 1.98
CA HIS D 108 22.91 -31.44 1.02
C HIS D 108 24.11 -31.42 0.10
N GLY D 109 23.95 -31.71 -1.15
CA GLY D 109 25.18 -31.74 -1.95
C GLY D 109 26.05 -30.48 -2.04
N TYR D 110 25.56 -29.34 -1.53
CA TYR D 110 26.20 -28.01 -1.54
C TYR D 110 26.16 -27.30 -2.89
N GLY D 111 25.09 -27.45 -3.65
CA GLY D 111 24.93 -26.69 -4.87
C GLY D 111 24.36 -25.33 -4.56
N TRP D 112 24.35 -24.45 -5.53
CA TRP D 112 24.13 -23.02 -5.29
C TRP D 112 22.77 -22.62 -5.86
N TYR D 113 21.80 -22.32 -4.99
CA TYR D 113 20.47 -21.93 -5.48
C TYR D 113 20.18 -20.44 -5.27
N GLY D 114 21.23 -19.62 -5.28
CA GLY D 114 21.10 -18.19 -5.13
C GLY D 114 21.17 -17.68 -3.69
N LEU D 115 21.24 -16.35 -3.59
CA LEU D 115 21.16 -15.64 -2.32
C LEU D 115 19.69 -15.39 -2.08
N ASP D 116 19.10 -16.16 -1.17
CA ASP D 116 17.65 -16.15 -1.08
C ASP D 116 17.17 -14.96 -0.29
N TYR D 117 17.94 -14.55 0.72
CA TYR D 117 17.54 -13.56 1.70
C TYR D 117 18.63 -12.53 1.85
N TRP D 118 18.29 -11.25 1.74
CA TRP D 118 19.24 -10.17 1.97
C TRP D 118 18.78 -9.33 3.15
N GLY D 119 19.72 -8.67 3.80
CA GLY D 119 19.37 -7.65 4.76
C GLY D 119 19.12 -6.31 4.08
N GLN D 120 18.76 -5.33 4.88
CA GLN D 120 18.56 -4.00 4.31
C GLN D 120 19.88 -3.34 3.92
N GLY D 121 20.99 -3.78 4.51
CA GLY D 121 22.27 -3.18 4.21
C GLY D 121 22.60 -2.08 5.18
N THR D 122 23.88 -1.91 5.44
CA THR D 122 24.32 -0.83 6.32
C THR D 122 25.36 0.01 5.58
N LEU D 123 25.20 1.34 5.68
CA LEU D 123 25.97 2.29 4.89
C LEU D 123 27.29 2.65 5.55
N VAL D 124 28.38 2.52 4.79
CA VAL D 124 29.74 2.84 5.24
C VAL D 124 30.36 3.86 4.29
N THR D 125 30.79 5.01 4.84
CA THR D 125 31.41 6.07 4.05
C THR D 125 32.84 6.34 4.53
N VAL D 126 33.77 6.45 3.58
CA VAL D 126 35.19 6.65 3.87
C VAL D 126 35.73 7.90 3.17
N PRO D 153 25.63 0.30 -13.85
CA PRO D 153 24.80 -0.50 -14.77
C PRO D 153 24.35 0.22 -16.06
N SER D 154 24.22 -0.56 -17.13
CA SER D 154 23.79 -0.11 -18.45
C SER D 154 22.26 -0.02 -18.54
N SER D 155 21.74 0.22 -19.75
CA SER D 155 20.34 0.59 -19.94
C SER D 155 19.73 -0.13 -21.14
N LEU D 156 18.46 -0.53 -20.98
CA LEU D 156 17.69 -1.20 -22.02
C LEU D 156 16.57 -0.35 -22.61
N SER D 157 15.60 0.10 -21.80
CA SER D 157 14.52 0.96 -22.33
C SER D 157 13.54 0.36 -23.35
N ALA D 158 12.50 -0.32 -22.90
CA ALA D 158 11.37 -0.77 -23.72
C ALA D 158 10.09 -0.36 -22.98
N SER D 159 8.94 -0.93 -23.34
CA SER D 159 7.64 -0.50 -22.79
C SER D 159 6.73 -1.67 -22.42
N VAL D 160 5.63 -1.34 -21.70
CA VAL D 160 4.69 -2.33 -21.14
C VAL D 160 4.05 -3.19 -22.22
N GLY D 161 4.39 -4.48 -22.22
CA GLY D 161 3.87 -5.43 -23.18
C GLY D 161 4.92 -6.07 -24.06
N ASP D 162 6.12 -5.50 -24.11
CA ASP D 162 7.20 -5.98 -24.96
C ASP D 162 7.85 -7.24 -24.38
N ARG D 163 8.49 -7.98 -25.28
CA ARG D 163 9.41 -9.03 -24.89
C ARG D 163 10.79 -8.38 -24.76
N VAL D 164 11.48 -8.70 -23.67
CA VAL D 164 12.83 -8.21 -23.41
C VAL D 164 13.73 -9.41 -23.12
N THR D 165 14.91 -9.40 -23.71
CA THR D 165 15.92 -10.42 -23.49
C THR D 165 17.20 -9.73 -23.07
N ILE D 166 17.87 -10.25 -22.04
CA ILE D 166 19.11 -9.69 -21.53
C ILE D 166 20.14 -10.81 -21.52
N THR D 167 21.27 -10.61 -22.20
CA THR D 167 22.32 -11.62 -22.31
C THR D 167 23.48 -11.36 -21.36
N CYS D 168 24.30 -12.38 -21.14
CA CYS D 168 25.46 -12.23 -20.23
C CYS D 168 26.52 -13.28 -20.53
N ARG D 169 27.62 -12.87 -21.17
CA ARG D 169 28.67 -13.78 -21.61
C ARG D 169 29.87 -13.69 -20.67
N ALA D 170 30.63 -14.79 -20.58
CA ALA D 170 31.85 -14.79 -19.79
C ALA D 170 32.97 -15.52 -20.54
N SER D 175 32.94 -24.25 -12.28
CA SER D 175 31.75 -24.02 -13.13
C SER D 175 30.50 -23.89 -12.24
N SER D 176 29.61 -22.93 -12.56
CA SER D 176 28.50 -22.59 -11.68
C SER D 176 27.10 -22.91 -12.24
N ALA D 177 26.11 -22.58 -11.40
CA ALA D 177 24.68 -22.56 -11.71
C ALA D 177 24.25 -21.12 -11.48
N VAL D 178 23.96 -20.40 -12.56
CA VAL D 178 23.75 -18.96 -12.45
C VAL D 178 22.41 -18.57 -11.83
N ALA D 179 22.33 -17.31 -11.39
CA ALA D 179 21.18 -16.76 -10.69
C ALA D 179 20.95 -15.33 -11.18
N TRP D 180 19.70 -14.90 -11.11
CA TRP D 180 19.32 -13.57 -11.56
C TRP D 180 18.60 -12.81 -10.46
N TYR D 181 19.03 -11.56 -10.22
CA TYR D 181 18.46 -10.71 -9.17
C TYR D 181 17.81 -9.46 -9.76
N GLN D 182 16.84 -8.90 -9.03
CA GLN D 182 16.13 -7.69 -9.44
C GLN D 182 16.16 -6.64 -8.33
N GLN D 183 16.88 -5.54 -8.54
CA GLN D 183 17.00 -4.49 -7.54
C GLN D 183 16.12 -3.30 -7.91
N LYS D 184 15.49 -2.82 -6.99
CA LYS D 184 14.76 -1.59 -7.16
C LYS D 184 15.55 -0.47 -6.51
N PRO D 185 15.50 0.78 -7.04
CA PRO D 185 16.54 1.79 -6.76
C PRO D 185 17.17 1.77 -5.36
N GLY D 186 16.37 1.75 -4.28
CA GLY D 186 16.97 1.84 -2.96
C GLY D 186 16.73 0.67 -2.02
N LYS D 187 16.39 -0.47 -2.56
CA LYS D 187 16.16 -1.64 -1.73
C LYS D 187 17.21 -2.71 -2.03
N ALA D 188 17.15 -3.83 -1.25
CA ALA D 188 18.13 -4.88 -1.47
C ALA D 188 17.63 -5.85 -2.53
N PRO D 189 18.55 -6.40 -3.33
CA PRO D 189 18.16 -7.26 -4.47
C PRO D 189 17.19 -8.39 -4.08
N LYS D 190 16.35 -8.78 -5.05
CA LYS D 190 15.44 -9.90 -4.91
C LYS D 190 15.93 -11.01 -5.83
N LEU D 191 15.73 -12.26 -5.42
CA LEU D 191 16.10 -13.38 -6.28
C LEU D 191 14.99 -13.64 -7.30
N LEU D 192 15.37 -13.74 -8.57
CA LEU D 192 14.40 -14.20 -9.55
C LEU D 192 14.65 -15.64 -9.95
N ILE D 193 15.88 -15.98 -10.28
CA ILE D 193 16.14 -17.27 -10.89
C ILE D 193 17.38 -17.89 -10.27
N TYR D 194 17.35 -19.21 -10.14
CA TYR D 194 18.44 -20.02 -9.63
C TYR D 194 18.64 -21.17 -10.60
N SER D 195 19.80 -21.81 -10.50
CA SER D 195 20.13 -22.97 -11.34
C SER D 195 19.85 -22.69 -12.82
N ALA D 196 20.00 -21.41 -13.18
CA ALA D 196 19.96 -20.85 -14.52
C ALA D 196 18.63 -20.87 -15.25
N SER D 197 17.70 -21.73 -14.87
CA SER D 197 16.37 -21.85 -15.49
C SER D 197 15.23 -21.82 -14.50
N SER D 198 15.44 -22.42 -13.34
CA SER D 198 14.40 -22.58 -12.34
C SER D 198 13.96 -21.24 -11.76
N LEU D 199 12.66 -21.09 -11.52
CA LEU D 199 12.09 -19.78 -11.22
C LEU D 199 11.79 -19.70 -9.73
N TYR D 200 12.38 -18.72 -9.07
CA TYR D 200 12.33 -18.62 -7.61
C TYR D 200 10.89 -18.36 -7.14
N SER D 201 10.66 -18.68 -5.87
CA SER D 201 9.33 -18.59 -5.30
C SER D 201 8.85 -17.14 -5.29
N GLY D 202 7.61 -16.93 -5.74
CA GLY D 202 7.03 -15.60 -5.86
C GLY D 202 7.20 -14.94 -7.21
N VAL D 203 8.35 -15.17 -7.85
CA VAL D 203 8.73 -14.59 -9.15
C VAL D 203 7.70 -14.96 -10.22
N PRO D 204 7.12 -13.99 -10.93
CA PRO D 204 6.07 -14.32 -11.91
C PRO D 204 6.59 -15.13 -13.09
N SER D 205 5.68 -15.93 -13.67
CA SER D 205 6.05 -16.86 -14.73
C SER D 205 6.58 -16.18 -16.00
N ARG D 206 6.48 -14.85 -16.09
CA ARG D 206 6.99 -14.11 -17.24
C ARG D 206 8.46 -14.39 -17.50
N PHE D 207 9.25 -14.54 -16.44
CA PHE D 207 10.70 -14.60 -16.55
C PHE D 207 11.18 -15.97 -17.05
N SER D 208 12.36 -15.98 -17.65
CA SER D 208 13.02 -17.18 -18.19
C SER D 208 14.53 -17.01 -18.08
N GLY D 209 15.23 -18.13 -17.99
CA GLY D 209 16.68 -18.11 -17.93
C GLY D 209 17.27 -19.21 -18.79
N SER D 210 18.45 -18.93 -19.34
CA SER D 210 19.11 -19.89 -20.23
C SER D 210 20.62 -19.86 -20.02
N ARG D 211 21.28 -21.00 -20.26
CA ARG D 211 22.74 -21.07 -20.15
C ARG D 211 23.43 -20.77 -21.48
N SER D 212 23.18 -21.60 -22.50
CA SER D 212 23.66 -21.39 -23.86
C SER D 212 25.17 -21.12 -23.91
N GLY D 213 25.92 -22.17 -23.58
CA GLY D 213 27.36 -22.07 -23.66
C GLY D 213 27.90 -21.18 -22.56
N THR D 214 28.59 -20.11 -22.95
CA THR D 214 29.13 -19.18 -21.98
C THR D 214 28.33 -17.89 -21.91
N ASP D 215 27.13 -17.85 -22.51
CA ASP D 215 26.35 -16.61 -22.53
C ASP D 215 24.94 -16.88 -22.01
N PHE D 216 24.75 -16.63 -20.71
CA PHE D 216 23.45 -16.81 -20.10
C PHE D 216 22.57 -15.59 -20.36
N THR D 217 21.25 -15.84 -20.40
CA THR D 217 20.28 -14.83 -20.82
C THR D 217 18.98 -14.92 -20.02
N LEU D 218 18.59 -13.79 -19.41
CA LEU D 218 17.29 -13.63 -18.75
C LEU D 218 16.26 -13.01 -19.67
N THR D 219 15.01 -13.43 -19.52
CA THR D 219 13.89 -12.98 -20.35
C THR D 219 12.74 -12.51 -19.48
N ILE D 220 12.07 -11.44 -19.90
CA ILE D 220 10.76 -11.08 -19.37
C ILE D 220 9.83 -11.12 -20.56
N SER D 221 8.83 -12.00 -20.52
CA SER D 221 7.99 -12.27 -21.70
C SER D 221 7.19 -11.03 -22.13
N SER D 222 6.35 -10.49 -21.24
CA SER D 222 5.52 -9.31 -21.55
C SER D 222 5.69 -8.33 -20.41
N LEU D 223 6.63 -7.39 -20.57
CA LEU D 223 6.98 -6.45 -19.52
C LEU D 223 5.73 -5.78 -18.96
N GLN D 224 5.71 -5.65 -17.66
CA GLN D 224 4.66 -5.02 -16.90
C GLN D 224 5.20 -3.77 -16.24
N PRO D 225 4.31 -2.89 -15.73
CA PRO D 225 4.78 -1.64 -15.11
C PRO D 225 5.70 -1.84 -13.92
N GLU D 226 5.62 -2.99 -13.23
CA GLU D 226 6.42 -3.25 -12.04
C GLU D 226 7.79 -3.85 -12.35
N ASP D 227 8.05 -4.21 -13.59
CA ASP D 227 9.25 -4.97 -13.86
C ASP D 227 10.44 -4.08 -14.15
N PHE D 228 10.25 -2.77 -14.13
CA PHE D 228 11.36 -1.85 -14.37
C PHE D 228 12.26 -1.83 -13.16
N ALA D 229 13.53 -2.13 -13.36
CA ALA D 229 14.47 -2.26 -12.27
C ALA D 229 15.85 -2.49 -12.87
N THR D 230 16.86 -2.46 -12.01
CA THR D 230 18.19 -2.88 -12.42
C THR D 230 18.27 -4.39 -12.20
N TYR D 231 18.80 -5.12 -13.19
CA TYR D 231 18.90 -6.58 -13.14
C TYR D 231 20.36 -7.03 -13.16
N TYR D 232 20.70 -7.97 -12.27
CA TYR D 232 22.05 -8.50 -12.15
C TYR D 232 22.02 -10.02 -12.34
N CYS D 233 23.04 -10.55 -13.01
CA CYS D 233 23.27 -11.99 -13.12
C CYS D 233 24.44 -12.34 -12.22
N GLN D 234 24.62 -13.64 -11.98
CA GLN D 234 25.63 -14.03 -11.01
C GLN D 234 26.12 -15.45 -11.27
N GLN D 235 27.40 -15.67 -10.99
CA GLN D 235 28.06 -16.95 -11.14
C GLN D 235 28.75 -17.31 -9.83
N TYR D 236 29.10 -18.59 -9.70
CA TYR D 236 29.64 -19.18 -8.47
C TYR D 236 30.79 -20.13 -8.76
N GLY D 237 31.95 -19.89 -8.14
CA GLY D 237 33.14 -20.72 -8.35
C GLY D 237 34.37 -19.99 -8.92
N TYR D 240 35.26 -23.94 -9.95
CA TYR D 240 36.55 -23.84 -9.28
C TYR D 240 36.44 -24.05 -7.77
N ALA D 241 36.25 -22.98 -6.96
CA ALA D 241 35.85 -23.23 -5.57
C ALA D 241 34.59 -22.52 -5.09
N GLY D 242 34.69 -21.23 -4.86
CA GLY D 242 33.57 -20.50 -4.29
C GLY D 242 33.49 -19.02 -4.60
N LEU D 243 34.15 -18.56 -5.67
CA LEU D 243 34.20 -17.14 -5.93
C LEU D 243 32.94 -16.73 -6.69
N ILE D 244 32.22 -15.76 -6.13
CA ILE D 244 30.96 -15.28 -6.70
C ILE D 244 31.24 -14.08 -7.58
N THR D 245 30.70 -14.12 -8.81
CA THR D 245 30.84 -13.06 -9.79
C THR D 245 29.45 -12.57 -10.17
N PHE D 246 29.20 -11.27 -10.01
CA PHE D 246 27.96 -10.63 -10.44
C PHE D 246 28.06 -10.01 -11.83
N GLY D 247 26.91 -9.68 -12.38
CA GLY D 247 26.87 -8.94 -13.62
C GLY D 247 27.09 -7.44 -13.46
N GLN D 248 27.05 -6.75 -14.60
CA GLN D 248 27.25 -5.30 -14.67
C GLN D 248 25.98 -4.50 -14.46
N GLY D 249 24.82 -5.11 -14.64
CA GLY D 249 23.62 -4.36 -14.41
C GLY D 249 22.91 -4.02 -15.71
N THR D 250 21.58 -3.97 -15.65
CA THR D 250 20.76 -3.64 -16.81
C THR D 250 19.52 -2.89 -16.35
N LYS D 251 19.36 -1.66 -16.82
CA LYS D 251 18.19 -0.89 -16.43
C LYS D 251 17.12 -1.13 -17.47
N VAL D 252 16.01 -1.70 -17.03
CA VAL D 252 14.85 -1.97 -17.88
C VAL D 252 13.65 -1.17 -17.39
N ASP E 4 15.04 22.99 -13.25
CA ASP E 4 13.85 23.62 -13.82
C ASP E 4 13.22 24.59 -12.82
N PRO E 5 13.44 25.90 -13.04
CA PRO E 5 12.97 26.88 -12.05
C PRO E 5 11.46 27.06 -12.01
N GLU E 6 11.04 28.00 -11.16
CA GLU E 6 9.64 28.38 -11.04
C GLU E 6 9.26 29.36 -12.16
N VAL E 7 7.97 29.64 -12.25
CA VAL E 7 7.41 30.49 -13.29
C VAL E 7 6.57 31.56 -12.59
N GLN E 8 7.18 32.68 -12.26
CA GLN E 8 6.44 33.76 -11.60
C GLN E 8 5.78 34.66 -12.64
N LEU E 9 4.73 35.36 -12.22
CA LEU E 9 3.96 36.19 -13.15
C LEU E 9 3.41 37.38 -12.35
N VAL E 10 4.12 38.50 -12.36
CA VAL E 10 3.86 39.59 -11.43
C VAL E 10 3.07 40.68 -12.14
N GLU E 11 1.96 41.10 -11.53
CA GLU E 11 1.12 42.15 -12.09
C GLU E 11 1.49 43.51 -11.48
N SER E 12 0.94 44.58 -12.09
CA SER E 12 1.30 45.96 -11.72
C SER E 12 0.20 46.99 -12.03
N SER E 26 0.09 46.09 -16.41
CA SER E 26 1.33 45.38 -16.75
C SER E 26 1.36 44.01 -16.04
N CYS E 27 2.16 43.09 -16.58
CA CYS E 27 2.29 41.73 -16.06
C CYS E 27 3.70 41.24 -16.41
N ALA E 28 4.56 41.11 -15.41
CA ALA E 28 5.94 40.70 -15.64
C ALA E 28 6.03 39.18 -15.58
N ALA E 29 6.37 38.56 -16.70
CA ALA E 29 6.55 37.12 -16.74
C ALA E 29 7.97 36.76 -16.32
N SER E 30 8.20 35.46 -16.16
CA SER E 30 9.50 34.98 -15.72
C SER E 30 9.52 33.45 -15.77
N GLY E 31 10.66 32.89 -16.18
CA GLY E 31 10.84 31.45 -16.23
C GLY E 31 10.22 30.76 -17.42
N PHE E 32 9.83 31.52 -18.44
CA PHE E 32 9.33 30.95 -19.68
C PHE E 32 9.55 31.96 -20.82
N ASN E 33 9.69 31.42 -22.03
CA ASN E 33 9.89 32.19 -23.25
C ASN E 33 8.53 32.57 -23.84
N LEU E 34 8.37 33.81 -24.26
CA LEU E 34 7.08 34.27 -24.72
C LEU E 34 6.74 33.79 -26.13
N TYR E 35 7.67 33.10 -26.79
CA TYR E 35 7.46 32.53 -28.12
C TYR E 35 6.94 31.10 -28.08
N TYR E 36 6.72 30.54 -26.91
CA TYR E 36 6.14 29.21 -26.84
C TYR E 36 5.13 29.13 -25.70
N SER E 37 4.46 30.24 -25.45
CA SER E 37 3.46 30.37 -24.41
C SER E 37 2.50 31.48 -24.84
N SER E 38 1.28 31.42 -24.32
CA SER E 38 0.27 32.44 -24.56
C SER E 38 -0.06 33.15 -23.25
N MET E 39 0.06 34.47 -23.23
CA MET E 39 -0.20 35.26 -22.02
C MET E 39 -1.59 35.89 -22.13
N HIS E 40 -2.39 35.71 -21.07
CA HIS E 40 -3.77 36.19 -21.00
C HIS E 40 -3.96 37.07 -19.77
N TRP E 41 -4.96 37.96 -19.84
CA TRP E 41 -5.45 38.74 -18.71
C TRP E 41 -6.85 38.24 -18.36
N VAL E 42 -7.16 38.14 -17.06
CA VAL E 42 -8.47 37.68 -16.61
C VAL E 42 -9.09 38.71 -15.68
N ARG E 43 -10.38 39.01 -15.91
CA ARG E 43 -11.12 40.01 -15.17
C ARG E 43 -12.24 39.33 -14.39
N GLN E 44 -12.27 39.56 -13.09
CA GLN E 44 -13.27 38.99 -12.20
C GLN E 44 -14.26 40.07 -11.70
N LYS E 48 -19.60 37.79 -9.93
CA LYS E 48 -19.41 37.80 -11.38
C LYS E 48 -18.82 36.48 -11.85
N GLY E 49 -17.96 36.57 -12.86
CA GLY E 49 -17.18 35.44 -13.31
C GLY E 49 -15.71 35.78 -13.40
N LEU E 50 -14.96 34.95 -14.12
CA LEU E 50 -13.56 35.25 -14.40
C LEU E 50 -13.36 35.88 -15.78
N SER E 55 -5.10 37.92 -24.16
CA SER E 55 -4.89 36.98 -25.25
C SER E 55 -3.87 37.48 -26.27
N ILE E 56 -2.61 37.13 -26.05
CA ILE E 56 -1.51 37.42 -26.96
C ILE E 56 -0.79 36.12 -27.29
N TYR E 57 -0.37 35.99 -28.55
CA TYR E 57 0.41 34.85 -29.06
C TYR E 57 1.58 35.42 -29.87
N SER E 58 2.68 35.72 -29.16
CA SER E 58 3.84 36.35 -29.80
C SER E 58 4.53 35.42 -30.80
N SER E 59 4.42 34.10 -30.63
CA SER E 59 4.97 33.18 -31.60
C SER E 59 4.25 33.22 -32.94
N TYR E 60 3.21 34.06 -33.06
CA TYR E 60 2.59 34.37 -34.34
C TYR E 60 2.31 35.85 -34.53
N GLY E 61 2.15 36.63 -33.47
CA GLY E 61 1.84 38.04 -33.61
C GLY E 61 0.35 38.30 -33.71
N TYR E 62 -0.44 37.59 -32.91
CA TYR E 62 -1.90 37.64 -32.94
C TYR E 62 -2.43 38.15 -31.59
N THR E 63 -3.75 38.41 -31.54
CA THR E 63 -4.41 38.96 -30.34
C THR E 63 -5.79 38.32 -30.06
N THR E 74 -6.97 46.82 -25.18
CA THR E 74 -5.81 46.37 -25.96
C THR E 74 -4.83 45.62 -25.07
N ILE E 75 -4.26 44.54 -25.59
CA ILE E 75 -3.28 43.73 -24.87
C ILE E 75 -1.96 43.78 -25.66
N SER E 76 -0.86 44.06 -24.97
CA SER E 76 0.46 44.24 -25.55
C SER E 76 1.49 43.35 -24.82
N ALA E 77 2.67 43.19 -25.41
CA ALA E 77 3.72 42.38 -24.81
C ALA E 77 5.08 42.85 -25.30
N ASP E 78 6.15 42.27 -24.74
CA ASP E 78 7.52 42.56 -25.18
C ASP E 78 8.44 41.44 -24.71
N THR E 79 8.94 40.64 -25.66
CA THR E 79 9.65 39.41 -25.35
C THR E 79 11.05 39.64 -24.81
N SER E 80 11.61 40.85 -25.01
CA SER E 80 12.96 41.12 -24.51
C SER E 80 13.01 41.01 -22.99
N LYS E 81 12.02 41.60 -22.30
CA LYS E 81 11.93 41.57 -20.84
C LYS E 81 10.88 40.59 -20.31
N ASN E 82 10.18 39.87 -21.18
CA ASN E 82 9.16 38.89 -20.79
C ASN E 82 8.00 39.56 -20.03
N THR E 83 7.48 40.65 -20.59
CA THR E 83 6.40 41.41 -19.96
C THR E 83 5.20 41.50 -20.89
N ALA E 84 4.01 41.41 -20.29
CA ALA E 84 2.75 41.64 -20.97
C ALA E 84 2.21 42.98 -20.49
N TYR E 85 1.12 43.42 -21.10
CA TYR E 85 0.53 44.68 -20.68
C TYR E 85 -0.93 44.72 -21.15
N LEU E 86 -1.68 45.66 -20.58
CA LEU E 86 -3.10 45.81 -20.90
C LEU E 86 -3.44 47.28 -20.71
N GLN E 87 -3.73 47.96 -21.82
CA GLN E 87 -4.10 49.37 -21.79
C GLN E 87 -5.61 49.49 -21.86
N MET E 88 -6.17 50.30 -20.97
CA MET E 88 -7.62 50.48 -20.92
C MET E 88 -7.98 51.95 -20.93
N GLU E 94 -17.21 51.67 -14.79
CA GLU E 94 -18.23 50.90 -15.48
C GLU E 94 -17.71 49.49 -15.69
N ASP E 95 -16.41 49.40 -15.97
CA ASP E 95 -15.73 48.14 -16.21
C ASP E 95 -15.14 47.54 -14.95
N THR E 96 -15.66 47.92 -13.78
CA THR E 96 -15.07 47.54 -12.50
C THR E 96 -14.97 46.02 -12.34
N ALA E 97 -13.75 45.56 -12.05
CA ALA E 97 -13.30 44.18 -11.86
C ALA E 97 -11.82 44.25 -11.47
N VAL E 98 -11.27 43.11 -10.97
CA VAL E 98 -9.84 43.02 -10.64
C VAL E 98 -9.11 42.20 -11.69
N TYR E 99 -7.92 42.67 -12.07
CA TYR E 99 -7.20 42.14 -13.22
C TYR E 99 -6.14 41.16 -12.75
N TYR E 100 -6.19 39.93 -13.27
CA TYR E 100 -5.10 38.97 -13.13
C TYR E 100 -4.48 38.74 -14.51
N CYS E 101 -3.34 38.04 -14.52
CA CYS E 101 -2.72 37.58 -15.76
C CYS E 101 -2.25 36.15 -15.61
N ALA E 102 -2.44 35.36 -16.66
CA ALA E 102 -2.09 33.95 -16.63
C ALA E 102 -1.53 33.54 -17.99
N ARG E 103 -0.69 32.51 -17.99
CA ARG E 103 -0.03 32.03 -19.19
C ARG E 103 -0.25 30.53 -19.37
N SER E 104 -0.32 30.08 -20.63
CA SER E 104 -0.64 28.70 -20.96
C SER E 104 0.23 28.20 -22.10
N SER E 105 0.28 26.87 -22.23
CA SER E 105 1.07 26.21 -23.27
C SER E 105 0.62 26.64 -24.66
N PHE E 106 1.57 27.10 -25.46
CA PHE E 106 1.30 27.47 -26.84
C PHE E 106 2.48 26.99 -27.72
N SER E 107 2.42 25.73 -28.13
CA SER E 107 3.49 25.14 -28.93
C SER E 107 3.11 23.71 -29.29
N HIS E 108 3.94 23.12 -30.14
CA HIS E 108 3.91 21.72 -30.51
C HIS E 108 2.65 21.31 -31.25
N GLY E 109 1.89 22.26 -31.74
CA GLY E 109 0.63 21.95 -32.36
C GLY E 109 -0.38 22.99 -31.95
N TYR E 110 -1.59 22.54 -31.63
CA TYR E 110 -2.56 23.50 -31.09
C TYR E 110 -2.33 23.68 -29.59
N GLY E 111 -2.70 22.67 -28.79
CA GLY E 111 -2.22 22.56 -27.42
C GLY E 111 -3.00 23.49 -26.52
N TRP E 112 -3.92 23.00 -25.70
CA TRP E 112 -4.55 23.87 -24.70
C TRP E 112 -4.68 23.08 -23.40
N TYR E 113 -3.71 23.25 -22.52
CA TYR E 113 -3.61 22.52 -21.26
C TYR E 113 -3.75 23.47 -20.07
N GLY E 114 -4.67 24.43 -20.20
CA GLY E 114 -5.07 25.31 -19.12
C GLY E 114 -4.09 26.44 -18.85
N LEU E 115 -4.59 27.51 -18.25
CA LEU E 115 -3.73 28.57 -17.73
C LEU E 115 -3.00 28.04 -16.51
N ASP E 116 -1.69 27.86 -16.65
CA ASP E 116 -0.91 27.06 -15.71
C ASP E 116 -0.32 27.87 -14.57
N TYR E 117 -0.01 29.14 -14.80
CA TYR E 117 0.60 29.97 -13.78
C TYR E 117 -0.09 31.32 -13.76
N TRP E 118 -0.53 31.75 -12.58
CA TRP E 118 -1.16 33.04 -12.33
C TRP E 118 -0.28 33.86 -11.39
N GLY E 119 -0.73 35.08 -11.10
CA GLY E 119 0.02 35.94 -10.21
C GLY E 119 -0.75 36.71 -9.14
N GLN E 120 -0.59 38.04 -9.17
CA GLN E 120 -1.22 38.98 -8.26
C GLN E 120 -2.52 39.51 -8.87
N GLY E 121 -3.09 40.55 -8.27
CA GLY E 121 -4.25 41.24 -8.82
C GLY E 121 -4.73 42.41 -8.00
N SER E 159 -20.07 19.90 2.26
CA SER E 159 -19.95 19.30 3.59
C SER E 159 -18.96 18.13 3.60
N VAL E 160 -18.17 17.98 4.67
CA VAL E 160 -17.03 17.07 4.67
C VAL E 160 -17.56 15.64 4.70
N GLY E 161 -17.61 15.00 3.53
CA GLY E 161 -18.20 13.67 3.39
C GLY E 161 -18.56 13.30 1.97
N VAL E 178 -12.17 22.71 -22.58
CA VAL E 178 -12.88 22.42 -21.35
C VAL E 178 -11.87 22.24 -20.21
N ALA E 179 -11.86 23.20 -19.27
CA ALA E 179 -10.91 23.18 -18.16
C ALA E 179 -11.58 23.76 -16.92
N TRP E 180 -10.97 23.50 -15.75
CA TRP E 180 -11.54 23.83 -14.43
C TRP E 180 -10.48 24.37 -13.46
N TYR E 181 -10.82 25.48 -12.78
CA TYR E 181 -9.96 26.21 -11.84
C TYR E 181 -10.63 26.31 -10.47
N GLN E 182 -9.85 26.74 -9.46
CA GLN E 182 -10.30 26.86 -8.06
C GLN E 182 -9.74 28.13 -7.42
N GLN E 183 -10.62 29.05 -7.01
CA GLN E 183 -10.18 30.33 -6.47
C GLN E 183 -10.43 30.39 -4.95
N LYS E 184 -9.43 29.96 -4.18
CA LYS E 184 -9.49 30.01 -2.72
C LYS E 184 -8.92 31.33 -2.21
N ALA E 188 -6.64 34.56 -7.04
CA ALA E 188 -5.81 33.99 -8.09
C ALA E 188 -6.17 32.52 -8.24
N PRO E 189 -7.02 32.24 -9.22
CA PRO E 189 -7.41 30.85 -9.48
C PRO E 189 -6.19 29.96 -9.69
N LYS E 190 -6.30 28.71 -9.28
CA LYS E 190 -5.30 27.70 -9.59
C LYS E 190 -5.93 26.67 -10.51
N LEU E 191 -5.10 25.99 -11.29
CA LEU E 191 -5.59 25.09 -12.32
C LEU E 191 -5.84 23.72 -11.72
N LEU E 192 -7.01 23.16 -12.01
CA LEU E 192 -7.40 21.88 -11.43
C LEU E 192 -7.38 20.75 -12.44
N ILE E 193 -8.04 20.92 -13.58
CA ILE E 193 -8.16 19.85 -14.56
C ILE E 193 -8.01 20.44 -15.96
N TYR E 194 -7.29 19.72 -16.84
CA TYR E 194 -7.12 20.09 -18.24
C TYR E 194 -7.43 18.88 -19.11
N SER E 195 -7.68 19.16 -20.42
CA SER E 195 -8.00 18.18 -21.48
C SER E 195 -9.12 17.23 -21.03
N ALA E 196 -9.87 17.71 -20.04
CA ALA E 196 -11.11 17.18 -19.49
C ALA E 196 -10.93 15.92 -18.63
N SER E 197 -9.80 15.22 -18.70
CA SER E 197 -9.59 14.06 -17.85
C SER E 197 -8.24 14.12 -17.16
N SER E 198 -7.36 15.00 -17.62
CA SER E 198 -6.00 15.08 -17.14
C SER E 198 -5.91 15.98 -15.91
N LEU E 199 -5.34 15.47 -14.82
CA LEU E 199 -5.11 16.28 -13.64
C LEU E 199 -3.80 17.04 -13.83
N TYR E 200 -3.87 18.35 -13.67
CA TYR E 200 -2.67 19.16 -13.66
C TYR E 200 -1.80 18.76 -12.46
N SER E 201 -0.51 18.52 -12.69
CA SER E 201 0.36 18.02 -11.63
C SER E 201 0.29 18.93 -10.41
N GLY E 202 -0.01 18.31 -9.26
CA GLY E 202 -0.34 19.02 -8.03
C GLY E 202 -1.81 19.01 -7.67
N VAL E 203 -2.64 18.28 -8.41
CA VAL E 203 -4.08 18.19 -8.17
C VAL E 203 -4.42 16.76 -7.80
N PRO E 204 -5.09 16.51 -6.64
CA PRO E 204 -5.32 15.16 -6.11
C PRO E 204 -6.35 14.29 -6.87
N GLY E 209 -13.87 14.37 -14.46
CA GLY E 209 -14.35 14.59 -15.81
C GLY E 209 -14.49 13.32 -16.62
N SER E 210 -15.22 13.43 -17.74
CA SER E 210 -15.50 12.32 -18.65
C SER E 210 -15.93 12.88 -20.00
N ARG E 211 -16.46 12.02 -20.87
CA ARG E 211 -17.07 12.49 -22.11
C ARG E 211 -18.31 13.35 -21.85
N SER E 212 -19.20 12.88 -20.96
CA SER E 212 -20.42 13.60 -20.54
C SER E 212 -21.24 14.08 -21.75
N GLY E 213 -20.87 13.63 -22.95
CA GLY E 213 -21.63 13.87 -24.16
C GLY E 213 -21.63 12.61 -25.01
N THR E 214 -21.29 11.47 -24.41
CA THR E 214 -21.08 10.21 -25.14
C THR E 214 -20.04 10.43 -26.27
N SER E 222 -15.06 12.42 -2.89
CA SER E 222 -14.87 12.50 -1.44
C SER E 222 -14.33 13.88 -1.00
N LEU E 223 -15.21 14.88 -0.90
CA LEU E 223 -14.82 16.28 -0.74
C LEU E 223 -14.05 16.53 0.57
N GLN E 224 -12.78 16.93 0.45
CA GLN E 224 -11.86 17.04 1.57
C GLN E 224 -11.99 18.38 2.26
N PRO E 225 -11.39 18.54 3.47
CA PRO E 225 -11.53 19.82 4.20
C PRO E 225 -11.14 21.07 3.42
N GLU E 226 -10.18 20.99 2.49
CA GLU E 226 -9.66 22.15 1.80
C GLU E 226 -10.20 22.31 0.37
N ASP E 227 -11.12 21.44 -0.06
CA ASP E 227 -11.74 21.50 -1.37
C ASP E 227 -12.89 22.53 -1.45
N PHE E 228 -13.22 23.23 -0.35
CA PHE E 228 -14.30 24.23 -0.37
C PHE E 228 -13.73 25.55 -0.89
N ALA E 229 -13.67 25.64 -2.21
CA ALA E 229 -13.17 26.82 -2.91
C ALA E 229 -14.05 27.08 -4.11
N THR E 230 -14.08 28.33 -4.57
CA THR E 230 -14.88 28.66 -5.74
C THR E 230 -14.25 28.04 -6.98
N TYR E 231 -15.09 27.39 -7.78
CA TYR E 231 -14.66 26.65 -8.95
C TYR E 231 -15.29 27.28 -10.19
N TYR E 232 -14.57 27.19 -11.30
CA TYR E 232 -15.04 27.73 -12.57
C TYR E 232 -14.80 26.67 -13.65
N CYS E 233 -15.15 27.02 -14.88
CA CYS E 233 -14.85 26.18 -16.03
C CYS E 233 -14.55 27.07 -17.25
N GLN E 234 -13.86 26.49 -18.25
CA GLN E 234 -13.62 27.15 -19.56
C GLN E 234 -13.31 26.16 -20.69
N LEU E 243 -10.39 32.07 -28.55
CA LEU E 243 -11.55 32.45 -27.75
C LEU E 243 -11.63 31.62 -26.48
N ILE E 244 -11.68 32.28 -25.31
CA ILE E 244 -11.93 31.55 -24.07
C ILE E 244 -13.34 31.85 -23.57
N GLN E 248 -19.08 29.57 -15.37
CA GLN E 248 -19.67 30.69 -14.64
C GLN E 248 -19.16 30.76 -13.19
N GLY E 249 -19.18 29.60 -12.54
CA GLY E 249 -18.88 29.48 -11.13
C GLY E 249 -19.78 28.46 -10.44
N THR E 250 -19.23 27.71 -9.49
CA THR E 250 -20.01 26.73 -8.74
C THR E 250 -19.31 26.50 -7.41
N GLU F 6 -20.46 28.71 20.47
CA GLU F 6 -20.49 29.82 21.42
C GLU F 6 -20.18 29.35 22.83
N VAL F 7 -20.47 28.08 23.11
CA VAL F 7 -20.86 27.60 24.43
C VAL F 7 -19.92 28.15 25.49
N GLN F 8 -20.49 28.83 26.47
CA GLN F 8 -19.75 29.32 27.63
C GLN F 8 -20.43 28.83 28.91
N LEU F 9 -19.75 29.08 30.04
CA LEU F 9 -20.37 28.87 31.35
C LEU F 9 -19.79 29.94 32.27
N VAL F 10 -20.60 30.96 32.56
CA VAL F 10 -20.20 32.05 33.45
C VAL F 10 -20.72 31.72 34.85
N GLU F 11 -19.84 31.79 35.83
CA GLU F 11 -20.18 31.44 37.19
C GLU F 11 -20.15 32.69 38.06
N SER F 12 -21.02 32.74 39.06
CA SER F 12 -21.13 33.94 39.90
C SER F 12 -21.92 33.60 41.15
N GLY F 13 -21.91 34.55 42.10
CA GLY F 13 -22.77 34.52 43.26
C GLY F 13 -22.16 34.07 44.58
N GLY F 14 -20.86 33.78 44.61
CA GLY F 14 -20.26 33.11 45.77
C GLY F 14 -19.88 33.94 46.98
N GLY F 15 -18.57 34.00 47.30
CA GLY F 15 -18.12 34.86 48.39
C GLY F 15 -18.03 34.11 49.70
N LEU F 16 -17.68 34.88 50.73
CA LEU F 16 -17.46 34.39 52.08
C LEU F 16 -18.74 34.37 52.89
N VAL F 17 -19.16 33.19 53.35
CA VAL F 17 -20.36 33.05 54.18
C VAL F 17 -19.99 32.32 55.47
N GLN F 18 -20.58 32.77 56.58
CA GLN F 18 -20.40 32.21 57.92
C GLN F 18 -21.21 30.93 58.09
N PRO F 19 -20.79 30.06 59.02
CA PRO F 19 -21.56 28.83 59.25
C PRO F 19 -23.00 29.12 59.58
N GLY F 20 -23.89 28.26 59.07
CA GLY F 20 -25.32 28.38 59.24
C GLY F 20 -26.00 29.26 58.23
N GLY F 21 -25.26 30.03 57.46
CA GLY F 21 -25.84 30.98 56.53
C GLY F 21 -26.28 30.33 55.23
N SER F 22 -26.63 31.19 54.29
CA SER F 22 -27.06 30.71 52.99
C SER F 22 -26.42 31.57 51.91
N LEU F 23 -26.47 31.05 50.68
CA LEU F 23 -25.85 31.70 49.54
C LEU F 23 -26.39 31.07 48.26
N ARG F 24 -26.77 31.91 47.29
CA ARG F 24 -27.24 31.46 45.98
C ARG F 24 -26.15 31.63 44.93
N LEU F 25 -25.86 30.55 44.21
CA LEU F 25 -24.94 30.58 43.08
C LEU F 25 -25.70 30.58 41.76
N SER F 26 -25.07 31.19 40.74
CA SER F 26 -25.72 31.47 39.47
C SER F 26 -24.73 31.15 38.32
N CYS F 27 -25.26 30.51 37.28
CA CYS F 27 -24.45 30.00 36.17
C CYS F 27 -25.09 30.48 34.88
N ALA F 28 -24.45 31.46 34.24
CA ALA F 28 -24.99 32.09 33.03
C ALA F 28 -24.51 31.27 31.83
N ALA F 29 -25.40 30.40 31.35
CA ALA F 29 -25.12 29.63 30.15
C ALA F 29 -25.29 30.52 28.91
N SER F 30 -24.51 30.21 27.88
CA SER F 30 -24.61 30.94 26.62
C SER F 30 -24.24 30.00 25.47
N GLY F 31 -25.22 29.61 24.65
CA GLY F 31 -24.93 28.76 23.50
C GLY F 31 -25.59 27.39 23.49
N PHE F 32 -26.35 26.98 24.51
CA PHE F 32 -27.01 25.68 24.52
C PHE F 32 -28.40 25.80 25.12
N ASN F 33 -29.32 24.98 24.60
CA ASN F 33 -30.72 24.94 25.03
C ASN F 33 -30.83 24.10 26.29
N LEU F 34 -31.41 24.65 27.36
CA LEU F 34 -31.38 23.89 28.61
C LEU F 34 -32.24 22.63 28.59
N TYR F 35 -33.07 22.45 27.56
CA TYR F 35 -33.93 21.29 27.47
C TYR F 35 -33.25 20.06 26.86
N TYR F 36 -32.09 20.25 26.21
CA TYR F 36 -31.32 19.17 25.62
C TYR F 36 -29.91 19.20 26.18
N SER F 37 -29.85 19.50 27.47
CA SER F 37 -28.64 19.62 28.28
C SER F 37 -29.07 19.43 29.72
N SER F 38 -28.21 18.75 30.45
CA SER F 38 -28.29 18.60 31.88
C SER F 38 -27.19 19.48 32.43
N MET F 39 -27.47 20.12 33.55
CA MET F 39 -26.50 21.01 34.17
C MET F 39 -26.18 20.52 35.58
N HIS F 40 -24.90 20.67 35.96
CA HIS F 40 -24.35 20.02 37.14
C HIS F 40 -23.54 20.99 37.95
N TRP F 41 -23.56 20.84 39.27
CA TRP F 41 -22.65 21.54 40.17
C TRP F 41 -21.67 20.50 40.73
N VAL F 42 -20.38 20.68 40.40
CA VAL F 42 -19.31 19.80 40.86
C VAL F 42 -18.42 20.63 41.77
N ARG F 43 -17.96 20.04 42.88
CA ARG F 43 -17.33 20.76 43.98
C ARG F 43 -15.90 20.28 44.23
N GLN F 44 -15.03 21.21 44.65
CA GLN F 44 -13.62 20.90 44.96
C GLN F 44 -13.17 21.70 46.18
N ALA F 45 -13.10 21.02 47.32
CA ALA F 45 -12.55 21.59 48.53
C ALA F 45 -11.04 21.74 48.40
N PRO F 46 -10.46 22.85 48.90
CA PRO F 46 -9.04 23.14 48.66
C PRO F 46 -8.15 21.93 48.93
N GLY F 47 -7.46 21.45 47.90
CA GLY F 47 -6.59 20.30 48.08
C GLY F 47 -7.20 18.98 47.63
N LYS F 48 -8.47 18.75 47.98
CA LYS F 48 -9.14 17.48 47.71
C LYS F 48 -9.48 17.35 46.23
N GLY F 49 -10.19 16.27 45.88
CA GLY F 49 -10.59 15.98 44.51
C GLY F 49 -11.97 16.53 44.19
N LEU F 50 -12.46 16.16 42.99
CA LEU F 50 -13.75 16.68 42.51
C LEU F 50 -14.91 15.86 43.07
N GLU F 51 -15.98 16.55 43.48
CA GLU F 51 -17.15 15.93 44.13
C GLU F 51 -18.41 16.42 43.46
N TRP F 52 -19.30 15.49 43.12
CA TRP F 52 -20.55 15.90 42.49
C TRP F 52 -21.51 16.43 43.55
N VAL F 53 -22.17 17.55 43.23
CA VAL F 53 -23.12 18.20 44.15
C VAL F 53 -24.56 18.00 43.68
N ALA F 54 -24.91 18.56 42.52
CA ALA F 54 -26.32 18.54 42.11
C ALA F 54 -26.43 18.49 40.60
N SER F 55 -27.47 17.80 40.13
CA SER F 55 -27.75 17.71 38.71
C SER F 55 -29.19 18.15 38.42
N ILE F 56 -29.40 18.74 37.26
CA ILE F 56 -30.76 19.06 36.83
C ILE F 56 -30.91 18.69 35.36
N TYR F 57 -32.03 18.05 35.06
CA TYR F 57 -32.37 17.67 33.71
C TYR F 57 -33.64 18.46 33.44
N SER F 58 -33.48 19.69 32.99
CA SER F 58 -34.61 20.60 32.83
C SER F 58 -35.69 19.98 31.98
N SER F 59 -35.29 19.18 31.00
CA SER F 59 -36.24 18.50 30.13
C SER F 59 -37.33 17.79 30.93
N TYR F 60 -36.94 16.94 31.85
CA TYR F 60 -37.86 16.14 32.64
C TYR F 60 -38.22 16.80 33.96
N GLY F 61 -37.66 17.95 34.28
CA GLY F 61 -37.95 18.56 35.57
C GLY F 61 -37.33 17.81 36.73
N TYR F 62 -36.30 17.00 36.46
CA TYR F 62 -35.62 16.20 37.47
C TYR F 62 -34.49 16.95 38.17
N THR F 63 -34.32 16.67 39.46
CA THR F 63 -33.18 17.18 40.22
C THR F 63 -32.60 16.07 41.09
N TYR F 64 -31.27 15.96 41.07
CA TYR F 64 -30.55 14.94 41.83
C TYR F 64 -29.45 15.60 42.63
N TYR F 65 -29.22 15.09 43.85
CA TYR F 65 -28.28 15.67 44.79
C TYR F 65 -27.39 14.58 45.37
N ALA F 66 -26.17 14.97 45.74
CA ALA F 66 -25.28 14.11 46.50
C ALA F 66 -25.70 14.10 47.97
N ASP F 67 -25.64 12.91 48.60
CA ASP F 67 -26.10 12.73 49.97
C ASP F 67 -25.43 13.68 50.95
N SER F 68 -24.10 13.89 50.83
CA SER F 68 -23.39 14.83 51.71
C SER F 68 -24.00 16.22 51.68
N VAL F 69 -24.85 16.49 50.68
CA VAL F 69 -25.52 17.77 50.54
C VAL F 69 -27.03 17.64 50.75
N LYS F 70 -27.63 16.52 50.30
CA LYS F 70 -29.07 16.36 50.17
C LYS F 70 -29.86 16.77 51.42
N GLY F 71 -30.72 17.76 51.24
CA GLY F 71 -31.52 18.32 52.31
C GLY F 71 -31.25 19.80 52.42
N ARG F 72 -29.98 20.17 52.24
CA ARG F 72 -29.58 21.56 52.37
C ARG F 72 -29.66 22.33 51.03
N PHE F 73 -29.04 21.82 49.95
CA PHE F 73 -28.95 22.58 48.69
C PHE F 73 -30.13 22.28 47.75
N THR F 74 -30.57 23.32 47.04
CA THR F 74 -31.65 23.25 46.06
C THR F 74 -31.17 23.81 44.72
N ILE F 75 -31.21 22.98 43.65
CA ILE F 75 -30.78 23.38 42.31
C ILE F 75 -31.97 23.66 41.43
N SER F 76 -31.86 24.70 40.63
CA SER F 76 -32.94 25.10 39.74
C SER F 76 -32.33 25.61 38.44
N ALA F 77 -33.21 25.86 37.47
CA ALA F 77 -32.83 26.41 36.18
C ALA F 77 -33.97 27.28 35.66
N ASP F 78 -33.62 28.40 35.02
CA ASP F 78 -34.54 29.38 34.43
C ASP F 78 -34.32 29.31 32.92
N THR F 79 -35.21 28.61 32.24
CA THR F 79 -34.99 28.36 30.83
C THR F 79 -35.23 29.57 29.95
N SER F 80 -35.82 30.64 30.47
CA SER F 80 -35.91 31.84 29.65
C SER F 80 -34.64 32.66 29.66
N LYS F 81 -33.75 32.45 30.63
CA LYS F 81 -32.45 33.15 30.64
C LYS F 81 -31.26 32.19 30.54
N ASN F 82 -31.51 30.90 30.42
CA ASN F 82 -30.45 29.90 30.38
C ASN F 82 -29.53 30.05 31.58
N THR F 83 -30.13 29.91 32.76
CA THR F 83 -29.39 30.04 34.01
C THR F 83 -29.75 28.93 34.97
N ALA F 84 -28.73 28.32 35.58
CA ALA F 84 -28.92 27.32 36.62
C ALA F 84 -28.54 27.92 37.96
N TYR F 85 -29.27 27.58 39.01
CA TYR F 85 -29.00 28.10 40.34
C TYR F 85 -28.76 26.95 41.32
N LEU F 86 -27.88 27.21 42.27
CA LEU F 86 -27.72 26.32 43.41
C LEU F 86 -27.96 27.18 44.65
N GLN F 87 -28.99 26.80 45.41
CA GLN F 87 -29.29 27.50 46.66
C GLN F 87 -28.74 26.65 47.79
N MET F 88 -27.64 27.10 48.36
CA MET F 88 -26.94 26.41 49.47
C MET F 88 -27.37 27.14 50.74
N ASN F 89 -27.93 26.40 51.70
CA ASN F 89 -28.54 27.02 52.90
C ASN F 89 -27.78 26.66 54.17
N SER F 90 -27.88 25.41 54.61
CA SER F 90 -27.22 24.93 55.85
C SER F 90 -25.76 25.37 55.92
N LEU F 91 -25.00 25.15 54.84
CA LEU F 91 -23.57 25.53 54.76
C LEU F 91 -22.85 25.02 56.01
N ARG F 92 -22.87 23.71 56.20
CA ARG F 92 -22.26 23.02 57.37
C ARG F 92 -20.73 23.19 57.38
N ALA F 93 -20.25 24.41 57.10
CA ALA F 93 -18.80 24.72 57.17
C ALA F 93 -18.00 23.71 56.37
N GLU F 94 -18.53 22.52 56.09
CA GLU F 94 -17.64 21.66 55.32
C GLU F 94 -17.72 21.99 53.84
N ASP F 95 -18.78 22.68 53.43
CA ASP F 95 -19.05 23.07 52.08
C ASP F 95 -17.99 23.99 51.48
N THR F 96 -17.05 24.49 52.28
CA THR F 96 -15.96 25.34 51.80
C THR F 96 -15.23 24.72 50.61
N ALA F 97 -15.31 25.39 49.45
CA ALA F 97 -14.80 24.82 48.19
C ALA F 97 -14.97 25.77 47.00
N VAL F 98 -14.37 25.38 45.86
CA VAL F 98 -14.64 25.98 44.56
C VAL F 98 -15.81 25.25 43.92
N TYR F 99 -16.79 26.00 43.41
CA TYR F 99 -18.03 25.46 42.84
C TYR F 99 -18.07 25.68 41.32
N TYR F 100 -18.00 24.58 40.56
CA TYR F 100 -18.15 24.60 39.10
C TYR F 100 -19.57 24.20 38.73
N CYS F 101 -20.12 24.84 37.69
CA CYS F 101 -21.28 24.32 37.00
C CYS F 101 -20.80 23.81 35.66
N ALA F 102 -21.41 22.74 35.17
CA ALA F 102 -20.93 22.08 33.97
C ALA F 102 -22.10 21.44 33.23
N ARG F 103 -21.98 21.41 31.92
CA ARG F 103 -23.03 20.90 31.06
C ARG F 103 -22.80 19.42 30.74
N SER F 104 -23.88 18.74 30.36
CA SER F 104 -23.75 17.50 29.60
C SER F 104 -24.78 17.49 28.49
N SER F 105 -24.61 16.53 27.57
CA SER F 105 -25.55 16.29 26.46
C SER F 105 -26.70 15.43 26.94
N PHE F 106 -27.91 15.95 26.87
CA PHE F 106 -29.07 15.21 27.34
C PHE F 106 -30.08 15.28 26.20
N SER F 107 -29.96 14.37 25.25
CA SER F 107 -30.89 14.28 24.12
C SER F 107 -30.57 13.01 23.37
N HIS F 108 -31.24 12.82 22.25
CA HIS F 108 -30.98 11.67 21.41
C HIS F 108 -30.79 10.34 22.13
N GLY F 109 -31.46 10.14 23.24
CA GLY F 109 -31.31 8.87 23.88
C GLY F 109 -30.99 8.96 25.35
N TYR F 110 -30.52 10.13 25.77
CA TYR F 110 -30.18 10.44 27.15
C TYR F 110 -28.98 9.65 27.64
N GLY F 111 -27.97 9.42 26.75
CA GLY F 111 -26.72 8.80 27.14
C GLY F 111 -25.67 9.81 27.60
N TRP F 112 -24.61 9.32 28.22
CA TRP F 112 -23.71 10.21 28.96
C TRP F 112 -22.33 10.25 28.30
N TYR F 113 -22.02 11.38 27.65
CA TYR F 113 -20.76 11.57 26.94
C TYR F 113 -19.81 12.52 27.67
N GLY F 114 -19.92 12.58 29.00
CA GLY F 114 -19.07 13.43 29.80
C GLY F 114 -19.63 14.82 30.00
N LEU F 115 -19.00 15.56 30.90
CA LEU F 115 -19.34 16.96 31.08
C LEU F 115 -18.37 17.70 30.16
N ASP F 116 -18.85 18.11 28.98
CA ASP F 116 -17.98 18.61 27.92
C ASP F 116 -17.58 20.07 28.11
N TYR F 117 -18.41 20.86 28.81
CA TYR F 117 -18.20 22.30 29.00
C TYR F 117 -18.34 22.65 30.47
N TRP F 118 -17.33 23.32 31.04
CA TRP F 118 -17.31 23.78 32.42
C TRP F 118 -17.21 25.29 32.53
N GLY F 119 -17.63 25.81 33.67
CA GLY F 119 -17.35 27.19 34.02
C GLY F 119 -16.01 27.40 34.73
N GLN F 120 -15.67 28.68 34.92
CA GLN F 120 -14.39 29.03 35.54
C GLN F 120 -14.34 28.67 37.01
N GLY F 121 -15.49 28.45 37.64
CA GLY F 121 -15.54 28.12 39.05
C GLY F 121 -15.81 29.36 39.88
N THR F 122 -16.56 29.21 40.97
CA THR F 122 -16.82 30.30 41.89
C THR F 122 -16.46 29.82 43.29
N LEU F 123 -15.63 30.60 43.99
CA LEU F 123 -15.05 30.15 45.25
C LEU F 123 -15.98 30.51 46.40
N VAL F 124 -16.36 29.52 47.19
CA VAL F 124 -17.22 29.68 48.38
C VAL F 124 -16.47 29.20 49.60
N THR F 125 -16.26 30.09 50.57
CA THR F 125 -15.56 29.77 51.80
C THR F 125 -16.50 29.96 52.99
N VAL F 126 -16.41 29.04 53.95
CA VAL F 126 -17.32 29.09 55.08
C VAL F 126 -16.57 29.29 56.39
N SER F 152 -7.17 14.36 49.25
CA SER F 152 -6.17 14.65 48.23
C SER F 152 -6.25 13.61 47.10
N PRO F 153 -5.59 13.90 45.96
CA PRO F 153 -5.39 12.89 44.90
C PRO F 153 -4.05 12.14 44.99
N SER F 154 -4.05 10.91 44.45
CA SER F 154 -2.88 10.02 44.45
C SER F 154 -1.86 10.48 43.41
N SER F 155 -0.76 9.72 43.25
CA SER F 155 0.39 10.25 42.49
C SER F 155 1.15 9.19 41.70
N LEU F 156 1.63 9.57 40.52
CA LEU F 156 2.46 8.69 39.71
C LEU F 156 3.94 9.06 39.73
N SER F 157 4.27 10.28 39.28
CA SER F 157 5.66 10.73 39.17
C SER F 157 6.49 9.97 38.12
N ALA F 158 6.36 10.33 36.85
CA ALA F 158 7.22 9.78 35.81
C ALA F 158 7.85 10.96 35.09
N SER F 159 8.49 10.75 33.95
CA SER F 159 9.12 11.87 33.25
C SER F 159 8.92 11.75 31.75
N VAL F 160 9.22 12.86 31.04
CA VAL F 160 8.88 13.03 29.63
C VAL F 160 9.50 11.87 28.85
N GLY F 161 8.62 11.05 28.29
CA GLY F 161 8.96 9.86 27.54
C GLY F 161 8.34 8.57 28.07
N ASP F 162 7.90 8.56 29.34
CA ASP F 162 7.34 7.41 30.04
C ASP F 162 5.92 7.10 29.55
N ARG F 163 5.52 5.85 29.68
CA ARG F 163 4.13 5.44 29.50
C ARG F 163 3.39 5.55 30.82
N VAL F 164 2.17 6.10 30.80
CA VAL F 164 1.39 6.30 32.01
C VAL F 164 0.03 5.63 31.88
N THR F 165 -0.33 4.82 32.88
CA THR F 165 -1.60 4.12 32.97
C THR F 165 -2.24 4.40 34.31
N ILE F 166 -3.52 4.77 34.28
CA ILE F 166 -4.33 4.97 35.48
C ILE F 166 -5.61 4.18 35.30
N THR F 167 -5.94 3.35 36.28
CA THR F 167 -7.21 2.65 36.24
C THR F 167 -8.18 3.24 37.27
N CYS F 168 -9.49 3.06 37.04
CA CYS F 168 -10.51 3.64 37.94
C CYS F 168 -10.52 2.90 39.27
N ARG F 169 -9.99 3.58 40.31
CA ARG F 169 -9.57 3.01 41.59
C ARG F 169 -10.61 3.15 42.70
N ALA F 170 -11.51 4.10 42.62
CA ALA F 170 -12.56 4.17 43.61
C ALA F 170 -13.89 4.55 42.99
N SER F 171 -13.99 4.62 41.66
CA SER F 171 -15.20 5.13 41.02
C SER F 171 -15.80 4.19 40.01
N SER F 175 -24.11 1.29 33.18
CA SER F 175 -23.00 0.40 33.52
C SER F 175 -21.67 0.91 32.94
N SER F 176 -21.66 1.12 31.62
CA SER F 176 -20.53 1.67 30.88
C SER F 176 -20.61 3.20 30.82
N ALA F 177 -19.96 3.78 29.81
CA ALA F 177 -19.96 5.21 29.52
C ALA F 177 -19.31 6.01 30.67
N VAL F 178 -18.00 5.78 30.75
CA VAL F 178 -17.12 6.33 31.73
C VAL F 178 -16.39 7.51 31.10
N ALA F 179 -15.83 8.37 31.94
CA ALA F 179 -15.22 9.58 31.46
C ALA F 179 -13.99 9.87 32.29
N TRP F 180 -13.01 10.49 31.65
CA TRP F 180 -11.75 10.86 32.30
C TRP F 180 -11.50 12.35 32.12
N TYR F 181 -11.15 13.01 33.21
CA TYR F 181 -10.92 14.44 33.26
C TYR F 181 -9.46 14.71 33.61
N GLN F 182 -9.01 15.90 33.23
CA GLN F 182 -7.64 16.37 33.45
C GLN F 182 -7.67 17.75 34.08
N GLN F 183 -7.26 17.86 35.33
CA GLN F 183 -7.31 19.14 36.03
C GLN F 183 -5.90 19.72 36.16
N LYS F 184 -5.77 21.03 35.98
CA LYS F 184 -4.57 21.82 36.19
C LYS F 184 -4.72 22.65 37.47
N PRO F 185 -3.58 22.97 38.19
CA PRO F 185 -3.63 23.37 39.61
C PRO F 185 -4.81 24.20 40.10
N GLY F 186 -5.10 25.30 39.41
CA GLY F 186 -6.19 26.18 39.79
C GLY F 186 -7.23 26.42 38.71
N LYS F 187 -7.31 25.53 37.72
CA LYS F 187 -8.20 25.72 36.57
C LYS F 187 -9.34 24.70 36.58
N ALA F 188 -10.30 24.91 35.67
CA ALA F 188 -11.44 23.99 35.60
C ALA F 188 -11.12 22.80 34.71
N PRO F 189 -11.57 21.62 35.15
CA PRO F 189 -11.20 20.36 34.46
C PRO F 189 -11.52 20.34 32.97
N LYS F 190 -10.74 19.58 32.21
CA LYS F 190 -10.98 19.34 30.79
C LYS F 190 -11.41 17.90 30.59
N LEU F 191 -12.32 17.68 29.65
CA LEU F 191 -12.73 16.32 29.32
C LEU F 191 -11.71 15.73 28.35
N LEU F 192 -11.22 14.53 28.65
CA LEU F 192 -10.34 13.79 27.75
C LEU F 192 -11.08 12.67 27.03
N ILE F 193 -11.75 11.80 27.78
CA ILE F 193 -12.31 10.56 27.29
C ILE F 193 -13.73 10.45 27.77
N TYR F 194 -14.60 10.00 26.87
CA TYR F 194 -16.02 9.70 27.09
C TYR F 194 -16.30 8.33 26.50
N SER F 195 -17.38 7.73 26.97
CA SER F 195 -17.80 6.41 26.51
C SER F 195 -16.65 5.40 26.62
N ALA F 196 -15.77 5.67 27.57
CA ALA F 196 -14.61 4.89 28.06
C ALA F 196 -13.46 4.67 27.09
N SER F 197 -13.70 4.76 25.80
CA SER F 197 -12.67 4.59 24.79
C SER F 197 -12.56 5.76 23.85
N SER F 198 -13.70 6.39 23.54
CA SER F 198 -13.82 7.44 22.54
C SER F 198 -13.12 8.70 23.02
N LEU F 199 -12.48 9.40 22.11
CA LEU F 199 -11.51 10.39 22.50
C LEU F 199 -12.05 11.78 22.21
N TYR F 200 -12.10 12.63 23.26
CA TYR F 200 -12.80 13.91 23.14
C TYR F 200 -12.11 14.80 22.11
N SER F 201 -12.86 15.77 21.61
CA SER F 201 -12.39 16.64 20.53
C SER F 201 -11.23 17.53 20.98
N GLY F 202 -10.17 17.58 20.16
CA GLY F 202 -8.95 18.34 20.43
C GLY F 202 -7.87 17.51 21.13
N VAL F 203 -8.29 16.60 22.02
CA VAL F 203 -7.45 15.75 22.85
C VAL F 203 -6.47 14.99 21.97
N PRO F 204 -5.15 15.09 22.21
CA PRO F 204 -4.16 14.42 21.33
C PRO F 204 -4.27 12.89 21.39
N SER F 205 -3.88 12.24 20.28
CA SER F 205 -4.05 10.80 20.14
C SER F 205 -3.20 9.95 21.10
N ARG F 206 -2.28 10.57 21.86
CA ARG F 206 -1.51 9.88 22.90
C ARG F 206 -2.42 9.17 23.89
N PHE F 207 -3.52 9.83 24.26
CA PHE F 207 -4.37 9.34 25.32
C PHE F 207 -5.22 8.18 24.83
N SER F 208 -5.52 7.28 25.76
CA SER F 208 -6.40 6.18 25.44
C SER F 208 -7.09 5.70 26.70
N GLY F 209 -8.22 5.06 26.48
CA GLY F 209 -8.98 4.47 27.56
C GLY F 209 -9.44 3.10 27.11
N SER F 210 -9.56 2.22 28.08
CA SER F 210 -9.97 0.85 27.83
C SER F 210 -10.88 0.42 28.96
N ARG F 211 -11.82 -0.50 28.67
CA ARG F 211 -12.78 -0.89 29.72
C ARG F 211 -12.26 -2.03 30.60
N SER F 212 -12.00 -3.20 29.99
CA SER F 212 -11.35 -4.33 30.67
C SER F 212 -12.05 -4.73 31.98
N GLY F 213 -13.26 -5.29 31.81
CA GLY F 213 -14.05 -5.78 32.91
C GLY F 213 -14.73 -4.67 33.69
N THR F 214 -14.47 -4.59 34.99
CA THR F 214 -15.04 -3.53 35.82
C THR F 214 -14.01 -2.47 36.19
N ASP F 215 -12.84 -2.48 35.55
CA ASP F 215 -11.74 -1.56 35.86
C ASP F 215 -11.31 -0.84 34.58
N PHE F 216 -11.75 0.41 34.42
CA PHE F 216 -11.38 1.22 33.27
C PHE F 216 -9.98 1.82 33.45
N THR F 217 -9.32 2.11 32.33
CA THR F 217 -7.90 2.45 32.33
C THR F 217 -7.62 3.62 31.40
N LEU F 218 -7.10 4.70 31.98
CA LEU F 218 -6.62 5.82 31.19
C LEU F 218 -5.14 5.62 30.87
N THR F 219 -4.76 5.97 29.66
CA THR F 219 -3.42 5.72 29.17
C THR F 219 -2.86 7.00 28.59
N ILE F 220 -1.56 7.24 28.80
CA ILE F 220 -0.81 8.22 28.01
C ILE F 220 0.33 7.46 27.35
N SER F 221 0.34 7.45 26.02
CA SER F 221 1.34 6.68 25.30
C SER F 221 2.75 7.21 25.58
N SER F 222 3.01 8.48 25.24
CA SER F 222 4.33 9.12 25.39
C SER F 222 4.13 10.44 26.12
N LEU F 223 4.23 10.40 27.45
CA LEU F 223 4.01 11.59 28.27
C LEU F 223 4.80 12.76 27.72
N GLN F 224 4.16 13.90 27.61
CA GLN F 224 4.79 15.14 27.16
C GLN F 224 4.72 16.19 28.26
N PRO F 225 5.54 17.25 28.18
CA PRO F 225 5.58 18.23 29.28
C PRO F 225 4.24 18.85 29.61
N GLU F 226 3.28 18.85 28.69
CA GLU F 226 2.00 19.50 28.97
C GLU F 226 1.06 18.62 29.76
N ASP F 227 1.40 17.34 29.92
CA ASP F 227 0.52 16.30 30.46
C ASP F 227 0.66 16.10 31.96
N PHE F 228 1.56 16.78 32.64
CA PHE F 228 1.64 16.61 34.07
C PHE F 228 0.47 17.38 34.65
N ALA F 229 -0.39 16.67 35.37
CA ALA F 229 -1.66 17.20 35.84
C ALA F 229 -2.27 16.14 36.76
N THR F 230 -3.39 16.50 37.39
CA THR F 230 -4.21 15.53 38.07
C THR F 230 -5.24 14.98 37.09
N TYR F 231 -5.49 13.69 37.16
CA TYR F 231 -6.45 12.99 36.30
C TYR F 231 -7.55 12.36 37.14
N TYR F 232 -8.81 12.50 36.70
CA TYR F 232 -9.94 11.94 37.44
C TYR F 232 -10.77 11.04 36.54
N CYS F 233 -11.25 9.91 37.08
CA CYS F 233 -12.22 9.06 36.39
C CYS F 233 -13.60 9.26 36.99
N GLN F 234 -14.63 8.93 36.21
CA GLN F 234 -15.98 9.22 36.66
C GLN F 234 -16.99 8.34 35.93
N GLN F 235 -18.03 7.92 36.65
CA GLN F 235 -19.00 7.01 36.09
C GLN F 235 -20.41 7.56 36.24
N TYR F 236 -21.32 7.00 35.44
CA TYR F 236 -22.69 7.48 35.31
C TYR F 236 -23.62 6.28 35.20
N GLY F 237 -24.67 6.25 36.03
CA GLY F 237 -25.67 5.20 35.95
C GLY F 237 -26.49 5.24 34.66
N TYR F 240 -29.84 2.14 38.72
CA TYR F 240 -29.30 3.06 37.71
C TYR F 240 -30.19 4.29 37.48
N ALA F 241 -29.79 5.50 37.90
CA ALA F 241 -30.48 6.63 37.30
C ALA F 241 -29.59 7.74 36.73
N GLY F 242 -28.96 8.53 37.61
CA GLY F 242 -28.20 9.69 37.20
C GLY F 242 -27.11 10.23 38.12
N LEU F 243 -26.59 9.39 39.02
CA LEU F 243 -25.65 9.84 40.04
C LEU F 243 -24.23 9.83 39.49
N ILE F 244 -23.55 10.98 39.60
CA ILE F 244 -22.20 11.15 39.08
C ILE F 244 -21.24 10.85 40.22
N THR F 245 -20.29 9.93 40.00
CA THR F 245 -19.25 9.64 40.99
C THR F 245 -17.88 9.74 40.32
N PHE F 246 -17.03 10.61 40.88
CA PHE F 246 -15.69 10.84 40.39
C PHE F 246 -14.71 9.85 41.06
N GLY F 247 -13.51 9.78 40.53
CA GLY F 247 -12.45 9.05 41.18
C GLY F 247 -11.84 9.88 42.29
N GLN F 248 -10.82 9.30 42.94
CA GLN F 248 -10.16 10.00 44.04
C GLN F 248 -9.11 10.98 43.54
N GLY F 249 -8.64 10.83 42.30
CA GLY F 249 -7.65 11.71 41.71
C GLY F 249 -6.29 11.05 41.56
N THR F 250 -5.57 11.43 40.51
CA THR F 250 -4.22 10.89 40.25
C THR F 250 -3.35 12.01 39.71
N LYS F 251 -2.25 12.28 40.41
CA LYS F 251 -1.30 13.35 40.10
C LYS F 251 -0.15 12.80 39.26
N VAL F 252 0.18 13.49 38.17
CA VAL F 252 1.30 13.12 37.31
C VAL F 252 2.40 14.19 37.43
N GLU F 253 3.58 13.78 37.87
CA GLU F 253 4.66 14.71 38.28
C GLU F 253 6.02 14.23 37.77
N ILE F 254 7.11 14.87 38.27
CA ILE F 254 8.46 14.57 37.76
C ILE F 254 9.51 14.15 38.81
N LYS F 255 9.70 14.97 39.85
CA LYS F 255 11.04 15.27 40.38
C LYS F 255 11.77 14.07 41.03
N ARG F 256 13.00 13.86 40.58
CA ARG F 256 14.01 12.98 41.22
C ARG F 256 13.74 11.47 41.13
#